data_5VO7
#
_entry.id   5VO7
#
_cell.length_a   1.000
_cell.length_b   1.000
_cell.length_c   1.000
_cell.angle_alpha   90.00
_cell.angle_beta   90.00
_cell.angle_gamma   90.00
#
_symmetry.space_group_name_H-M   'P 1'
#
_entity_poly.entity_id   1
_entity_poly.type   'polypeptide(L)'
_entity_poly.pdbx_seq_one_letter_code
;MSEDSATVAVTDDSFSTDVLGSSKPVLVDFWATWCGPCKMVAPVLEEIAAEKGDQLTVAKIDVDANPATARDFQVVSIPT
MILFKDGAPVKRIVGAKGKAALLRELSDAL
;
_entity_poly.pdbx_strand_id   A
#
# COMPACT_ATOMS: atom_id res chain seq x y z
N MET A 1 2.56 -6.77 25.86
CA MET A 1 1.90 -6.52 24.59
C MET A 1 2.51 -5.31 23.88
N SER A 2 2.74 -5.43 22.58
CA SER A 2 3.32 -4.34 21.81
C SER A 2 3.14 -4.58 20.31
N GLU A 3 3.13 -3.51 19.54
CA GLU A 3 2.96 -3.60 18.10
C GLU A 3 4.24 -3.17 17.36
N ASP A 4 4.21 -3.27 16.05
CA ASP A 4 5.37 -2.88 15.23
C ASP A 4 5.33 -1.40 14.90
N SER A 5 6.45 -0.88 14.40
CA SER A 5 6.55 0.53 14.06
C SER A 5 7.32 0.71 12.75
N ALA A 6 7.06 -0.17 11.80
CA ALA A 6 7.72 -0.11 10.50
C ALA A 6 6.76 0.35 9.41
N THR A 7 5.87 1.26 9.76
CA THR A 7 4.89 1.78 8.81
C THR A 7 4.90 3.31 8.80
N VAL A 8 5.16 3.87 7.61
CA VAL A 8 5.20 5.32 7.47
C VAL A 8 4.67 5.74 6.10
N ALA A 9 3.75 6.70 6.10
CA ALA A 9 3.17 7.20 4.86
C ALA A 9 4.09 8.20 4.17
N VAL A 10 4.10 8.18 2.85
CA VAL A 10 4.95 9.08 2.07
C VAL A 10 4.10 10.08 1.29
N THR A 11 4.76 11.10 0.73
CA THR A 11 4.06 12.11 -0.05
C THR A 11 4.08 11.78 -1.53
N ASP A 12 3.13 12.35 -2.27
CA ASP A 12 3.03 12.11 -3.71
C ASP A 12 4.23 12.72 -4.44
N ASP A 13 4.59 13.94 -4.07
CA ASP A 13 5.72 14.63 -4.68
C ASP A 13 7.03 13.97 -4.30
N SER A 14 7.13 13.53 -3.05
CA SER A 14 8.34 12.89 -2.55
C SER A 14 8.17 11.37 -2.50
N PHE A 15 7.43 10.84 -3.47
CA PHE A 15 7.20 9.39 -3.53
C PHE A 15 8.35 8.68 -4.22
N SER A 16 8.57 9.02 -5.49
CA SER A 16 9.64 8.41 -6.27
C SER A 16 10.99 8.63 -5.60
N THR A 17 11.21 9.85 -5.12
CA THR A 17 12.47 10.20 -4.46
C THR A 17 12.73 9.29 -3.27
N ASP A 18 11.66 8.84 -2.61
CA ASP A 18 11.78 7.96 -1.46
C ASP A 18 11.85 6.50 -1.89
N VAL A 19 10.82 6.04 -2.58
CA VAL A 19 10.77 4.66 -3.05
C VAL A 19 11.97 4.35 -3.93
N LEU A 20 12.06 5.03 -5.07
CA LEU A 20 13.16 4.82 -6.00
C LEU A 20 14.51 5.12 -5.34
N GLY A 21 14.50 6.10 -4.44
CA GLY A 21 15.73 6.47 -3.75
C GLY A 21 16.18 5.42 -2.77
N SER A 22 15.23 4.64 -2.26
CA SER A 22 15.54 3.59 -1.29
C SER A 22 15.76 2.26 -2.00
N SER A 23 17.03 1.86 -2.13
CA SER A 23 17.38 0.61 -2.78
C SER A 23 16.59 -0.55 -2.20
N LYS A 24 16.34 -0.49 -0.89
CA LYS A 24 15.60 -1.53 -0.20
C LYS A 24 14.18 -1.65 -0.75
N PRO A 25 13.54 -2.80 -0.51
CA PRO A 25 12.17 -3.06 -0.97
C PRO A 25 11.14 -2.21 -0.24
N VAL A 26 10.27 -1.54 -1.00
CA VAL A 26 9.23 -0.70 -0.42
C VAL A 26 7.86 -1.04 -0.99
N LEU A 27 6.88 -1.15 -0.12
CA LEU A 27 5.52 -1.47 -0.53
C LEU A 27 4.58 -0.28 -0.32
N VAL A 28 3.71 -0.03 -1.29
CA VAL A 28 2.77 1.07 -1.22
C VAL A 28 1.36 0.61 -1.55
N ASP A 29 0.38 1.15 -0.83
CA ASP A 29 -1.02 0.79 -1.05
C ASP A 29 -1.86 2.02 -1.38
N PHE A 30 -2.56 1.97 -2.50
CA PHE A 30 -3.40 3.10 -2.93
C PHE A 30 -4.81 2.96 -2.35
N TRP A 31 -5.33 4.07 -1.84
CA TRP A 31 -6.67 4.08 -1.27
C TRP A 31 -7.22 5.50 -1.19
N ALA A 32 -8.53 5.63 -1.05
CA ALA A 32 -9.18 6.93 -0.97
C ALA A 32 -9.53 7.27 0.48
N THR A 33 -9.25 8.52 0.88
CA THR A 33 -9.54 8.96 2.23
C THR A 33 -11.00 8.72 2.59
N TRP A 34 -11.87 8.85 1.59
CA TRP A 34 -13.30 8.66 1.81
C TRP A 34 -13.73 7.26 1.35
N CYS A 35 -12.79 6.33 1.36
CA CYS A 35 -13.07 4.96 0.94
C CYS A 35 -14.22 4.37 1.74
N GLY A 36 -15.08 3.61 1.07
CA GLY A 36 -16.21 3.00 1.74
C GLY A 36 -15.81 1.83 2.62
N PRO A 37 -15.34 0.75 1.99
CA PRO A 37 -14.92 -0.45 2.71
C PRO A 37 -13.63 -0.24 3.50
N CYS A 38 -13.71 0.56 4.55
CA CYS A 38 -12.56 0.86 5.38
C CYS A 38 -12.38 -0.21 6.46
N LYS A 39 -13.49 -0.73 6.97
CA LYS A 39 -13.46 -1.76 8.00
C LYS A 39 -13.11 -3.12 7.40
N MET A 40 -13.69 -3.41 6.24
CA MET A 40 -13.45 -4.69 5.57
C MET A 40 -11.95 -4.91 5.36
N VAL A 41 -11.22 -3.82 5.12
CA VAL A 41 -9.78 -3.90 4.91
C VAL A 41 -9.03 -3.10 5.96
N ALA A 42 -9.68 -2.85 7.09
CA ALA A 42 -9.07 -2.10 8.17
C ALA A 42 -7.96 -2.89 8.83
N PRO A 43 -8.30 -4.06 9.40
CA PRO A 43 -7.34 -4.94 10.06
C PRO A 43 -6.37 -5.59 9.08
N VAL A 44 -6.84 -5.82 7.86
CA VAL A 44 -6.01 -6.44 6.83
C VAL A 44 -4.68 -5.70 6.69
N LEU A 45 -4.76 -4.44 6.30
CA LEU A 45 -3.56 -3.62 6.12
C LEU A 45 -2.68 -3.66 7.37
N GLU A 46 -3.33 -3.75 8.54
CA GLU A 46 -2.61 -3.79 9.80
C GLU A 46 -1.77 -5.06 9.91
N GLU A 47 -2.44 -6.21 9.83
CA GLU A 47 -1.76 -7.50 9.92
C GLU A 47 -0.76 -7.67 8.78
N ILE A 48 -1.13 -7.19 7.60
CA ILE A 48 -0.26 -7.28 6.44
C ILE A 48 0.96 -6.37 6.57
N ALA A 49 0.75 -5.23 7.20
CA ALA A 49 1.83 -4.26 7.40
C ALA A 49 2.88 -4.81 8.36
N ALA A 50 2.43 -5.53 9.39
CA ALA A 50 3.33 -6.11 10.37
C ALA A 50 3.87 -7.46 9.89
N GLU A 51 3.07 -8.17 9.10
CA GLU A 51 3.46 -9.47 8.58
C GLU A 51 4.84 -9.39 7.93
N LYS A 52 4.94 -8.63 6.84
CA LYS A 52 6.19 -8.48 6.13
C LYS A 52 6.80 -7.10 6.39
N GLY A 53 6.37 -6.47 7.48
CA GLY A 53 6.90 -5.15 7.82
C GLY A 53 8.39 -5.17 8.08
N ASP A 54 8.88 -6.28 8.62
CA ASP A 54 10.31 -6.42 8.92
C ASP A 54 11.12 -6.60 7.65
N GLN A 55 10.54 -7.31 6.68
CA GLN A 55 11.20 -7.56 5.41
C GLN A 55 11.22 -6.30 4.55
N LEU A 56 10.13 -5.55 4.57
CA LEU A 56 10.02 -4.32 3.79
C LEU A 56 9.10 -3.33 4.48
N THR A 57 9.17 -2.07 4.05
CA THR A 57 8.34 -1.01 4.62
C THR A 57 7.04 -0.86 3.85
N VAL A 58 5.93 -0.85 4.58
CA VAL A 58 4.61 -0.70 3.97
C VAL A 58 4.04 0.69 4.21
N ALA A 59 3.59 1.34 3.14
CA ALA A 59 3.02 2.68 3.24
C ALA A 59 1.75 2.79 2.40
N LYS A 60 1.03 3.89 2.58
CA LYS A 60 -0.21 4.12 1.84
C LYS A 60 -0.22 5.52 1.23
N ILE A 61 -0.99 5.69 0.16
CA ILE A 61 -1.10 6.98 -0.51
C ILE A 61 -2.42 7.66 -0.18
N ASP A 62 -2.51 8.95 -0.50
CA ASP A 62 -3.72 9.71 -0.23
C ASP A 62 -4.34 10.20 -1.53
N VAL A 63 -5.42 9.56 -1.96
CA VAL A 63 -6.11 9.92 -3.19
C VAL A 63 -6.42 11.42 -3.22
N ASP A 64 -6.60 12.00 -2.04
CA ASP A 64 -6.89 13.43 -1.94
C ASP A 64 -5.86 14.25 -2.70
N ALA A 65 -4.60 13.84 -2.62
CA ALA A 65 -3.52 14.55 -3.31
C ALA A 65 -3.53 14.23 -4.80
N ASN A 66 -3.90 13.00 -5.14
CA ASN A 66 -3.94 12.57 -6.54
C ASN A 66 -5.35 12.14 -6.93
N PRO A 67 -6.28 13.11 -6.96
CA PRO A 67 -7.67 12.85 -7.33
C PRO A 67 -7.83 12.50 -8.81
N ALA A 68 -6.92 13.00 -9.63
CA ALA A 68 -6.96 12.73 -11.06
C ALA A 68 -7.13 11.25 -11.34
N THR A 69 -6.59 10.41 -10.46
CA THR A 69 -6.68 8.96 -10.61
C THR A 69 -8.12 8.49 -10.48
N ALA A 70 -8.69 8.69 -9.29
CA ALA A 70 -10.07 8.27 -9.04
C ALA A 70 -11.04 9.02 -9.95
N ARG A 71 -10.92 10.34 -9.98
CA ARG A 71 -11.78 11.17 -10.81
C ARG A 71 -11.82 10.67 -12.25
N ASP A 72 -10.71 10.06 -12.68
CA ASP A 72 -10.60 9.53 -14.03
C ASP A 72 -11.81 8.67 -14.37
N PHE A 73 -12.09 7.69 -13.51
CA PHE A 73 -13.22 6.79 -13.72
C PHE A 73 -14.30 7.00 -12.66
N GLN A 74 -14.33 8.21 -12.10
CA GLN A 74 -15.30 8.55 -11.07
C GLN A 74 -15.35 7.46 -10.00
N VAL A 75 -14.21 7.17 -9.40
CA VAL A 75 -14.12 6.16 -8.36
C VAL A 75 -13.96 6.80 -6.97
N VAL A 76 -14.79 6.37 -6.03
CA VAL A 76 -14.73 6.89 -4.67
C VAL A 76 -13.75 6.11 -3.81
N SER A 77 -13.65 4.82 -4.07
CA SER A 77 -12.75 3.95 -3.32
C SER A 77 -11.83 3.17 -4.26
N ILE A 78 -10.53 3.36 -4.09
CA ILE A 78 -9.54 2.68 -4.93
C ILE A 78 -8.65 1.78 -4.09
N PRO A 79 -9.24 0.70 -3.54
CA PRO A 79 -8.51 -0.26 -2.71
C PRO A 79 -7.53 -1.10 -3.52
N THR A 80 -6.36 -0.54 -3.78
CA THR A 80 -5.32 -1.24 -4.54
C THR A 80 -4.01 -1.29 -3.78
N MET A 81 -3.17 -2.27 -4.10
CA MET A 81 -1.88 -2.42 -3.45
C MET A 81 -0.80 -2.76 -4.47
N ILE A 82 0.27 -1.96 -4.48
CA ILE A 82 1.38 -2.17 -5.39
C ILE A 82 2.69 -2.33 -4.65
N LEU A 83 3.52 -3.26 -5.10
CA LEU A 83 4.81 -3.51 -4.48
C LEU A 83 5.95 -2.93 -5.31
N PHE A 84 6.92 -2.34 -4.64
CA PHE A 84 8.07 -1.73 -5.31
C PHE A 84 9.38 -2.30 -4.78
N LYS A 85 10.17 -2.88 -5.67
CA LYS A 85 11.46 -3.48 -5.29
C LYS A 85 12.58 -2.90 -6.15
N ASP A 86 13.61 -2.39 -5.49
CA ASP A 86 14.75 -1.81 -6.18
C ASP A 86 14.34 -0.60 -7.01
N GLY A 87 13.37 0.15 -6.49
CA GLY A 87 12.89 1.34 -7.19
C GLY A 87 12.15 0.99 -8.47
N ALA A 88 11.65 -0.23 -8.55
CA ALA A 88 10.92 -0.69 -9.73
C ALA A 88 9.72 -1.54 -9.34
N PRO A 89 8.73 -1.62 -10.24
CA PRO A 89 7.51 -2.41 -10.02
C PRO A 89 7.78 -3.91 -10.02
N VAL A 90 7.28 -4.59 -8.99
CA VAL A 90 7.47 -6.04 -8.88
C VAL A 90 6.12 -6.76 -8.79
N LYS A 91 5.16 -6.11 -8.15
CA LYS A 91 3.83 -6.68 -7.99
C LYS A 91 2.75 -5.60 -8.05
N ARG A 92 1.52 -6.01 -8.29
CA ARG A 92 0.40 -5.08 -8.37
C ARG A 92 -0.94 -5.81 -8.25
N ILE A 93 -1.59 -5.63 -7.11
CA ILE A 93 -2.88 -6.27 -6.86
C ILE A 93 -3.97 -5.23 -6.62
N VAL A 94 -5.18 -5.53 -7.10
CA VAL A 94 -6.31 -4.62 -6.93
C VAL A 94 -7.55 -5.38 -6.47
N GLY A 95 -8.18 -4.87 -5.42
CA GLY A 95 -9.38 -5.51 -4.90
C GLY A 95 -9.35 -5.64 -3.39
N ALA A 96 -10.17 -4.84 -2.71
CA ALA A 96 -10.24 -4.87 -1.26
C ALA A 96 -10.89 -6.16 -0.76
N LYS A 97 -10.09 -7.20 -0.65
CA LYS A 97 -10.58 -8.50 -0.18
C LYS A 97 -9.93 -8.88 1.14
N GLY A 98 -10.14 -10.13 1.55
CA GLY A 98 -9.57 -10.60 2.81
C GLY A 98 -8.06 -10.57 2.81
N LYS A 99 -7.46 -10.53 3.98
CA LYS A 99 -6.01 -10.51 4.11
C LYS A 99 -5.36 -11.64 3.31
N ALA A 100 -6.09 -12.74 3.18
CA ALA A 100 -5.59 -13.89 2.43
C ALA A 100 -5.11 -13.47 1.05
N ALA A 101 -5.79 -12.50 0.45
CA ALA A 101 -5.43 -12.01 -0.87
C ALA A 101 -4.11 -11.23 -0.83
N LEU A 102 -4.12 -10.13 -0.08
CA LEU A 102 -2.92 -9.29 0.04
C LEU A 102 -1.72 -10.12 0.48
N LEU A 103 -1.98 -11.11 1.33
CA LEU A 103 -0.92 -11.97 1.83
C LEU A 103 -0.08 -12.53 0.68
N ARG A 104 -0.75 -12.89 -0.41
CA ARG A 104 -0.07 -13.44 -1.58
C ARG A 104 1.08 -12.55 -2.00
N GLU A 105 0.92 -11.25 -1.79
CA GLU A 105 1.96 -10.28 -2.15
C GLU A 105 3.31 -10.70 -1.60
N LEU A 106 3.35 -11.01 -0.31
CA LEU A 106 4.59 -11.43 0.34
C LEU A 106 5.01 -12.82 -0.12
N SER A 107 4.02 -13.66 -0.45
CA SER A 107 4.28 -15.01 -0.91
C SER A 107 4.96 -15.00 -2.28
N ASP A 108 4.57 -14.05 -3.12
CA ASP A 108 5.14 -13.93 -4.45
C ASP A 108 6.41 -13.08 -4.43
N ALA A 109 6.33 -11.93 -3.77
CA ALA A 109 7.46 -11.02 -3.68
C ALA A 109 8.61 -11.66 -2.88
N LEU A 110 8.25 -12.43 -1.86
CA LEU A 110 9.24 -13.09 -1.03
C LEU A 110 9.12 -14.61 -1.13
N MET A 1 16.76 -8.58 10.80
CA MET A 1 15.33 -8.32 10.96
C MET A 1 15.09 -7.02 11.72
N SER A 2 14.47 -6.06 11.04
CA SER A 2 14.18 -4.76 11.66
C SER A 2 13.20 -4.92 12.82
N GLU A 3 12.86 -3.79 13.44
CA GLU A 3 11.92 -3.80 14.57
C GLU A 3 10.49 -3.60 14.09
N ASP A 4 9.54 -3.69 15.02
CA ASP A 4 8.13 -3.52 14.70
C ASP A 4 7.77 -2.04 14.65
N SER A 5 6.49 -1.76 14.40
CA SER A 5 6.00 -0.39 14.32
C SER A 5 6.78 0.40 13.27
N ALA A 6 7.01 -0.22 12.12
CA ALA A 6 7.74 0.43 11.03
C ALA A 6 6.80 0.79 9.88
N THR A 7 5.61 1.28 10.22
CA THR A 7 4.63 1.66 9.22
C THR A 7 4.42 3.16 9.19
N VAL A 8 4.61 3.76 8.01
CA VAL A 8 4.44 5.19 7.85
C VAL A 8 4.07 5.56 6.41
N ALA A 9 3.33 6.63 6.25
CA ALA A 9 2.91 7.08 4.92
C ALA A 9 3.92 8.06 4.33
N VAL A 10 3.81 8.31 3.03
CA VAL A 10 4.71 9.22 2.34
C VAL A 10 3.95 10.18 1.44
N THR A 11 4.59 11.28 1.06
CA THR A 11 3.97 12.28 0.20
C THR A 11 4.09 11.90 -1.27
N ASP A 12 3.18 12.40 -2.08
CA ASP A 12 3.18 12.11 -3.52
C ASP A 12 4.46 12.62 -4.17
N ASP A 13 4.79 13.88 -3.87
CA ASP A 13 5.99 14.51 -4.44
C ASP A 13 7.25 13.81 -3.93
N SER A 14 7.26 13.50 -2.64
CA SER A 14 8.41 12.84 -2.02
C SER A 14 8.19 11.33 -1.93
N PHE A 15 7.51 10.77 -2.93
CA PHE A 15 7.23 9.35 -2.96
C PHE A 15 8.42 8.56 -3.52
N SER A 16 8.80 8.88 -4.75
CA SER A 16 9.91 8.21 -5.41
C SER A 16 11.21 8.41 -4.64
N THR A 17 11.38 9.62 -4.11
CA THR A 17 12.57 9.96 -3.34
C THR A 17 12.73 9.04 -2.14
N ASP A 18 11.61 8.60 -1.58
CA ASP A 18 11.62 7.71 -0.42
C ASP A 18 11.65 6.26 -0.86
N VAL A 19 10.68 5.86 -1.69
CA VAL A 19 10.60 4.49 -2.17
C VAL A 19 11.85 4.12 -2.95
N LEU A 20 12.08 4.80 -4.07
CA LEU A 20 13.24 4.54 -4.91
C LEU A 20 14.54 4.84 -4.16
N GLY A 21 14.50 5.85 -3.31
CA GLY A 21 15.68 6.22 -2.53
C GLY A 21 16.02 5.18 -1.47
N SER A 22 15.01 4.44 -1.01
CA SER A 22 15.21 3.43 0.00
C SER A 22 15.79 2.15 -0.61
N SER A 23 17.06 1.89 -0.31
CA SER A 23 17.74 0.71 -0.84
C SER A 23 16.92 -0.54 -0.57
N LYS A 24 16.24 -0.56 0.57
CA LYS A 24 15.42 -1.71 0.95
C LYS A 24 14.05 -1.65 0.29
N PRO A 25 13.36 -2.80 0.23
CA PRO A 25 12.04 -2.90 -0.38
C PRO A 25 10.97 -2.19 0.43
N VAL A 26 9.89 -1.78 -0.23
CA VAL A 26 8.79 -1.09 0.44
C VAL A 26 7.47 -1.39 -0.23
N LEU A 27 6.38 -1.34 0.54
CA LEU A 27 5.05 -1.60 0.01
C LEU A 27 4.16 -0.37 0.15
N VAL A 28 3.39 -0.09 -0.90
CA VAL A 28 2.49 1.06 -0.90
C VAL A 28 1.06 0.64 -1.21
N ASP A 29 0.10 1.30 -0.58
CA ASP A 29 -1.31 0.99 -0.78
C ASP A 29 -2.04 2.20 -1.35
N PHE A 30 -2.66 2.02 -2.51
CA PHE A 30 -3.41 3.09 -3.17
C PHE A 30 -4.89 3.01 -2.84
N TRP A 31 -5.40 4.03 -2.16
CA TRP A 31 -6.80 4.08 -1.78
C TRP A 31 -7.24 5.51 -1.50
N ALA A 32 -8.56 5.71 -1.43
CA ALA A 32 -9.11 7.04 -1.16
C ALA A 32 -9.62 7.14 0.28
N THR A 33 -9.49 8.33 0.86
CA THR A 33 -9.93 8.57 2.23
C THR A 33 -11.43 8.30 2.37
N TRP A 34 -12.19 8.59 1.33
CA TRP A 34 -13.63 8.38 1.34
C TRP A 34 -14.00 7.05 0.71
N CYS A 35 -13.04 6.11 0.72
CA CYS A 35 -13.27 4.79 0.15
C CYS A 35 -14.47 4.11 0.81
N GLY A 36 -15.42 3.67 -0.02
CA GLY A 36 -16.59 3.02 0.50
C GLY A 36 -16.26 1.83 1.37
N PRO A 37 -15.70 0.78 0.77
CA PRO A 37 -15.32 -0.45 1.49
C PRO A 37 -14.13 -0.23 2.41
N CYS A 38 -14.34 0.59 3.45
CA CYS A 38 -13.29 0.88 4.42
C CYS A 38 -13.24 -0.19 5.51
N LYS A 39 -14.40 -0.70 5.88
CA LYS A 39 -14.50 -1.73 6.91
C LYS A 39 -14.09 -3.09 6.35
N MET A 40 -14.59 -3.41 5.16
CA MET A 40 -14.28 -4.69 4.52
C MET A 40 -12.78 -4.92 4.48
N VAL A 41 -12.01 -3.84 4.39
CA VAL A 41 -10.56 -3.93 4.34
C VAL A 41 -9.92 -3.12 5.46
N ALA A 42 -10.70 -2.85 6.51
CA ALA A 42 -10.20 -2.08 7.65
C ALA A 42 -9.19 -2.88 8.44
N PRO A 43 -9.62 -4.03 8.98
CA PRO A 43 -8.75 -4.92 9.77
C PRO A 43 -7.69 -5.60 8.93
N VAL A 44 -8.05 -5.97 7.70
CA VAL A 44 -7.13 -6.63 6.79
C VAL A 44 -5.83 -5.84 6.68
N LEU A 45 -5.92 -4.62 6.18
CA LEU A 45 -4.74 -3.77 6.02
C LEU A 45 -3.99 -3.62 7.34
N GLU A 46 -4.72 -3.65 8.44
CA GLU A 46 -4.13 -3.53 9.77
C GLU A 46 -3.24 -4.73 10.08
N GLU A 47 -3.85 -5.92 10.06
CA GLU A 47 -3.12 -7.15 10.35
C GLU A 47 -2.01 -7.38 9.31
N ILE A 48 -2.33 -7.09 8.06
CA ILE A 48 -1.36 -7.26 6.97
C ILE A 48 -0.19 -6.30 7.11
N ALA A 49 -0.47 -5.10 7.61
CA ALA A 49 0.55 -4.08 7.80
C ALA A 49 1.53 -4.49 8.90
N ALA A 50 1.00 -5.14 9.94
CA ALA A 50 1.83 -5.58 11.05
C ALA A 50 2.47 -6.93 10.76
N GLU A 51 1.83 -7.71 9.91
CA GLU A 51 2.34 -9.03 9.55
C GLU A 51 3.80 -8.94 9.13
N LYS A 52 4.06 -8.24 8.03
CA LYS A 52 5.42 -8.08 7.52
C LYS A 52 5.91 -6.65 7.72
N GLY A 53 5.27 -5.93 8.64
CA GLY A 53 5.65 -4.56 8.90
C GLY A 53 6.99 -4.46 9.60
N ASP A 54 7.39 -5.53 10.27
CA ASP A 54 8.67 -5.55 10.99
C ASP A 54 9.83 -5.71 10.02
N GLN A 55 9.60 -6.46 8.94
CA GLN A 55 10.63 -6.69 7.93
C GLN A 55 10.56 -5.63 6.83
N LEU A 56 9.34 -5.27 6.44
CA LEU A 56 9.13 -4.28 5.39
C LEU A 56 8.28 -3.13 5.90
N THR A 57 8.23 -2.05 5.13
CA THR A 57 7.44 -0.87 5.50
C THR A 57 6.21 -0.74 4.60
N VAL A 58 5.04 -0.69 5.23
CA VAL A 58 3.79 -0.57 4.49
C VAL A 58 3.26 0.87 4.57
N ALA A 59 3.10 1.49 3.41
CA ALA A 59 2.59 2.86 3.34
C ALA A 59 1.28 2.93 2.57
N LYS A 60 0.68 4.11 2.54
CA LYS A 60 -0.58 4.31 1.83
C LYS A 60 -0.67 5.72 1.27
N ILE A 61 -1.26 5.84 0.09
CA ILE A 61 -1.42 7.15 -0.55
C ILE A 61 -2.81 7.74 -0.28
N ASP A 62 -2.95 9.02 -0.53
CA ASP A 62 -4.22 9.70 -0.32
C ASP A 62 -4.80 10.22 -1.63
N VAL A 63 -5.77 9.48 -2.17
CA VAL A 63 -6.41 9.85 -3.43
C VAL A 63 -6.86 11.31 -3.40
N ASP A 64 -7.20 11.79 -2.22
CA ASP A 64 -7.65 13.18 -2.06
C ASP A 64 -6.64 14.15 -2.67
N ALA A 65 -5.37 13.80 -2.58
CA ALA A 65 -4.30 14.64 -3.13
C ALA A 65 -4.15 14.42 -4.63
N ASN A 66 -4.35 13.18 -5.06
CA ASN A 66 -4.23 12.84 -6.47
C ASN A 66 -5.58 12.42 -7.05
N PRO A 67 -6.47 13.40 -7.24
CA PRO A 67 -7.81 13.16 -7.79
C PRO A 67 -7.77 12.78 -9.26
N ALA A 68 -6.72 13.20 -9.96
CA ALA A 68 -6.56 12.89 -11.37
C ALA A 68 -6.74 11.41 -11.64
N THR A 69 -6.38 10.58 -10.65
CA THR A 69 -6.50 9.13 -10.78
C THR A 69 -7.97 8.70 -10.74
N ALA A 70 -8.61 8.94 -9.61
CA ALA A 70 -10.02 8.58 -9.44
C ALA A 70 -10.90 9.28 -10.49
N ARG A 71 -10.77 10.60 -10.56
CA ARG A 71 -11.54 11.38 -11.51
C ARG A 71 -11.43 10.81 -12.92
N ASP A 72 -10.29 10.21 -13.22
CA ASP A 72 -10.07 9.61 -14.53
C ASP A 72 -11.24 8.71 -14.93
N PHE A 73 -11.59 7.78 -14.06
CA PHE A 73 -12.69 6.86 -14.32
C PHE A 73 -13.85 7.13 -13.38
N GLN A 74 -13.89 8.33 -12.81
CA GLN A 74 -14.95 8.70 -11.88
C GLN A 74 -15.18 7.61 -10.84
N VAL A 75 -14.13 7.25 -10.13
CA VAL A 75 -14.22 6.21 -9.10
C VAL A 75 -13.93 6.77 -7.72
N VAL A 76 -14.83 6.50 -6.78
CA VAL A 76 -14.66 6.99 -5.40
C VAL A 76 -13.85 6.00 -4.57
N SER A 77 -14.03 4.71 -4.84
CA SER A 77 -13.32 3.67 -4.11
C SER A 77 -12.32 2.97 -5.01
N ILE A 78 -11.04 3.03 -4.65
CA ILE A 78 -9.98 2.40 -5.43
C ILE A 78 -9.02 1.64 -4.53
N PRO A 79 -9.50 0.56 -3.92
CA PRO A 79 -8.70 -0.28 -3.01
C PRO A 79 -7.62 -1.06 -3.77
N THR A 80 -6.53 -0.38 -4.11
CA THR A 80 -5.43 -1.01 -4.83
C THR A 80 -4.18 -1.08 -3.95
N MET A 81 -3.30 -2.02 -4.27
CA MET A 81 -2.07 -2.20 -3.52
C MET A 81 -0.91 -2.56 -4.44
N ILE A 82 0.17 -1.78 -4.38
CA ILE A 82 1.34 -2.01 -5.22
C ILE A 82 2.57 -2.28 -4.36
N LEU A 83 3.34 -3.29 -4.75
CA LEU A 83 4.56 -3.64 -4.02
C LEU A 83 5.79 -3.14 -4.75
N PHE A 84 6.76 -2.63 -3.99
CA PHE A 84 7.99 -2.11 -4.56
C PHE A 84 9.21 -2.81 -3.94
N LYS A 85 10.03 -3.42 -4.79
CA LYS A 85 11.22 -4.12 -4.34
C LYS A 85 12.45 -3.62 -5.09
N ASP A 86 13.48 -3.23 -4.34
CA ASP A 86 14.72 -2.74 -4.94
C ASP A 86 14.48 -1.45 -5.72
N GLY A 87 13.55 -0.64 -5.23
CA GLY A 87 13.23 0.61 -5.89
C GLY A 87 12.56 0.41 -7.23
N ALA A 88 12.00 -0.78 -7.43
CA ALA A 88 11.31 -1.10 -8.68
C ALA A 88 10.05 -1.91 -8.43
N PRO A 89 9.12 -1.88 -9.40
CA PRO A 89 7.85 -2.59 -9.30
C PRO A 89 8.03 -4.11 -9.39
N VAL A 90 7.44 -4.83 -8.44
CA VAL A 90 7.54 -6.28 -8.42
C VAL A 90 6.15 -6.93 -8.48
N LYS A 91 5.18 -6.30 -7.82
CA LYS A 91 3.82 -6.81 -7.80
C LYS A 91 2.81 -5.66 -7.74
N ARG A 92 1.61 -5.91 -8.22
CA ARG A 92 0.55 -4.91 -8.23
C ARG A 92 -0.83 -5.55 -8.24
N ILE A 93 -1.53 -5.47 -7.12
CA ILE A 93 -2.86 -6.05 -7.00
C ILE A 93 -3.91 -4.97 -6.85
N VAL A 94 -5.09 -5.21 -7.43
CA VAL A 94 -6.19 -4.26 -7.36
C VAL A 94 -7.48 -4.94 -6.91
N GLY A 95 -8.29 -4.21 -6.16
CA GLY A 95 -9.55 -4.75 -5.68
C GLY A 95 -9.58 -4.88 -4.17
N ALA A 96 -10.79 -4.95 -3.61
CA ALA A 96 -10.95 -5.07 -2.16
C ALA A 96 -11.26 -6.50 -1.76
N LYS A 97 -10.26 -7.20 -1.24
CA LYS A 97 -10.43 -8.59 -0.83
C LYS A 97 -10.16 -8.73 0.67
N GLY A 98 -10.07 -9.98 1.13
CA GLY A 98 -9.81 -10.24 2.54
C GLY A 98 -8.34 -10.43 2.83
N LYS A 99 -8.04 -10.98 4.00
CA LYS A 99 -6.66 -11.22 4.40
C LYS A 99 -6.03 -12.32 3.54
N ALA A 100 -6.81 -13.32 3.20
CA ALA A 100 -6.33 -14.43 2.38
C ALA A 100 -5.69 -13.92 1.10
N ALA A 101 -6.24 -12.84 0.56
CA ALA A 101 -5.73 -12.25 -0.68
C ALA A 101 -4.45 -11.45 -0.40
N LEU A 102 -4.57 -10.44 0.45
CA LEU A 102 -3.43 -9.59 0.80
C LEU A 102 -2.23 -10.43 1.23
N LEU A 103 -2.51 -11.54 1.92
CA LEU A 103 -1.47 -12.42 2.40
C LEU A 103 -0.52 -12.81 1.26
N ARG A 104 -1.09 -12.99 0.06
CA ARG A 104 -0.30 -13.35 -1.10
C ARG A 104 0.70 -12.25 -1.45
N GLU A 105 0.24 -11.01 -1.43
CA GLU A 105 1.10 -9.87 -1.74
C GLU A 105 2.38 -9.91 -0.91
N LEU A 106 2.26 -10.37 0.33
CA LEU A 106 3.41 -10.46 1.22
C LEU A 106 4.21 -11.72 0.95
N SER A 107 3.50 -12.82 0.71
CA SER A 107 4.15 -14.10 0.43
C SER A 107 5.14 -13.98 -0.72
N ASP A 108 4.66 -13.45 -1.85
CA ASP A 108 5.50 -13.27 -3.03
C ASP A 108 6.72 -12.42 -2.70
N ALA A 109 6.52 -11.40 -1.89
CA ALA A 109 7.59 -10.49 -1.50
C ALA A 109 8.60 -11.20 -0.60
N LEU A 110 8.10 -12.08 0.26
CA LEU A 110 8.95 -12.84 1.18
C LEU A 110 8.57 -14.31 1.20
N MET A 1 18.23 -2.66 10.28
CA MET A 1 17.34 -3.50 11.06
C MET A 1 15.89 -3.06 10.90
N SER A 2 14.97 -3.90 11.36
CA SER A 2 13.54 -3.59 11.26
C SER A 2 12.78 -4.15 12.45
N GLU A 3 11.76 -3.42 12.90
CA GLU A 3 10.96 -3.84 14.04
C GLU A 3 9.51 -3.42 13.86
N ASP A 4 8.67 -3.74 14.85
CA ASP A 4 7.26 -3.39 14.81
C ASP A 4 7.07 -1.89 14.85
N SER A 5 5.85 -1.44 14.58
CA SER A 5 5.54 -0.01 14.60
C SER A 5 6.33 0.72 13.51
N ALA A 6 6.39 0.12 12.33
CA ALA A 6 7.12 0.72 11.22
C ALA A 6 6.17 1.11 10.09
N THR A 7 5.06 1.75 10.45
CA THR A 7 4.07 2.17 9.47
C THR A 7 4.00 3.68 9.36
N VAL A 8 4.43 4.22 8.23
CA VAL A 8 4.41 5.66 8.00
C VAL A 8 4.01 5.99 6.57
N ALA A 9 3.10 6.94 6.42
CA ALA A 9 2.63 7.36 5.10
C ALA A 9 3.60 8.35 4.46
N VAL A 10 3.53 8.47 3.15
CA VAL A 10 4.40 9.39 2.41
C VAL A 10 3.59 10.32 1.51
N THR A 11 4.27 11.25 0.87
CA THR A 11 3.61 12.20 -0.01
C THR A 11 3.73 11.77 -1.48
N ASP A 12 2.84 12.29 -2.31
CA ASP A 12 2.86 11.95 -3.73
C ASP A 12 4.07 12.57 -4.42
N ASP A 13 4.30 13.85 -4.16
CA ASP A 13 5.44 14.55 -4.76
C ASP A 13 6.76 13.93 -4.31
N SER A 14 6.80 13.50 -3.06
CA SER A 14 8.01 12.90 -2.50
C SER A 14 7.85 11.38 -2.36
N PHE A 15 7.14 10.78 -3.31
CA PHE A 15 6.90 9.34 -3.30
C PHE A 15 8.08 8.59 -3.92
N SER A 16 8.30 8.83 -5.21
CA SER A 16 9.39 8.17 -5.92
C SER A 16 10.74 8.46 -5.27
N THR A 17 10.93 9.71 -4.87
CA THR A 17 12.17 10.13 -4.22
C THR A 17 12.42 9.32 -2.96
N ASP A 18 11.35 8.92 -2.28
CA ASP A 18 11.46 8.13 -1.06
C ASP A 18 11.57 6.64 -1.37
N VAL A 19 10.55 6.11 -2.05
CA VAL A 19 10.53 4.70 -2.41
C VAL A 19 11.75 4.33 -3.25
N LEU A 20 11.84 4.93 -4.44
CA LEU A 20 12.97 4.67 -5.34
C LEU A 20 14.29 5.05 -4.68
N GLY A 21 14.26 6.10 -3.87
CA GLY A 21 15.47 6.55 -3.20
C GLY A 21 15.92 5.58 -2.12
N SER A 22 14.97 4.84 -1.56
CA SER A 22 15.28 3.88 -0.51
C SER A 22 15.57 2.50 -1.10
N SER A 23 16.84 2.15 -1.20
CA SER A 23 17.25 0.86 -1.75
C SER A 23 16.51 -0.28 -1.06
N LYS A 24 16.24 -0.11 0.24
CA LYS A 24 15.54 -1.13 1.01
C LYS A 24 14.14 -1.36 0.46
N PRO A 25 13.60 -2.56 0.71
CA PRO A 25 12.26 -2.93 0.25
C PRO A 25 11.15 -2.17 0.99
N VAL A 26 10.09 -1.83 0.28
CA VAL A 26 8.97 -1.11 0.87
C VAL A 26 7.66 -1.46 0.18
N LEU A 27 6.54 -1.22 0.86
CA LEU A 27 5.23 -1.52 0.32
C LEU A 27 4.29 -0.32 0.49
N VAL A 28 3.52 -0.05 -0.55
CA VAL A 28 2.57 1.07 -0.52
C VAL A 28 1.14 0.58 -0.76
N ASP A 29 0.19 1.22 -0.08
CA ASP A 29 -1.21 0.85 -0.23
C ASP A 29 -2.04 2.04 -0.72
N PHE A 30 -2.49 1.96 -1.97
CA PHE A 30 -3.28 3.03 -2.57
C PHE A 30 -4.77 2.80 -2.30
N TRP A 31 -5.41 3.77 -1.66
CA TRP A 31 -6.82 3.69 -1.35
C TRP A 31 -7.43 5.08 -1.17
N ALA A 32 -8.74 5.17 -1.38
CA ALA A 32 -9.43 6.45 -1.24
C ALA A 32 -10.29 6.47 0.04
N THR A 33 -10.16 7.55 0.80
CA THR A 33 -10.91 7.70 2.05
C THR A 33 -12.41 7.77 1.77
N TRP A 34 -12.77 8.25 0.59
CA TRP A 34 -14.17 8.37 0.21
C TRP A 34 -14.81 7.00 0.03
N CYS A 35 -13.97 5.98 -0.12
CA CYS A 35 -14.45 4.62 -0.31
C CYS A 35 -15.52 4.27 0.73
N GLY A 36 -16.55 3.55 0.28
CA GLY A 36 -17.62 3.17 1.19
C GLY A 36 -17.23 2.04 2.12
N PRO A 37 -17.00 0.85 1.55
CA PRO A 37 -16.62 -0.34 2.32
C PRO A 37 -15.21 -0.22 2.88
N CYS A 38 -15.04 0.63 3.91
CA CYS A 38 -13.74 0.83 4.53
C CYS A 38 -13.50 -0.22 5.61
N LYS A 39 -14.57 -0.65 6.27
CA LYS A 39 -14.47 -1.65 7.33
C LYS A 39 -14.08 -3.01 6.75
N MET A 40 -14.65 -3.35 5.61
CA MET A 40 -14.36 -4.62 4.96
C MET A 40 -12.85 -4.81 4.78
N VAL A 41 -12.15 -3.71 4.52
CA VAL A 41 -10.71 -3.76 4.33
C VAL A 41 -9.99 -2.93 5.41
N ALA A 42 -10.67 -2.68 6.52
CA ALA A 42 -10.10 -1.91 7.61
C ALA A 42 -9.01 -2.70 8.32
N PRO A 43 -9.38 -3.86 8.89
CA PRO A 43 -8.45 -4.73 9.61
C PRO A 43 -7.45 -5.40 8.67
N VAL A 44 -7.88 -5.70 7.46
CA VAL A 44 -7.03 -6.35 6.47
C VAL A 44 -5.69 -5.61 6.33
N LEU A 45 -5.77 -4.32 6.00
CA LEU A 45 -4.58 -3.50 5.84
C LEU A 45 -3.73 -3.53 7.10
N GLU A 46 -4.37 -3.66 8.25
CA GLU A 46 -3.67 -3.70 9.52
C GLU A 46 -2.90 -5.02 9.68
N GLU A 47 -3.62 -6.12 9.52
CA GLU A 47 -3.00 -7.44 9.65
C GLU A 47 -1.94 -7.65 8.57
N ILE A 48 -2.20 -7.13 7.38
CA ILE A 48 -1.26 -7.26 6.27
C ILE A 48 -0.04 -6.37 6.46
N ALA A 49 -0.27 -5.21 7.07
CA ALA A 49 0.82 -4.26 7.33
C ALA A 49 1.78 -4.80 8.38
N ALA A 50 1.23 -5.51 9.36
CA ALA A 50 2.04 -6.08 10.43
C ALA A 50 2.65 -7.42 10.02
N GLU A 51 1.92 -8.16 9.17
CA GLU A 51 2.39 -9.45 8.69
C GLU A 51 3.81 -9.35 8.17
N LYS A 52 3.99 -8.59 7.09
CA LYS A 52 5.29 -8.41 6.48
C LYS A 52 5.92 -7.09 6.90
N GLY A 53 5.44 -6.55 8.02
CA GLY A 53 5.96 -5.29 8.52
C GLY A 53 7.42 -5.38 8.91
N ASP A 54 7.83 -6.55 9.39
CA ASP A 54 9.21 -6.77 9.82
C ASP A 54 10.12 -6.91 8.60
N GLN A 55 9.59 -7.49 7.53
CA GLN A 55 10.36 -7.69 6.31
C GLN A 55 10.56 -6.37 5.57
N LEU A 56 9.52 -5.54 5.55
CA LEU A 56 9.58 -4.25 4.88
C LEU A 56 8.55 -3.29 5.46
N THR A 57 8.75 -2.00 5.22
CA THR A 57 7.84 -0.97 5.71
C THR A 57 6.61 -0.85 4.81
N VAL A 58 5.45 -0.68 5.43
CA VAL A 58 4.19 -0.55 4.69
C VAL A 58 3.58 0.83 4.89
N ALA A 59 3.23 1.49 3.78
CA ALA A 59 2.63 2.81 3.84
C ALA A 59 1.30 2.84 3.09
N LYS A 60 0.65 4.00 3.10
CA LYS A 60 -0.62 4.16 2.42
C LYS A 60 -0.79 5.59 1.90
N ILE A 61 -1.36 5.73 0.72
CA ILE A 61 -1.58 7.05 0.12
C ILE A 61 -2.98 7.56 0.41
N ASP A 62 -3.20 8.85 0.15
CA ASP A 62 -4.51 9.45 0.38
C ASP A 62 -5.07 10.03 -0.91
N VAL A 63 -5.92 9.27 -1.57
CA VAL A 63 -6.54 9.71 -2.83
C VAL A 63 -7.13 11.11 -2.69
N ASP A 64 -7.59 11.43 -1.49
CA ASP A 64 -8.18 12.74 -1.22
C ASP A 64 -7.22 13.85 -1.66
N ALA A 65 -5.93 13.61 -1.51
CA ALA A 65 -4.92 14.60 -1.90
C ALA A 65 -4.64 14.56 -3.39
N ASN A 66 -4.73 13.36 -3.96
CA ASN A 66 -4.49 13.19 -5.40
C ASN A 66 -5.76 12.76 -6.11
N PRO A 67 -6.70 13.70 -6.27
CA PRO A 67 -7.98 13.44 -6.94
C PRO A 67 -7.81 13.21 -8.44
N ALA A 68 -6.77 13.80 -9.01
CA ALA A 68 -6.49 13.67 -10.44
C ALA A 68 -6.51 12.20 -10.85
N THR A 69 -6.11 11.33 -9.94
CA THR A 69 -6.07 9.89 -10.22
C THR A 69 -7.48 9.32 -10.35
N ALA A 70 -8.24 9.39 -9.27
CA ALA A 70 -9.61 8.88 -9.27
C ALA A 70 -10.46 9.61 -10.30
N ARG A 71 -10.46 10.93 -10.25
CA ARG A 71 -11.23 11.74 -11.18
C ARG A 71 -10.96 11.33 -12.62
N ASP A 72 -9.73 10.86 -12.88
CA ASP A 72 -9.35 10.42 -14.21
C ASP A 72 -10.40 9.49 -14.81
N PHE A 73 -10.74 8.45 -14.07
CA PHE A 73 -11.73 7.47 -14.53
C PHE A 73 -13.00 7.55 -13.69
N GLN A 74 -13.24 8.72 -13.10
CA GLN A 74 -14.42 8.93 -12.27
C GLN A 74 -14.56 7.81 -11.24
N VAL A 75 -13.52 7.61 -10.45
CA VAL A 75 -13.54 6.57 -9.42
C VAL A 75 -13.60 7.17 -8.02
N VAL A 76 -14.24 6.45 -7.10
CA VAL A 76 -14.38 6.91 -5.73
C VAL A 76 -13.49 6.10 -4.78
N SER A 77 -13.36 4.81 -5.08
CA SER A 77 -12.54 3.93 -4.26
C SER A 77 -11.57 3.12 -5.12
N ILE A 78 -10.27 3.30 -4.87
CA ILE A 78 -9.25 2.59 -5.62
C ILE A 78 -8.36 1.78 -4.69
N PRO A 79 -8.93 0.74 -4.08
CA PRO A 79 -8.20 -0.15 -3.16
C PRO A 79 -7.18 -1.01 -3.88
N THR A 80 -6.05 -0.41 -4.24
CA THR A 80 -4.99 -1.14 -4.93
C THR A 80 -3.67 -1.07 -4.16
N MET A 81 -3.04 -2.22 -3.97
CA MET A 81 -1.78 -2.29 -3.24
C MET A 81 -0.63 -2.62 -4.19
N ILE A 82 0.53 -2.03 -3.94
CA ILE A 82 1.70 -2.27 -4.76
C ILE A 82 2.94 -2.54 -3.91
N LEU A 83 3.65 -3.61 -4.23
CA LEU A 83 4.85 -3.97 -3.48
C LEU A 83 6.10 -3.49 -4.20
N PHE A 84 7.06 -2.98 -3.43
CA PHE A 84 8.30 -2.47 -3.99
C PHE A 84 9.51 -3.14 -3.34
N LYS A 85 10.35 -3.76 -4.17
CA LYS A 85 11.54 -4.44 -3.67
C LYS A 85 12.78 -3.97 -4.42
N ASP A 86 13.80 -3.54 -3.66
CA ASP A 86 15.04 -3.06 -4.24
C ASP A 86 14.81 -1.81 -5.08
N GLY A 87 13.85 -0.99 -4.65
CA GLY A 87 13.55 0.23 -5.36
C GLY A 87 12.91 -0.03 -6.71
N ALA A 88 12.31 -1.22 -6.86
CA ALA A 88 11.66 -1.59 -8.11
C ALA A 88 10.37 -2.37 -7.84
N PRO A 89 9.46 -2.36 -8.83
CA PRO A 89 8.18 -3.05 -8.72
C PRO A 89 8.33 -4.57 -8.74
N VAL A 90 7.68 -5.24 -7.79
CA VAL A 90 7.76 -6.69 -7.69
C VAL A 90 6.37 -7.31 -7.78
N LYS A 91 5.37 -6.61 -7.25
CA LYS A 91 4.00 -7.09 -7.27
C LYS A 91 3.01 -5.93 -7.18
N ARG A 92 1.76 -6.20 -7.53
CA ARG A 92 0.72 -5.17 -7.48
C ARG A 92 -0.67 -5.80 -7.54
N ILE A 93 -1.37 -5.76 -6.41
CA ILE A 93 -2.71 -6.34 -6.33
C ILE A 93 -3.77 -5.25 -6.41
N VAL A 94 -4.76 -5.46 -7.27
CA VAL A 94 -5.84 -4.50 -7.44
C VAL A 94 -7.17 -5.07 -6.96
N GLY A 95 -7.82 -4.34 -6.05
CA GLY A 95 -9.10 -4.80 -5.52
C GLY A 95 -9.13 -4.79 -4.00
N ALA A 96 -10.33 -4.78 -3.44
CA ALA A 96 -10.50 -4.76 -1.99
C ALA A 96 -11.27 -5.99 -1.52
N LYS A 97 -10.58 -7.10 -1.35
CA LYS A 97 -11.20 -8.34 -0.90
C LYS A 97 -10.66 -8.77 0.46
N GLY A 98 -11.00 -9.99 0.87
CA GLY A 98 -10.54 -10.48 2.16
C GLY A 98 -9.03 -10.50 2.26
N LYS A 99 -8.53 -10.48 3.49
CA LYS A 99 -7.08 -10.49 3.73
C LYS A 99 -6.40 -11.62 2.96
N ALA A 100 -7.14 -12.70 2.75
CA ALA A 100 -6.61 -13.86 2.03
C ALA A 100 -6.01 -13.42 0.69
N ALA A 101 -6.63 -12.44 0.06
CA ALA A 101 -6.15 -11.94 -1.23
C ALA A 101 -4.81 -11.23 -1.08
N LEU A 102 -4.65 -10.48 0.01
CA LEU A 102 -3.42 -9.75 0.26
C LEU A 102 -2.32 -10.71 0.74
N LEU A 103 -2.72 -11.71 1.51
CA LEU A 103 -1.77 -12.68 2.04
C LEU A 103 -0.90 -13.27 0.92
N ARG A 104 -1.51 -13.44 -0.25
CA ARG A 104 -0.80 -13.99 -1.40
C ARG A 104 0.50 -13.22 -1.65
N GLU A 105 0.46 -11.91 -1.42
CA GLU A 105 1.63 -11.07 -1.62
C GLU A 105 2.82 -11.58 -0.81
N LEU A 106 2.54 -12.09 0.38
CA LEU A 106 3.58 -12.62 1.26
C LEU A 106 4.45 -13.63 0.53
N SER A 107 3.83 -14.43 -0.33
CA SER A 107 4.56 -15.44 -1.09
C SER A 107 5.62 -14.78 -1.97
N ASP A 108 5.29 -13.62 -2.51
CA ASP A 108 6.22 -12.89 -3.38
C ASP A 108 7.23 -12.12 -2.55
N ALA A 109 6.77 -11.54 -1.45
CA ALA A 109 7.64 -10.77 -0.57
C ALA A 109 8.70 -11.66 0.08
N LEU A 110 8.31 -12.88 0.42
CA LEU A 110 9.21 -13.83 1.05
C LEU A 110 9.12 -15.20 0.39
N MET A 1 1.42 -7.38 24.24
CA MET A 1 1.28 -7.10 22.82
C MET A 1 1.26 -5.59 22.57
N SER A 2 1.95 -5.17 21.50
CA SER A 2 2.01 -3.76 21.16
C SER A 2 2.12 -3.57 19.64
N GLU A 3 1.68 -2.42 19.16
CA GLU A 3 1.73 -2.13 17.73
C GLU A 3 3.17 -2.10 17.23
N ASP A 4 3.34 -1.84 15.94
CA ASP A 4 4.67 -1.78 15.34
C ASP A 4 5.03 -0.35 14.98
N SER A 5 6.31 -0.13 14.67
CA SER A 5 6.79 1.20 14.30
C SER A 5 7.60 1.15 13.01
N ALA A 6 7.17 0.30 12.09
CA ALA A 6 7.85 0.16 10.81
C ALA A 6 6.93 0.54 9.65
N THR A 7 6.15 1.60 9.86
CA THR A 7 5.23 2.08 8.84
C THR A 7 5.27 3.60 8.72
N VAL A 8 5.54 4.09 7.52
CA VAL A 8 5.61 5.53 7.29
C VAL A 8 5.13 5.88 5.88
N ALA A 9 4.19 6.82 5.79
CA ALA A 9 3.65 7.24 4.51
C ALA A 9 4.58 8.23 3.83
N VAL A 10 4.54 8.26 2.50
CA VAL A 10 5.38 9.16 1.72
C VAL A 10 4.53 10.15 0.93
N THR A 11 5.20 11.06 0.22
CA THR A 11 4.51 12.08 -0.56
C THR A 11 4.53 11.72 -2.05
N ASP A 12 3.55 12.23 -2.78
CA ASP A 12 3.46 11.98 -4.22
C ASP A 12 4.72 12.43 -4.93
N ASP A 13 5.22 13.61 -4.56
CA ASP A 13 6.42 14.16 -5.17
C ASP A 13 7.66 13.40 -4.71
N SER A 14 7.72 13.11 -3.41
CA SER A 14 8.85 12.40 -2.84
C SER A 14 8.55 10.91 -2.73
N PHE A 15 7.84 10.38 -3.72
CA PHE A 15 7.48 8.96 -3.73
C PHE A 15 8.62 8.12 -4.33
N SER A 16 9.01 8.46 -5.55
CA SER A 16 10.08 7.72 -6.23
C SER A 16 11.42 7.96 -5.54
N THR A 17 11.62 9.18 -5.04
CA THR A 17 12.85 9.54 -4.36
C THR A 17 13.14 8.59 -3.20
N ASP A 18 12.08 8.07 -2.59
CA ASP A 18 12.22 7.15 -1.47
C ASP A 18 12.16 5.70 -1.96
N VAL A 19 11.11 5.36 -2.69
CA VAL A 19 10.93 4.01 -3.21
C VAL A 19 12.10 3.62 -4.11
N LEU A 20 12.24 4.34 -5.23
CA LEU A 20 13.31 4.07 -6.18
C LEU A 20 14.67 4.40 -5.57
N GLY A 21 14.71 5.41 -4.71
CA GLY A 21 15.95 5.80 -4.07
C GLY A 21 16.44 4.77 -3.08
N SER A 22 15.50 4.00 -2.51
CA SER A 22 15.84 2.98 -1.52
C SER A 22 15.97 1.62 -2.19
N SER A 23 17.20 1.12 -2.30
CA SER A 23 17.46 -0.18 -2.92
C SER A 23 16.58 -1.26 -2.29
N LYS A 24 16.35 -1.14 -0.98
CA LYS A 24 15.54 -2.10 -0.26
C LYS A 24 14.11 -2.13 -0.81
N PRO A 25 13.38 -3.22 -0.52
CA PRO A 25 12.00 -3.38 -0.97
C PRO A 25 11.04 -2.43 -0.27
N VAL A 26 9.99 -2.01 -0.98
CA VAL A 26 9.00 -1.11 -0.41
C VAL A 26 7.62 -1.37 -1.00
N LEU A 27 6.61 -1.40 -0.13
CA LEU A 27 5.24 -1.65 -0.57
C LEU A 27 4.36 -0.44 -0.30
N VAL A 28 3.54 -0.07 -1.29
CA VAL A 28 2.65 1.07 -1.17
C VAL A 28 1.20 0.67 -1.42
N ASP A 29 0.28 1.28 -0.68
CA ASP A 29 -1.14 0.98 -0.83
C ASP A 29 -1.91 2.23 -1.28
N PHE A 30 -2.75 2.07 -2.30
CA PHE A 30 -3.53 3.17 -2.82
C PHE A 30 -4.98 3.09 -2.35
N TRP A 31 -5.43 4.13 -1.66
CA TRP A 31 -6.80 4.16 -1.14
C TRP A 31 -7.23 5.60 -0.85
N ALA A 32 -8.55 5.81 -0.81
CA ALA A 32 -9.09 7.14 -0.56
C ALA A 32 -9.61 7.25 0.88
N THR A 33 -9.55 8.46 1.44
CA THR A 33 -10.00 8.69 2.80
C THR A 33 -11.44 8.22 2.98
N TRP A 34 -12.24 8.35 1.93
CA TRP A 34 -13.64 7.95 1.98
C TRP A 34 -13.82 6.54 1.39
N CYS A 35 -12.75 5.76 1.44
CA CYS A 35 -12.79 4.40 0.92
C CYS A 35 -13.94 3.61 1.53
N GLY A 36 -14.81 3.09 0.67
CA GLY A 36 -15.96 2.32 1.14
C GLY A 36 -15.56 1.22 2.11
N PRO A 37 -14.83 0.22 1.60
CA PRO A 37 -14.38 -0.92 2.40
C PRO A 37 -13.29 -0.52 3.41
N CYS A 38 -13.69 0.20 4.45
CA CYS A 38 -12.75 0.64 5.47
C CYS A 38 -12.54 -0.44 6.52
N LYS A 39 -13.65 -1.00 7.02
CA LYS A 39 -13.59 -2.04 8.03
C LYS A 39 -13.17 -3.37 7.41
N MET A 40 -13.78 -3.72 6.28
CA MET A 40 -13.46 -4.97 5.60
C MET A 40 -11.95 -5.11 5.38
N VAL A 41 -11.28 -3.97 5.18
CA VAL A 41 -9.84 -3.97 4.97
C VAL A 41 -9.13 -3.16 6.04
N ALA A 42 -9.80 -2.96 7.17
CA ALA A 42 -9.23 -2.19 8.28
C ALA A 42 -8.08 -2.95 8.93
N PRO A 43 -8.39 -4.14 9.47
CA PRO A 43 -7.39 -4.98 10.14
C PRO A 43 -6.38 -5.58 9.16
N VAL A 44 -6.84 -5.83 7.93
CA VAL A 44 -5.98 -6.40 6.91
C VAL A 44 -4.67 -5.62 6.78
N LEU A 45 -4.78 -4.33 6.47
CA LEU A 45 -3.61 -3.48 6.33
C LEU A 45 -2.75 -3.51 7.59
N GLU A 46 -3.40 -3.67 8.74
CA GLU A 46 -2.70 -3.73 10.02
C GLU A 46 -1.85 -4.99 10.11
N GLU A 47 -2.49 -6.14 9.96
CA GLU A 47 -1.80 -7.42 10.04
C GLU A 47 -0.76 -7.54 8.93
N ILE A 48 -1.11 -7.04 7.75
CA ILE A 48 -0.20 -7.09 6.61
C ILE A 48 0.99 -6.16 6.80
N ALA A 49 0.74 -5.02 7.46
CA ALA A 49 1.79 -4.04 7.71
C ALA A 49 2.82 -4.60 8.70
N ALA A 50 2.34 -5.34 9.70
CA ALA A 50 3.21 -5.91 10.70
C ALA A 50 3.80 -7.24 10.23
N GLU A 51 3.07 -7.92 9.36
CA GLU A 51 3.51 -9.21 8.82
C GLU A 51 4.94 -9.11 8.30
N LYS A 52 5.14 -8.27 7.29
CA LYS A 52 6.46 -8.08 6.70
C LYS A 52 6.99 -6.67 6.98
N GLY A 53 6.44 -6.04 8.01
CA GLY A 53 6.87 -4.71 8.37
C GLY A 53 8.37 -4.62 8.59
N ASP A 54 8.96 -5.71 9.07
CA ASP A 54 10.40 -5.75 9.32
C ASP A 54 11.16 -6.04 8.04
N GLN A 55 10.54 -6.80 7.14
CA GLN A 55 11.17 -7.16 5.87
C GLN A 55 11.24 -5.95 4.94
N LEU A 56 10.17 -5.15 4.94
CA LEU A 56 10.10 -3.96 4.09
C LEU A 56 9.23 -2.89 4.73
N THR A 57 9.09 -1.76 4.05
CA THR A 57 8.29 -0.66 4.53
C THR A 57 6.94 -0.60 3.83
N VAL A 58 5.87 -0.57 4.61
CA VAL A 58 4.52 -0.53 4.06
C VAL A 58 3.91 0.86 4.21
N ALA A 59 3.75 1.56 3.09
CA ALA A 59 3.18 2.90 3.11
C ALA A 59 1.86 2.95 2.33
N LYS A 60 1.19 4.09 2.39
CA LYS A 60 -0.08 4.26 1.70
C LYS A 60 -0.21 5.68 1.14
N ILE A 61 -1.01 5.83 0.09
CA ILE A 61 -1.21 7.13 -0.53
C ILE A 61 -2.54 7.75 -0.09
N ASP A 62 -2.69 9.05 -0.36
CA ASP A 62 -3.92 9.75 0.01
C ASP A 62 -4.61 10.30 -1.22
N VAL A 63 -5.63 9.58 -1.70
CA VAL A 63 -6.38 10.00 -2.87
C VAL A 63 -6.83 11.45 -2.75
N ASP A 64 -7.07 11.89 -1.52
CA ASP A 64 -7.50 13.26 -1.27
C ASP A 64 -6.56 14.25 -1.92
N ALA A 65 -5.28 13.91 -1.96
CA ALA A 65 -4.27 14.78 -2.56
C ALA A 65 -4.24 14.62 -4.08
N ASN A 66 -4.48 13.39 -4.55
CA ASN A 66 -4.48 13.11 -5.97
C ASN A 66 -5.88 12.71 -6.45
N PRO A 67 -6.78 13.69 -6.53
CA PRO A 67 -8.16 13.47 -6.97
C PRO A 67 -8.25 13.14 -8.46
N ALA A 68 -7.28 13.63 -9.22
CA ALA A 68 -7.25 13.38 -10.66
C ALA A 68 -7.41 11.91 -10.97
N THR A 69 -6.93 11.06 -10.06
CA THR A 69 -7.03 9.61 -10.24
C THR A 69 -8.46 9.13 -10.11
N ALA A 70 -9.04 9.31 -8.93
CA ALA A 70 -10.42 8.90 -8.68
C ALA A 70 -11.38 9.62 -9.62
N ARG A 71 -11.29 10.94 -9.65
CA ARG A 71 -12.15 11.75 -10.50
C ARG A 71 -12.13 11.23 -11.94
N ASP A 72 -11.02 10.66 -12.35
CA ASP A 72 -10.87 10.12 -13.69
C ASP A 72 -12.06 9.24 -14.05
N PHE A 73 -12.34 8.25 -13.20
CA PHE A 73 -13.45 7.34 -13.43
C PHE A 73 -14.55 7.54 -12.38
N GLN A 74 -14.55 8.70 -11.75
CA GLN A 74 -15.55 9.02 -10.73
C GLN A 74 -15.67 7.88 -9.73
N VAL A 75 -14.56 7.51 -9.11
CA VAL A 75 -14.55 6.42 -8.13
C VAL A 75 -14.17 6.95 -6.75
N VAL A 76 -15.00 6.63 -5.76
CA VAL A 76 -14.75 7.06 -4.38
C VAL A 76 -13.88 6.05 -3.65
N SER A 77 -14.05 4.78 -3.96
CA SER A 77 -13.28 3.72 -3.32
C SER A 77 -12.34 3.06 -4.32
N ILE A 78 -11.04 3.13 -4.04
CA ILE A 78 -10.03 2.54 -4.90
C ILE A 78 -9.00 1.76 -4.09
N PRO A 79 -9.44 0.65 -3.48
CA PRO A 79 -8.57 -0.21 -2.67
C PRO A 79 -7.56 -0.97 -3.52
N THR A 80 -6.50 -0.27 -3.94
CA THR A 80 -5.45 -0.86 -4.76
C THR A 80 -4.16 -1.04 -3.96
N MET A 81 -3.33 -1.98 -4.38
CA MET A 81 -2.06 -2.24 -3.71
C MET A 81 -0.96 -2.52 -4.72
N ILE A 82 0.13 -1.78 -4.62
CA ILE A 82 1.26 -1.95 -5.52
C ILE A 82 2.55 -2.22 -4.75
N LEU A 83 3.30 -3.22 -5.21
CA LEU A 83 4.55 -3.59 -4.57
C LEU A 83 5.75 -3.11 -5.39
N PHE A 84 6.77 -2.59 -4.72
CA PHE A 84 7.97 -2.11 -5.38
C PHE A 84 9.21 -2.77 -4.81
N LYS A 85 9.98 -3.43 -5.69
CA LYS A 85 11.20 -4.11 -5.27
C LYS A 85 12.36 -3.74 -6.18
N ASP A 86 13.46 -3.30 -5.57
CA ASP A 86 14.65 -2.91 -6.33
C ASP A 86 14.35 -1.70 -7.21
N GLY A 87 13.49 -0.81 -6.73
CA GLY A 87 13.14 0.38 -7.49
C GLY A 87 12.32 0.05 -8.72
N ALA A 88 11.71 -1.12 -8.74
CA ALA A 88 10.90 -1.54 -9.87
C ALA A 88 9.64 -2.27 -9.41
N PRO A 89 8.62 -2.29 -10.27
CA PRO A 89 7.34 -2.94 -9.98
C PRO A 89 7.46 -4.46 -9.93
N VAL A 90 6.94 -5.08 -8.87
CA VAL A 90 7.00 -6.52 -8.72
C VAL A 90 5.60 -7.11 -8.64
N LYS A 91 4.67 -6.36 -8.04
CA LYS A 91 3.30 -6.81 -7.89
C LYS A 91 2.33 -5.63 -7.98
N ARG A 92 1.08 -5.93 -8.32
CA ARG A 92 0.05 -4.90 -8.44
C ARG A 92 -1.34 -5.50 -8.42
N ILE A 93 -2.06 -5.30 -7.32
CA ILE A 93 -3.41 -5.83 -7.19
C ILE A 93 -4.43 -4.71 -7.02
N VAL A 94 -5.60 -4.91 -7.59
CA VAL A 94 -6.67 -3.91 -7.51
C VAL A 94 -7.96 -4.52 -6.95
N GLY A 95 -8.57 -3.82 -6.00
CA GLY A 95 -9.80 -4.31 -5.40
C GLY A 95 -9.63 -4.66 -3.94
N ALA A 96 -10.74 -4.70 -3.20
CA ALA A 96 -10.71 -5.02 -1.79
C ALA A 96 -10.99 -6.51 -1.55
N LYS A 97 -9.93 -7.27 -1.32
CA LYS A 97 -10.06 -8.71 -1.08
C LYS A 97 -9.58 -9.07 0.32
N GLY A 98 -9.65 -10.36 0.65
CA GLY A 98 -9.21 -10.82 1.96
C GLY A 98 -7.71 -10.75 2.11
N LYS A 99 -7.24 -10.98 3.34
CA LYS A 99 -5.81 -10.94 3.63
C LYS A 99 -5.09 -12.07 2.90
N ALA A 100 -5.76 -13.20 2.75
CA ALA A 100 -5.18 -14.36 2.08
C ALA A 100 -4.57 -13.97 0.74
N ALA A 101 -5.20 -13.00 0.07
CA ALA A 101 -4.72 -12.54 -1.22
C ALA A 101 -3.43 -11.74 -1.08
N LEU A 102 -3.37 -10.89 -0.06
CA LEU A 102 -2.19 -10.07 0.19
C LEU A 102 -1.03 -10.92 0.71
N LEU A 103 -1.37 -11.93 1.52
CA LEU A 103 -0.36 -12.82 2.08
C LEU A 103 0.54 -13.39 0.97
N ARG A 104 -0.04 -13.63 -0.20
CA ARG A 104 0.70 -14.18 -1.32
C ARG A 104 1.73 -13.17 -1.82
N GLU A 105 1.38 -11.89 -1.75
CA GLU A 105 2.28 -10.82 -2.20
C GLU A 105 3.66 -10.98 -1.59
N LEU A 106 3.72 -11.07 -0.26
CA LEU A 106 4.98 -11.22 0.46
C LEU A 106 5.79 -12.37 -0.12
N SER A 107 5.10 -13.39 -0.62
CA SER A 107 5.75 -14.56 -1.20
C SER A 107 6.49 -14.18 -2.48
N ASP A 108 5.89 -13.31 -3.28
CA ASP A 108 6.50 -12.87 -4.53
C ASP A 108 7.54 -11.80 -4.28
N ALA A 109 7.20 -10.84 -3.41
CA ALA A 109 8.11 -9.75 -3.09
C ALA A 109 9.34 -10.26 -2.34
N LEU A 110 9.13 -11.29 -1.52
CA LEU A 110 10.22 -11.87 -0.74
C LEU A 110 10.24 -13.38 -0.91
N MET A 1 4.35 -2.10 26.36
CA MET A 1 3.54 -0.88 26.43
C MET A 1 3.16 -0.40 25.03
N SER A 2 4.08 -0.57 24.08
CA SER A 2 3.84 -0.15 22.70
C SER A 2 4.93 -0.68 21.78
N GLU A 3 4.58 -1.68 20.97
CA GLU A 3 5.52 -2.28 20.04
C GLU A 3 5.68 -1.41 18.80
N ASP A 4 6.57 -1.83 17.89
CA ASP A 4 6.81 -1.10 16.66
C ASP A 4 5.79 -1.48 15.59
N SER A 5 5.60 -0.59 14.62
CA SER A 5 4.66 -0.83 13.54
C SER A 5 5.39 -0.95 12.20
N ALA A 6 6.48 -0.22 12.06
CA ALA A 6 7.27 -0.25 10.83
C ALA A 6 6.42 0.12 9.62
N THR A 7 5.60 1.16 9.78
CA THR A 7 4.73 1.61 8.70
C THR A 7 4.73 3.13 8.59
N VAL A 8 5.23 3.63 7.48
CA VAL A 8 5.29 5.08 7.25
C VAL A 8 4.80 5.44 5.85
N ALA A 9 3.86 6.38 5.79
CA ALA A 9 3.31 6.82 4.51
C ALA A 9 4.19 7.89 3.87
N VAL A 10 3.98 8.12 2.57
CA VAL A 10 4.75 9.12 1.84
C VAL A 10 3.86 9.94 0.93
N THR A 11 4.41 11.04 0.41
CA THR A 11 3.66 11.92 -0.47
C THR A 11 3.71 11.44 -1.92
N ASP A 12 2.89 12.03 -2.77
CA ASP A 12 2.84 11.66 -4.18
C ASP A 12 4.02 12.26 -4.94
N ASP A 13 4.21 13.57 -4.77
CA ASP A 13 5.30 14.27 -5.45
C ASP A 13 6.65 13.70 -5.02
N SER A 14 6.76 13.32 -3.76
CA SER A 14 8.00 12.76 -3.23
C SER A 14 7.89 11.25 -3.05
N PHE A 15 7.17 10.60 -3.96
CA PHE A 15 6.98 9.17 -3.91
C PHE A 15 8.16 8.44 -4.57
N SER A 16 8.34 8.65 -5.86
CA SER A 16 9.42 8.02 -6.61
C SER A 16 10.77 8.35 -5.97
N THR A 17 10.96 9.60 -5.59
CA THR A 17 12.20 10.04 -4.97
C THR A 17 12.50 9.23 -3.72
N ASP A 18 11.45 8.82 -3.01
CA ASP A 18 11.60 8.04 -1.79
C ASP A 18 11.73 6.55 -2.11
N VAL A 19 10.70 5.99 -2.73
CA VAL A 19 10.69 4.58 -3.09
C VAL A 19 11.89 4.23 -3.96
N LEU A 20 11.96 4.83 -5.14
CA LEU A 20 13.07 4.58 -6.07
C LEU A 20 14.39 4.98 -5.44
N GLY A 21 14.37 6.03 -4.62
CA GLY A 21 15.57 6.50 -3.97
C GLY A 21 16.08 5.53 -2.92
N SER A 22 15.16 4.76 -2.34
CA SER A 22 15.52 3.80 -1.30
C SER A 22 16.13 2.54 -1.92
N SER A 23 17.42 2.32 -1.67
CA SER A 23 18.12 1.17 -2.21
C SER A 23 17.37 -0.12 -1.88
N LYS A 24 16.74 -0.15 -0.71
CA LYS A 24 15.98 -1.32 -0.27
C LYS A 24 14.57 -1.29 -0.84
N PRO A 25 13.95 -2.48 -0.97
CA PRO A 25 12.60 -2.62 -1.50
C PRO A 25 11.54 -2.07 -0.55
N VAL A 26 10.39 -1.72 -1.10
CA VAL A 26 9.29 -1.18 -0.30
C VAL A 26 7.94 -1.54 -0.91
N LEU A 27 6.88 -1.37 -0.12
CA LEU A 27 5.54 -1.67 -0.58
C LEU A 27 4.59 -0.49 -0.34
N VAL A 28 3.78 -0.18 -1.34
CA VAL A 28 2.83 0.92 -1.24
C VAL A 28 1.44 0.50 -1.73
N ASP A 29 0.41 1.01 -1.06
CA ASP A 29 -0.96 0.69 -1.43
C ASP A 29 -1.80 1.95 -1.55
N PHE A 30 -2.64 2.00 -2.58
CA PHE A 30 -3.50 3.16 -2.82
C PHE A 30 -4.82 3.02 -2.05
N TRP A 31 -5.18 4.08 -1.33
CA TRP A 31 -6.41 4.09 -0.55
C TRP A 31 -6.96 5.50 -0.41
N ALA A 32 -8.27 5.65 -0.55
CA ALA A 32 -8.92 6.94 -0.42
C ALA A 32 -9.30 7.24 1.02
N THR A 33 -9.83 8.44 1.26
CA THR A 33 -10.25 8.84 2.60
C THR A 33 -11.66 8.38 2.90
N TRP A 34 -12.51 8.36 1.87
CA TRP A 34 -13.89 7.94 2.03
C TRP A 34 -14.11 6.57 1.42
N CYS A 35 -13.04 5.77 1.36
CA CYS A 35 -13.12 4.43 0.80
C CYS A 35 -14.26 3.64 1.44
N GLY A 36 -15.19 3.17 0.60
CA GLY A 36 -16.32 2.41 1.10
C GLY A 36 -15.89 1.24 1.97
N PRO A 37 -15.24 0.25 1.35
CA PRO A 37 -14.77 -0.95 2.06
C PRO A 37 -13.61 -0.64 3.00
N CYS A 38 -13.91 0.09 4.07
CA CYS A 38 -12.88 0.45 5.05
C CYS A 38 -12.73 -0.65 6.10
N LYS A 39 -13.86 -1.15 6.59
CA LYS A 39 -13.85 -2.21 7.60
C LYS A 39 -13.51 -3.55 6.97
N MET A 40 -14.14 -3.85 5.84
CA MET A 40 -13.91 -5.10 5.14
C MET A 40 -12.40 -5.33 4.92
N VAL A 41 -11.67 -4.25 4.76
CA VAL A 41 -10.23 -4.33 4.54
C VAL A 41 -9.47 -3.55 5.61
N ALA A 42 -10.12 -3.31 6.74
CA ALA A 42 -9.51 -2.57 7.84
C ALA A 42 -8.40 -3.39 8.49
N PRO A 43 -8.75 -4.56 9.03
CA PRO A 43 -7.79 -5.46 9.69
C PRO A 43 -6.82 -6.09 8.70
N VAL A 44 -7.29 -6.31 7.47
CA VAL A 44 -6.47 -6.92 6.44
C VAL A 44 -5.13 -6.18 6.31
N LEU A 45 -5.20 -4.91 5.95
CA LEU A 45 -4.00 -4.09 5.78
C LEU A 45 -3.13 -4.14 7.04
N GLU A 46 -3.78 -4.26 8.20
CA GLU A 46 -3.07 -4.32 9.47
C GLU A 46 -2.23 -5.58 9.56
N GLU A 47 -2.89 -6.73 9.45
CA GLU A 47 -2.21 -8.02 9.52
C GLU A 47 -1.21 -8.17 8.38
N ILE A 48 -1.58 -7.69 7.20
CA ILE A 48 -0.70 -7.77 6.04
C ILE A 48 0.51 -6.86 6.20
N ALA A 49 0.31 -5.73 6.86
CA ALA A 49 1.40 -4.77 7.09
C ALA A 49 2.41 -5.32 8.09
N ALA A 50 1.91 -6.04 9.10
CA ALA A 50 2.76 -6.61 10.12
C ALA A 50 3.36 -7.94 9.66
N GLU A 51 2.65 -8.61 8.76
CA GLU A 51 3.11 -9.90 8.24
C GLU A 51 4.55 -9.81 7.76
N LYS A 52 4.78 -9.00 6.73
CA LYS A 52 6.13 -8.82 6.18
C LYS A 52 6.65 -7.43 6.50
N GLY A 53 6.08 -6.80 7.51
CA GLY A 53 6.51 -5.46 7.89
C GLY A 53 7.89 -5.47 8.54
N ASP A 54 8.27 -6.60 9.11
CA ASP A 54 9.57 -6.74 9.76
C ASP A 54 10.69 -6.83 8.73
N GLN A 55 10.39 -7.44 7.59
CA GLN A 55 11.38 -7.60 6.53
C GLN A 55 11.30 -6.44 5.54
N LEU A 56 10.09 -6.00 5.24
CA LEU A 56 9.88 -4.90 4.31
C LEU A 56 9.03 -3.80 4.95
N THR A 57 8.98 -2.65 4.30
CA THR A 57 8.21 -1.51 4.80
C THR A 57 6.93 -1.33 4.00
N VAL A 58 5.80 -1.25 4.70
CA VAL A 58 4.51 -1.06 4.05
C VAL A 58 4.00 0.37 4.22
N ALA A 59 3.61 1.00 3.12
CA ALA A 59 3.10 2.36 3.16
C ALA A 59 1.83 2.50 2.34
N LYS A 60 1.18 3.65 2.43
CA LYS A 60 -0.05 3.91 1.69
C LYS A 60 -0.09 5.35 1.20
N ILE A 61 -0.82 5.57 0.11
CA ILE A 61 -0.95 6.91 -0.46
C ILE A 61 -2.25 7.57 -0.01
N ASP A 62 -2.33 8.88 -0.20
CA ASP A 62 -3.51 9.65 0.20
C ASP A 62 -4.20 10.22 -1.03
N VAL A 63 -5.26 9.55 -1.48
CA VAL A 63 -6.02 10.00 -2.65
C VAL A 63 -6.40 11.47 -2.51
N ASP A 64 -6.60 11.92 -1.27
CA ASP A 64 -6.97 13.30 -1.02
C ASP A 64 -5.99 14.27 -1.67
N ALA A 65 -4.73 13.87 -1.74
CA ALA A 65 -3.70 14.69 -2.35
C ALA A 65 -3.71 14.55 -3.86
N ASN A 66 -4.04 13.36 -4.35
CA ASN A 66 -4.09 13.11 -5.78
C ASN A 66 -5.51 12.74 -6.22
N PRO A 67 -6.42 13.72 -6.15
CA PRO A 67 -7.82 13.52 -6.53
C PRO A 67 -7.98 13.33 -8.04
N ALA A 68 -7.06 13.90 -8.81
CA ALA A 68 -7.11 13.79 -10.26
C ALA A 68 -7.29 12.34 -10.69
N THR A 69 -6.76 11.42 -9.90
CA THR A 69 -6.86 9.99 -10.20
C THR A 69 -8.28 9.49 -10.04
N ALA A 70 -8.80 9.56 -8.82
CA ALA A 70 -10.16 9.12 -8.53
C ALA A 70 -11.17 9.91 -9.34
N ARG A 71 -11.08 11.24 -9.26
CA ARG A 71 -11.99 12.12 -9.99
C ARG A 71 -12.06 11.74 -11.47
N ASP A 72 -10.95 11.20 -11.98
CA ASP A 72 -10.89 10.78 -13.38
C ASP A 72 -12.09 9.93 -13.75
N PHE A 73 -12.32 8.87 -12.99
CA PHE A 73 -13.45 7.98 -13.25
C PHE A 73 -14.48 8.06 -12.13
N GLN A 74 -14.51 9.20 -11.45
CA GLN A 74 -15.44 9.42 -10.35
C GLN A 74 -15.44 8.24 -9.38
N VAL A 75 -14.24 7.89 -8.91
CA VAL A 75 -14.10 6.77 -7.97
C VAL A 75 -13.90 7.27 -6.55
N VAL A 76 -14.57 6.63 -5.60
CA VAL A 76 -14.45 7.00 -4.19
C VAL A 76 -13.52 6.07 -3.44
N SER A 77 -13.52 4.79 -3.84
CA SER A 77 -12.67 3.79 -3.20
C SER A 77 -11.74 3.15 -4.21
N ILE A 78 -10.44 3.29 -3.98
CA ILE A 78 -9.44 2.72 -4.87
C ILE A 78 -8.44 1.85 -4.11
N PRO A 79 -8.93 0.72 -3.58
CA PRO A 79 -8.09 -0.22 -2.82
C PRO A 79 -7.08 -0.94 -3.70
N THR A 80 -5.94 -0.30 -3.93
CA THR A 80 -4.89 -0.88 -4.75
C THR A 80 -3.66 -1.21 -3.92
N MET A 81 -2.86 -2.15 -4.40
CA MET A 81 -1.64 -2.55 -3.70
C MET A 81 -0.51 -2.83 -4.69
N ILE A 82 0.47 -1.94 -4.71
CA ILE A 82 1.61 -2.09 -5.61
C ILE A 82 2.89 -2.35 -4.83
N LEU A 83 3.67 -3.32 -5.30
CA LEU A 83 4.94 -3.67 -4.65
C LEU A 83 6.12 -3.16 -5.45
N PHE A 84 7.13 -2.65 -4.75
CA PHE A 84 8.33 -2.12 -5.40
C PHE A 84 9.58 -2.82 -4.87
N LYS A 85 10.33 -3.44 -5.77
CA LYS A 85 11.55 -4.14 -5.40
C LYS A 85 12.72 -3.68 -6.26
N ASP A 86 13.84 -3.36 -5.61
CA ASP A 86 15.03 -2.91 -6.32
C ASP A 86 14.76 -1.61 -7.07
N GLY A 87 13.92 -0.76 -6.49
CA GLY A 87 13.59 0.51 -7.12
C GLY A 87 12.79 0.33 -8.40
N ALA A 88 12.19 -0.84 -8.56
CA ALA A 88 11.40 -1.14 -9.76
C ALA A 88 10.15 -1.93 -9.40
N PRO A 89 9.14 -1.87 -10.28
CA PRO A 89 7.88 -2.57 -10.08
C PRO A 89 8.02 -4.08 -10.21
N VAL A 90 7.53 -4.81 -9.21
CA VAL A 90 7.61 -6.27 -9.21
C VAL A 90 6.22 -6.89 -9.22
N LYS A 91 5.30 -6.26 -8.50
CA LYS A 91 3.93 -6.75 -8.42
C LYS A 91 2.94 -5.60 -8.31
N ARG A 92 1.70 -5.84 -8.74
CA ARG A 92 0.66 -4.82 -8.70
C ARG A 92 -0.73 -5.45 -8.70
N ILE A 93 -1.48 -5.20 -7.64
CA ILE A 93 -2.83 -5.76 -7.53
C ILE A 93 -3.86 -4.65 -7.30
N VAL A 94 -5.03 -4.81 -7.89
CA VAL A 94 -6.10 -3.83 -7.76
C VAL A 94 -7.39 -4.49 -7.27
N GLY A 95 -7.77 -4.19 -6.03
CA GLY A 95 -8.97 -4.76 -5.46
C GLY A 95 -8.96 -4.74 -3.94
N ALA A 96 -10.11 -5.03 -3.34
CA ALA A 96 -10.23 -5.05 -1.89
C ALA A 96 -10.86 -6.35 -1.40
N LYS A 97 -10.05 -7.39 -1.28
CA LYS A 97 -10.52 -8.70 -0.83
C LYS A 97 -9.88 -9.08 0.49
N GLY A 98 -10.09 -10.32 0.92
CA GLY A 98 -9.51 -10.79 2.17
C GLY A 98 -8.00 -10.83 2.13
N LYS A 99 -7.38 -10.75 3.30
CA LYS A 99 -5.92 -10.77 3.40
C LYS A 99 -5.36 -11.98 2.66
N ALA A 100 -6.13 -13.06 2.62
CA ALA A 100 -5.70 -14.28 1.94
C ALA A 100 -5.23 -13.99 0.52
N ALA A 101 -5.90 -13.04 -0.13
CA ALA A 101 -5.55 -12.67 -1.49
C ALA A 101 -4.28 -11.80 -1.51
N LEU A 102 -4.13 -10.96 -0.50
CA LEU A 102 -2.97 -10.08 -0.41
C LEU A 102 -1.71 -10.88 -0.07
N LEU A 103 -1.87 -11.91 0.75
CA LEU A 103 -0.75 -12.76 1.14
C LEU A 103 0.02 -13.24 -0.08
N ARG A 104 -0.71 -13.53 -1.15
CA ARG A 104 -0.09 -14.01 -2.38
C ARG A 104 1.04 -13.07 -2.82
N GLU A 105 0.85 -11.78 -2.60
CA GLU A 105 1.85 -10.78 -2.98
C GLU A 105 3.05 -10.84 -2.04
N LEU A 106 2.79 -11.09 -0.76
CA LEU A 106 3.85 -11.18 0.23
C LEU A 106 4.70 -12.42 0.02
N SER A 107 4.03 -13.56 -0.18
CA SER A 107 4.72 -14.82 -0.39
C SER A 107 5.62 -14.75 -1.63
N ASP A 108 5.12 -14.11 -2.67
CA ASP A 108 5.87 -13.97 -3.91
C ASP A 108 7.07 -13.05 -3.73
N ALA A 109 6.89 -12.00 -2.94
CA ALA A 109 7.96 -11.05 -2.68
C ALA A 109 9.09 -11.70 -1.89
N LEU A 110 8.74 -12.59 -0.98
CA LEU A 110 9.73 -13.29 -0.16
C LEU A 110 9.43 -14.79 -0.10
N MET A 1 5.15 -10.33 18.52
CA MET A 1 4.85 -10.55 17.11
C MET A 1 4.16 -9.32 16.50
N SER A 2 3.12 -8.84 17.17
CA SER A 2 2.37 -7.68 16.69
C SER A 2 3.10 -6.39 17.05
N GLU A 3 3.99 -5.95 16.16
CA GLU A 3 4.74 -4.73 16.38
C GLU A 3 3.88 -3.50 16.11
N ASP A 4 4.30 -2.36 16.65
CA ASP A 4 3.57 -1.11 16.47
C ASP A 4 4.49 -0.01 15.98
N SER A 5 3.91 1.02 15.36
CA SER A 5 4.69 2.15 14.85
C SER A 5 5.68 1.67 13.79
N ALA A 6 5.17 1.00 12.76
CA ALA A 6 6.01 0.51 11.68
C ALA A 6 5.42 0.84 10.31
N THR A 7 4.79 2.01 10.21
CA THR A 7 4.18 2.44 8.97
C THR A 7 4.33 3.95 8.78
N VAL A 8 4.96 4.35 7.68
CA VAL A 8 5.15 5.75 7.37
C VAL A 8 4.69 6.09 5.96
N ALA A 9 3.78 7.06 5.87
CA ALA A 9 3.24 7.48 4.58
C ALA A 9 4.18 8.47 3.89
N VAL A 10 4.16 8.46 2.56
CA VAL A 10 5.01 9.35 1.78
C VAL A 10 4.18 10.29 0.93
N THR A 11 4.86 11.17 0.19
CA THR A 11 4.17 12.13 -0.68
C THR A 11 4.17 11.66 -2.12
N ASP A 12 3.16 12.06 -2.87
CA ASP A 12 3.04 11.68 -4.29
C ASP A 12 4.20 12.24 -5.09
N ASP A 13 4.51 13.51 -4.88
CA ASP A 13 5.60 14.17 -5.59
C ASP A 13 6.94 13.53 -5.22
N SER A 14 7.10 13.20 -3.94
CA SER A 14 8.34 12.59 -3.46
C SER A 14 8.16 11.10 -3.25
N PHE A 15 7.37 10.47 -4.12
CA PHE A 15 7.11 9.04 -4.03
C PHE A 15 8.23 8.24 -4.71
N SER A 16 8.37 8.44 -6.02
CA SER A 16 9.39 7.75 -6.79
C SER A 16 10.78 8.00 -6.21
N THR A 17 11.04 9.27 -5.87
CA THR A 17 12.33 9.65 -5.30
C THR A 17 12.64 8.86 -4.04
N ASP A 18 11.60 8.51 -3.29
CA ASP A 18 11.78 7.74 -2.06
C ASP A 18 11.82 6.25 -2.36
N VAL A 19 10.75 5.72 -2.94
CA VAL A 19 10.67 4.30 -3.28
C VAL A 19 11.82 3.89 -4.18
N LEU A 20 11.86 4.47 -5.37
CA LEU A 20 12.91 4.16 -6.34
C LEU A 20 14.28 4.51 -5.79
N GLY A 21 14.33 5.57 -4.99
CA GLY A 21 15.60 6.00 -4.40
C GLY A 21 16.09 5.04 -3.35
N SER A 22 15.17 4.33 -2.72
CA SER A 22 15.52 3.37 -1.68
C SER A 22 15.67 1.97 -2.25
N SER A 23 16.93 1.52 -2.39
CA SER A 23 17.22 0.21 -2.94
C SER A 23 16.42 -0.88 -2.20
N LYS A 24 16.24 -0.67 -0.90
CA LYS A 24 15.50 -1.63 -0.07
C LYS A 24 14.06 -1.76 -0.55
N PRO A 25 13.44 -2.91 -0.27
CA PRO A 25 12.06 -3.18 -0.66
C PRO A 25 11.06 -2.35 0.12
N VAL A 26 9.98 -1.93 -0.54
CA VAL A 26 8.95 -1.13 0.08
C VAL A 26 7.58 -1.42 -0.51
N LEU A 27 6.57 -1.46 0.35
CA LEU A 27 5.20 -1.74 -0.09
C LEU A 27 4.32 -0.49 0.04
N VAL A 28 3.50 -0.25 -0.96
CA VAL A 28 2.60 0.90 -0.95
C VAL A 28 1.16 0.47 -1.22
N ASP A 29 0.21 1.15 -0.56
CA ASP A 29 -1.20 0.84 -0.73
C ASP A 29 -1.97 2.08 -1.18
N PHE A 30 -2.67 1.96 -2.30
CA PHE A 30 -3.46 3.06 -2.83
C PHE A 30 -4.88 3.05 -2.28
N TRP A 31 -5.27 4.15 -1.66
CA TRP A 31 -6.60 4.26 -1.08
C TRP A 31 -6.99 5.73 -0.90
N ALA A 32 -8.30 5.98 -0.81
CA ALA A 32 -8.80 7.34 -0.63
C ALA A 32 -9.28 7.56 0.80
N THR A 33 -9.18 8.80 1.27
CA THR A 33 -9.62 9.15 2.61
C THR A 33 -11.05 8.71 2.87
N TRP A 34 -11.87 8.77 1.83
CA TRP A 34 -13.27 8.38 1.95
C TRP A 34 -13.49 6.97 1.41
N CYS A 35 -12.43 6.16 1.44
CA CYS A 35 -12.50 4.79 0.95
C CYS A 35 -13.68 4.05 1.59
N GLY A 36 -14.57 3.53 0.74
CA GLY A 36 -15.73 2.81 1.24
C GLY A 36 -15.34 1.61 2.08
N PRO A 37 -14.74 0.59 1.43
CA PRO A 37 -14.32 -0.63 2.10
C PRO A 37 -13.13 -0.40 3.04
N CYS A 38 -13.37 0.36 4.11
CA CYS A 38 -12.33 0.65 5.09
C CYS A 38 -12.23 -0.45 6.13
N LYS A 39 -13.38 -1.03 6.49
CA LYS A 39 -13.42 -2.09 7.48
C LYS A 39 -12.98 -3.42 6.87
N MET A 40 -13.48 -3.71 5.67
CA MET A 40 -13.12 -4.95 4.98
C MET A 40 -11.61 -5.12 4.92
N VAL A 41 -10.89 -4.01 4.83
CA VAL A 41 -9.45 -4.05 4.75
C VAL A 41 -8.81 -3.27 5.91
N ALA A 42 -9.58 -3.07 6.97
CA ALA A 42 -9.11 -2.34 8.14
C ALA A 42 -8.05 -3.13 8.89
N PRO A 43 -8.44 -4.33 9.38
CA PRO A 43 -7.52 -5.21 10.12
C PRO A 43 -6.45 -5.81 9.23
N VAL A 44 -6.79 -6.06 7.96
CA VAL A 44 -5.85 -6.64 7.01
C VAL A 44 -4.57 -5.80 6.93
N LEU A 45 -4.72 -4.55 6.53
CA LEU A 45 -3.58 -3.65 6.41
C LEU A 45 -2.76 -3.63 7.70
N GLU A 46 -3.45 -3.79 8.83
CA GLU A 46 -2.78 -3.80 10.13
C GLU A 46 -1.88 -5.02 10.28
N GLU A 47 -2.46 -6.20 10.12
CA GLU A 47 -1.71 -7.45 10.24
C GLU A 47 -0.63 -7.54 9.17
N ILE A 48 -0.97 -7.06 7.97
CA ILE A 48 -0.03 -7.08 6.86
C ILE A 48 1.11 -6.11 7.07
N ALA A 49 0.80 -4.97 7.69
CA ALA A 49 1.81 -3.95 7.97
C ALA A 49 2.85 -4.46 8.95
N ALA A 50 2.40 -5.21 9.95
CA ALA A 50 3.30 -5.76 10.96
C ALA A 50 3.92 -7.07 10.47
N GLU A 51 3.19 -7.81 9.65
CA GLU A 51 3.68 -9.07 9.12
C GLU A 51 5.08 -8.91 8.54
N LYS A 52 5.18 -8.12 7.48
CA LYS A 52 6.47 -7.89 6.82
C LYS A 52 6.98 -6.49 7.13
N GLY A 53 6.48 -5.90 8.20
CA GLY A 53 6.90 -4.56 8.58
C GLY A 53 8.40 -4.45 8.75
N ASP A 54 9.03 -5.55 9.18
CA ASP A 54 10.47 -5.58 9.39
C ASP A 54 11.20 -5.85 8.08
N GLN A 55 10.57 -6.63 7.20
CA GLN A 55 11.16 -6.97 5.92
C GLN A 55 11.13 -5.77 4.97
N LEU A 56 10.03 -5.03 5.00
CA LEU A 56 9.87 -3.86 4.15
C LEU A 56 8.93 -2.84 4.79
N THR A 57 9.03 -1.60 4.35
CA THR A 57 8.19 -0.52 4.88
C THR A 57 6.86 -0.46 4.15
N VAL A 58 5.77 -0.53 4.90
CA VAL A 58 4.43 -0.48 4.32
C VAL A 58 3.82 0.91 4.46
N ALA A 59 3.55 1.55 3.32
CA ALA A 59 2.97 2.89 3.32
C ALA A 59 1.73 2.94 2.44
N LYS A 60 1.09 4.10 2.39
CA LYS A 60 -0.12 4.29 1.59
C LYS A 60 -0.18 5.70 1.01
N ILE A 61 -0.88 5.86 -0.10
CA ILE A 61 -1.02 7.16 -0.73
C ILE A 61 -2.31 7.85 -0.30
N ASP A 62 -2.42 9.13 -0.60
CA ASP A 62 -3.61 9.92 -0.24
C ASP A 62 -4.32 10.43 -1.49
N VAL A 63 -5.33 9.70 -1.92
CA VAL A 63 -6.11 10.08 -3.10
C VAL A 63 -6.56 11.52 -3.02
N ASP A 64 -6.81 11.99 -1.80
CA ASP A 64 -7.26 13.36 -1.58
C ASP A 64 -6.30 14.35 -2.24
N ALA A 65 -5.01 14.04 -2.21
CA ALA A 65 -3.99 14.89 -2.80
C ALA A 65 -3.90 14.67 -4.30
N ASN A 66 -4.11 13.42 -4.73
CA ASN A 66 -4.03 13.08 -6.15
C ASN A 66 -5.40 12.66 -6.67
N PRO A 67 -6.30 13.65 -6.84
CA PRO A 67 -7.66 13.40 -7.34
C PRO A 67 -7.67 12.99 -8.81
N ALA A 68 -6.64 13.39 -9.55
CA ALA A 68 -6.53 13.05 -10.95
C ALA A 68 -6.75 11.56 -11.19
N THR A 69 -6.36 10.75 -10.21
CA THR A 69 -6.52 9.30 -10.30
C THR A 69 -7.99 8.90 -10.22
N ALA A 70 -8.60 9.17 -9.07
CA ALA A 70 -10.00 8.83 -8.86
C ALA A 70 -10.89 9.52 -9.88
N ARG A 71 -10.75 10.84 -9.99
CA ARG A 71 -11.53 11.63 -10.93
C ARG A 71 -11.49 11.02 -12.33
N ASP A 72 -10.36 10.39 -12.65
CA ASP A 72 -10.18 9.77 -13.95
C ASP A 72 -11.37 8.88 -14.30
N PHE A 73 -11.70 7.96 -13.40
CA PHE A 73 -12.83 7.05 -13.62
C PHE A 73 -13.96 7.35 -12.63
N GLN A 74 -13.95 8.55 -12.08
CA GLN A 74 -14.98 8.95 -11.12
C GLN A 74 -15.19 7.87 -10.07
N VAL A 75 -14.11 7.49 -9.38
CA VAL A 75 -14.18 6.47 -8.35
C VAL A 75 -13.85 7.05 -6.97
N VAL A 76 -14.72 6.81 -6.01
CA VAL A 76 -14.52 7.30 -4.65
C VAL A 76 -13.68 6.33 -3.83
N SER A 77 -13.86 5.04 -4.09
CA SER A 77 -13.13 4.01 -3.37
C SER A 77 -12.18 3.25 -4.30
N ILE A 78 -10.89 3.32 -4.00
CA ILE A 78 -9.89 2.65 -4.82
C ILE A 78 -8.93 1.83 -3.95
N PRO A 79 -9.46 0.76 -3.34
CA PRO A 79 -8.68 -0.13 -2.48
C PRO A 79 -7.67 -0.96 -3.27
N THR A 80 -6.56 -0.33 -3.64
CA THR A 80 -5.51 -1.00 -4.40
C THR A 80 -4.24 -1.16 -3.57
N MET A 81 -3.42 -2.14 -3.93
CA MET A 81 -2.18 -2.39 -3.22
C MET A 81 -1.08 -2.83 -4.18
N ILE A 82 0.02 -2.09 -4.20
CA ILE A 82 1.14 -2.40 -5.07
C ILE A 82 2.44 -2.54 -4.28
N LEU A 83 3.27 -3.50 -4.69
CA LEU A 83 4.54 -3.74 -4.01
C LEU A 83 5.71 -3.26 -4.87
N PHE A 84 6.69 -2.64 -4.23
CA PHE A 84 7.87 -2.15 -4.95
C PHE A 84 9.15 -2.74 -4.36
N LYS A 85 9.91 -3.41 -5.21
CA LYS A 85 11.17 -4.04 -4.78
C LYS A 85 12.33 -3.58 -5.67
N ASP A 86 13.41 -3.15 -5.04
CA ASP A 86 14.59 -2.70 -5.77
C ASP A 86 14.25 -1.53 -6.68
N GLY A 87 13.32 -0.69 -6.23
CA GLY A 87 12.91 0.47 -7.02
C GLY A 87 12.17 0.08 -8.27
N ALA A 88 11.60 -1.12 -8.28
CA ALA A 88 10.85 -1.61 -9.42
C ALA A 88 9.59 -2.37 -8.99
N PRO A 89 8.61 -2.45 -9.90
CA PRO A 89 7.34 -3.15 -9.62
C PRO A 89 7.52 -4.66 -9.52
N VAL A 90 7.01 -5.23 -8.43
CA VAL A 90 7.11 -6.67 -8.21
C VAL A 90 5.73 -7.31 -8.07
N LYS A 91 4.81 -6.55 -7.48
CA LYS A 91 3.44 -7.03 -7.28
C LYS A 91 2.43 -5.91 -7.51
N ARG A 92 1.20 -6.29 -7.86
CA ARG A 92 0.14 -5.32 -8.10
C ARG A 92 -1.23 -5.97 -8.00
N ILE A 93 -2.02 -5.53 -7.03
CA ILE A 93 -3.36 -6.07 -6.83
C ILE A 93 -4.38 -4.96 -6.57
N VAL A 94 -5.59 -5.14 -7.08
CA VAL A 94 -6.64 -4.15 -6.89
C VAL A 94 -7.91 -4.80 -6.35
N GLY A 95 -8.64 -4.06 -5.52
CA GLY A 95 -9.87 -4.58 -4.95
C GLY A 95 -9.73 -4.88 -3.47
N ALA A 96 -10.85 -4.81 -2.75
CA ALA A 96 -10.85 -5.07 -1.31
C ALA A 96 -11.13 -6.54 -1.03
N LYS A 97 -10.06 -7.30 -0.79
CA LYS A 97 -10.18 -8.73 -0.51
C LYS A 97 -9.67 -9.05 0.90
N GLY A 98 -9.66 -10.33 1.23
CA GLY A 98 -9.18 -10.75 2.54
C GLY A 98 -7.67 -10.71 2.66
N LYS A 99 -7.18 -10.67 3.89
CA LYS A 99 -5.74 -10.63 4.13
C LYS A 99 -5.04 -11.84 3.50
N ALA A 100 -5.76 -12.95 3.42
CA ALA A 100 -5.22 -14.17 2.83
C ALA A 100 -4.63 -13.89 1.45
N ALA A 101 -5.28 -13.00 0.70
CA ALA A 101 -4.81 -12.65 -0.64
C ALA A 101 -3.58 -11.77 -0.58
N LEU A 102 -3.72 -10.60 0.05
CA LEU A 102 -2.61 -9.66 0.17
C LEU A 102 -1.37 -10.35 0.73
N LEU A 103 -1.59 -11.25 1.68
CA LEU A 103 -0.49 -11.99 2.30
C LEU A 103 0.41 -12.61 1.24
N ARG A 104 -0.19 -13.06 0.14
CA ARG A 104 0.56 -13.68 -0.94
C ARG A 104 1.41 -12.65 -1.67
N GLU A 105 0.88 -11.44 -1.81
CA GLU A 105 1.59 -10.37 -2.49
C GLU A 105 2.96 -10.13 -1.86
N LEU A 106 2.96 -9.82 -0.57
CA LEU A 106 4.21 -9.57 0.15
C LEU A 106 5.08 -10.83 0.17
N SER A 107 4.44 -11.99 0.28
CA SER A 107 5.16 -13.25 0.32
C SER A 107 5.89 -13.50 -0.99
N ASP A 108 5.27 -13.10 -2.09
CA ASP A 108 5.86 -13.28 -3.42
C ASP A 108 7.14 -12.46 -3.55
N ALA A 109 7.12 -11.24 -3.02
CA ALA A 109 8.26 -10.35 -3.08
C ALA A 109 9.34 -10.78 -2.08
N LEU A 110 8.91 -11.28 -0.94
CA LEU A 110 9.83 -11.73 0.10
C LEU A 110 9.77 -13.25 0.27
N MET A 1 15.81 -6.93 18.81
CA MET A 1 16.13 -7.11 17.39
C MET A 1 15.01 -6.58 16.51
N SER A 2 13.78 -6.95 16.84
CA SER A 2 12.62 -6.51 16.07
C SER A 2 12.00 -5.26 16.68
N GLU A 3 11.80 -4.24 15.85
CA GLU A 3 11.21 -2.98 16.31
C GLU A 3 9.79 -2.81 15.79
N ASP A 4 9.01 -1.96 16.44
CA ASP A 4 7.64 -1.71 16.03
C ASP A 4 7.45 -0.27 15.58
N SER A 5 6.25 0.07 15.14
CA SER A 5 5.94 1.42 14.68
C SER A 5 6.80 1.78 13.47
N ALA A 6 6.85 0.87 12.49
CA ALA A 6 7.62 1.08 11.28
C ALA A 6 6.72 1.36 10.08
N THR A 7 5.62 2.07 10.33
CA THR A 7 4.68 2.40 9.27
C THR A 7 4.43 3.90 9.20
N VAL A 8 4.79 4.50 8.08
CA VAL A 8 4.60 5.94 7.88
C VAL A 8 4.12 6.24 6.47
N ALA A 9 3.14 7.13 6.37
CA ALA A 9 2.58 7.51 5.08
C ALA A 9 3.46 8.55 4.38
N VAL A 10 3.50 8.48 3.05
CA VAL A 10 4.31 9.41 2.27
C VAL A 10 3.43 10.28 1.38
N THR A 11 4.05 11.27 0.74
CA THR A 11 3.32 12.18 -0.15
C THR A 11 3.48 11.77 -1.60
N ASP A 12 2.56 12.22 -2.44
CA ASP A 12 2.59 11.90 -3.86
C ASP A 12 3.84 12.47 -4.52
N ASP A 13 4.12 13.74 -4.24
CA ASP A 13 5.29 14.41 -4.81
C ASP A 13 6.58 13.76 -4.30
N SER A 14 6.64 13.50 -3.00
CA SER A 14 7.81 12.89 -2.40
C SER A 14 7.64 11.37 -2.29
N PHE A 15 7.01 10.79 -3.30
CA PHE A 15 6.78 9.34 -3.32
C PHE A 15 7.99 8.60 -3.87
N SER A 16 8.41 8.97 -5.08
CA SER A 16 9.56 8.34 -5.71
C SER A 16 10.84 8.68 -4.97
N THR A 17 10.93 9.91 -4.46
CA THR A 17 12.11 10.36 -3.73
C THR A 17 12.41 9.44 -2.56
N ASP A 18 11.37 8.85 -1.99
CA ASP A 18 11.52 7.94 -0.86
C ASP A 18 11.56 6.50 -1.33
N VAL A 19 10.57 6.11 -2.12
CA VAL A 19 10.49 4.75 -2.65
C VAL A 19 11.72 4.41 -3.48
N LEU A 20 11.88 5.13 -4.59
CA LEU A 20 13.01 4.91 -5.48
C LEU A 20 14.33 5.25 -4.80
N GLY A 21 14.29 6.25 -3.93
CA GLY A 21 15.49 6.66 -3.22
C GLY A 21 15.93 5.63 -2.20
N SER A 22 14.98 4.86 -1.68
CA SER A 22 15.27 3.85 -0.68
C SER A 22 15.55 2.50 -1.35
N SER A 23 16.85 2.17 -1.46
CA SER A 23 17.26 0.92 -2.07
C SER A 23 16.52 -0.27 -1.46
N LYS A 24 16.25 -0.17 -0.16
CA LYS A 24 15.54 -1.23 0.55
C LYS A 24 14.12 -1.40 0.02
N PRO A 25 13.52 -2.57 0.29
CA PRO A 25 12.16 -2.88 -0.16
C PRO A 25 11.10 -2.06 0.57
N VAL A 26 10.11 -1.59 -0.18
CA VAL A 26 9.03 -0.79 0.40
C VAL A 26 7.68 -1.23 -0.12
N LEU A 27 6.63 -0.91 0.62
CA LEU A 27 5.27 -1.27 0.23
C LEU A 27 4.34 -0.07 0.32
N VAL A 28 3.48 0.09 -0.68
CA VAL A 28 2.53 1.20 -0.73
C VAL A 28 1.11 0.69 -0.97
N ASP A 29 0.14 1.35 -0.35
CA ASP A 29 -1.27 0.98 -0.51
C ASP A 29 -2.10 2.18 -0.95
N PHE A 30 -2.80 2.03 -2.07
CA PHE A 30 -3.63 3.10 -2.59
C PHE A 30 -5.06 2.97 -2.10
N TRP A 31 -5.56 4.02 -1.46
CA TRP A 31 -6.92 4.02 -0.92
C TRP A 31 -7.51 5.42 -0.93
N ALA A 32 -8.78 5.53 -1.32
CA ALA A 32 -9.46 6.81 -1.36
C ALA A 32 -10.41 6.98 -0.18
N THR A 33 -10.55 8.21 0.29
CA THR A 33 -11.43 8.50 1.42
C THR A 33 -12.88 8.25 1.07
N TRP A 34 -13.20 8.39 -0.21
CA TRP A 34 -14.57 8.19 -0.69
C TRP A 34 -14.96 6.71 -0.59
N CYS A 35 -13.96 5.85 -0.49
CA CYS A 35 -14.19 4.41 -0.39
C CYS A 35 -15.24 4.10 0.68
N GLY A 36 -16.32 3.43 0.27
CA GLY A 36 -17.37 3.09 1.20
C GLY A 36 -16.99 1.93 2.12
N PRO A 37 -16.84 0.74 1.53
CA PRO A 37 -16.48 -0.47 2.28
C PRO A 37 -15.04 -0.42 2.79
N CYS A 38 -14.81 0.40 3.83
CA CYS A 38 -13.48 0.52 4.41
C CYS A 38 -13.23 -0.56 5.45
N LYS A 39 -14.29 -0.95 6.16
CA LYS A 39 -14.18 -1.99 7.18
C LYS A 39 -13.80 -3.32 6.56
N MET A 40 -14.33 -3.60 5.38
CA MET A 40 -14.03 -4.85 4.69
C MET A 40 -12.52 -5.04 4.52
N VAL A 41 -11.82 -3.96 4.24
CA VAL A 41 -10.37 -4.01 4.06
C VAL A 41 -9.66 -3.21 5.16
N ALA A 42 -10.35 -3.00 6.27
CA ALA A 42 -9.79 -2.26 7.39
C ALA A 42 -8.68 -3.07 8.08
N PRO A 43 -9.05 -4.25 8.60
CA PRO A 43 -8.11 -5.13 9.29
C PRO A 43 -7.10 -5.76 8.34
N VAL A 44 -7.55 -6.09 7.12
CA VAL A 44 -6.69 -6.69 6.12
C VAL A 44 -5.42 -5.88 5.94
N LEU A 45 -5.57 -4.63 5.51
CA LEU A 45 -4.43 -3.74 5.29
C LEU A 45 -3.56 -3.68 6.53
N GLU A 46 -4.17 -3.81 7.70
CA GLU A 46 -3.44 -3.76 8.96
C GLU A 46 -2.57 -5.00 9.13
N GLU A 47 -3.20 -6.18 9.05
CA GLU A 47 -2.49 -7.44 9.20
C GLU A 47 -1.45 -7.61 8.10
N ILE A 48 -1.79 -7.14 6.90
CA ILE A 48 -0.89 -7.24 5.76
C ILE A 48 0.28 -6.27 5.88
N ALA A 49 0.00 -5.09 6.47
CA ALA A 49 1.03 -4.08 6.65
C ALA A 49 2.04 -4.50 7.70
N ALA A 50 1.58 -5.21 8.72
CA ALA A 50 2.45 -5.68 9.79
C ALA A 50 3.20 -6.94 9.37
N GLU A 51 2.55 -7.75 8.54
CA GLU A 51 3.16 -8.99 8.05
C GLU A 51 4.56 -8.73 7.49
N LYS A 52 4.62 -7.98 6.41
CA LYS A 52 5.89 -7.65 5.77
C LYS A 52 6.53 -6.44 6.43
N GLY A 53 5.71 -5.62 7.09
CA GLY A 53 6.22 -4.43 7.75
C GLY A 53 7.32 -4.74 8.74
N ASP A 54 7.39 -6.00 9.17
CA ASP A 54 8.41 -6.41 10.12
C ASP A 54 9.80 -6.40 9.48
N GLN A 55 9.84 -6.64 8.17
CA GLN A 55 11.11 -6.65 7.44
C GLN A 55 11.26 -5.38 6.61
N LEU A 56 10.16 -4.95 5.99
CA LEU A 56 10.17 -3.74 5.17
C LEU A 56 9.25 -2.68 5.75
N THR A 57 9.03 -1.62 4.97
CA THR A 57 8.18 -0.53 5.41
C THR A 57 6.92 -0.44 4.55
N VAL A 58 5.77 -0.27 5.21
CA VAL A 58 4.50 -0.17 4.50
C VAL A 58 3.87 1.20 4.69
N ALA A 59 3.37 1.78 3.60
CA ALA A 59 2.74 3.09 3.65
C ALA A 59 1.46 3.12 2.81
N LYS A 60 0.67 4.17 2.99
CA LYS A 60 -0.58 4.32 2.25
C LYS A 60 -0.73 5.73 1.72
N ILE A 61 -1.33 5.87 0.54
CA ILE A 61 -1.55 7.17 -0.08
C ILE A 61 -2.93 7.70 0.24
N ASP A 62 -3.15 8.98 -0.07
CA ASP A 62 -4.44 9.61 0.18
C ASP A 62 -4.99 10.23 -1.10
N VAL A 63 -5.87 9.50 -1.77
CA VAL A 63 -6.48 9.96 -3.01
C VAL A 63 -7.06 11.37 -2.83
N ASP A 64 -7.50 11.68 -1.63
CA ASP A 64 -8.07 12.99 -1.32
C ASP A 64 -7.12 14.11 -1.76
N ALA A 65 -5.82 13.85 -1.63
CA ALA A 65 -4.82 14.84 -2.01
C ALA A 65 -4.54 14.80 -3.52
N ASN A 66 -4.60 13.60 -4.09
CA ASN A 66 -4.36 13.42 -5.52
C ASN A 66 -5.62 12.92 -6.22
N PRO A 67 -6.62 13.82 -6.34
CA PRO A 67 -7.90 13.49 -6.99
C PRO A 67 -7.75 13.31 -8.50
N ALA A 68 -6.75 13.98 -9.07
CA ALA A 68 -6.49 13.89 -10.50
C ALA A 68 -6.45 12.43 -10.97
N THR A 69 -5.98 11.56 -10.09
CA THR A 69 -5.88 10.14 -10.40
C THR A 69 -7.27 9.51 -10.56
N ALA A 70 -8.03 9.50 -9.48
CA ALA A 70 -9.38 8.93 -9.50
C ALA A 70 -10.26 9.67 -10.51
N ARG A 71 -10.30 10.99 -10.40
CA ARG A 71 -11.11 11.81 -11.30
C ARG A 71 -10.83 11.44 -12.77
N ASP A 72 -9.61 11.02 -13.05
CA ASP A 72 -9.22 10.65 -14.40
C ASP A 72 -10.23 9.68 -15.01
N PHE A 73 -10.55 8.63 -14.26
CA PHE A 73 -11.50 7.63 -14.72
C PHE A 73 -12.78 7.67 -13.89
N GLN A 74 -13.07 8.84 -13.32
CA GLN A 74 -14.27 9.01 -12.50
C GLN A 74 -14.39 7.90 -11.47
N VAL A 75 -13.35 7.74 -10.65
CA VAL A 75 -13.33 6.72 -9.61
C VAL A 75 -13.43 7.34 -8.22
N VAL A 76 -14.20 6.71 -7.34
CA VAL A 76 -14.37 7.20 -5.98
C VAL A 76 -13.47 6.44 -5.01
N SER A 77 -13.26 5.15 -5.28
CA SER A 77 -12.43 4.32 -4.42
C SER A 77 -11.48 3.46 -5.26
N ILE A 78 -10.24 3.34 -4.80
CA ILE A 78 -9.24 2.55 -5.51
C ILE A 78 -8.40 1.73 -4.54
N PRO A 79 -9.04 0.78 -3.85
CA PRO A 79 -8.36 -0.08 -2.88
C PRO A 79 -7.41 -1.08 -3.55
N THR A 80 -6.12 -0.71 -3.57
CA THR A 80 -5.11 -1.57 -4.17
C THR A 80 -3.83 -1.57 -3.35
N MET A 81 -3.05 -2.64 -3.49
CA MET A 81 -1.79 -2.77 -2.76
C MET A 81 -0.63 -3.04 -3.71
N ILE A 82 0.27 -2.06 -3.83
CA ILE A 82 1.42 -2.21 -4.71
C ILE A 82 2.68 -2.50 -3.90
N LEU A 83 3.37 -3.57 -4.27
CA LEU A 83 4.61 -3.96 -3.58
C LEU A 83 5.83 -3.49 -4.36
N PHE A 84 6.80 -2.93 -3.65
CA PHE A 84 8.03 -2.44 -4.28
C PHE A 84 9.25 -3.13 -3.68
N LYS A 85 10.02 -3.80 -4.53
CA LYS A 85 11.23 -4.49 -4.08
C LYS A 85 12.43 -4.10 -4.93
N ASP A 86 13.50 -3.70 -4.27
CA ASP A 86 14.72 -3.30 -4.97
C ASP A 86 14.48 -2.05 -5.81
N GLY A 87 13.61 -1.18 -5.33
CA GLY A 87 13.30 0.05 -6.05
C GLY A 87 12.53 -0.22 -7.33
N ALA A 88 11.93 -1.39 -7.43
CA ALA A 88 11.16 -1.76 -8.61
C ALA A 88 9.89 -2.52 -8.22
N PRO A 89 8.90 -2.50 -9.12
CA PRO A 89 7.61 -3.17 -8.91
C PRO A 89 7.75 -4.70 -8.94
N VAL A 90 7.21 -5.36 -7.92
CA VAL A 90 7.27 -6.81 -7.84
C VAL A 90 5.87 -7.43 -7.90
N LYS A 91 4.89 -6.71 -7.33
CA LYS A 91 3.51 -7.19 -7.33
C LYS A 91 2.55 -6.03 -7.10
N ARG A 92 1.29 -6.23 -7.50
CA ARG A 92 0.27 -5.20 -7.34
C ARG A 92 -1.12 -5.82 -7.40
N ILE A 93 -1.85 -5.73 -6.29
CA ILE A 93 -3.20 -6.28 -6.22
C ILE A 93 -4.24 -5.16 -6.15
N VAL A 94 -5.07 -5.06 -7.19
CA VAL A 94 -6.11 -4.04 -7.23
C VAL A 94 -7.48 -4.63 -6.94
N GLY A 95 -8.14 -4.10 -5.91
CA GLY A 95 -9.44 -4.59 -5.53
C GLY A 95 -9.57 -4.81 -4.04
N ALA A 96 -10.66 -4.32 -3.45
CA ALA A 96 -10.90 -4.47 -2.02
C ALA A 96 -11.37 -5.87 -1.69
N LYS A 97 -10.42 -6.77 -1.42
CA LYS A 97 -10.75 -8.15 -1.09
C LYS A 97 -10.30 -8.48 0.33
N GLY A 98 -10.35 -9.77 0.67
CA GLY A 98 -9.96 -10.20 2.01
C GLY A 98 -8.47 -10.47 2.11
N LYS A 99 -7.95 -10.46 3.34
CA LYS A 99 -6.53 -10.70 3.56
C LYS A 99 -6.08 -11.99 2.87
N ALA A 100 -7.00 -12.94 2.75
CA ALA A 100 -6.69 -14.21 2.10
C ALA A 100 -6.06 -14.00 0.73
N ALA A 101 -6.58 -13.01 0.00
CA ALA A 101 -6.07 -12.70 -1.33
C ALA A 101 -4.70 -12.02 -1.25
N LEU A 102 -4.53 -11.17 -0.23
CA LEU A 102 -3.27 -10.46 -0.04
C LEU A 102 -2.16 -11.41 0.38
N LEU A 103 -2.51 -12.41 1.18
CA LEU A 103 -1.55 -13.40 1.66
C LEU A 103 -0.74 -13.98 0.49
N ARG A 104 -1.41 -14.15 -0.65
CA ARG A 104 -0.76 -14.70 -1.84
C ARG A 104 0.43 -13.84 -2.25
N GLU A 105 0.30 -12.54 -2.06
CA GLU A 105 1.38 -11.61 -2.42
C GLU A 105 2.56 -11.76 -1.47
N LEU A 106 2.34 -11.47 -0.19
CA LEU A 106 3.39 -11.57 0.82
C LEU A 106 4.01 -12.97 0.80
N SER A 107 3.18 -13.98 0.56
CA SER A 107 3.64 -15.36 0.53
C SER A 107 4.64 -15.57 -0.61
N ASP A 108 4.40 -14.90 -1.73
CA ASP A 108 5.27 -15.02 -2.88
C ASP A 108 6.54 -14.20 -2.70
N ALA A 109 6.39 -13.02 -2.09
CA ALA A 109 7.53 -12.14 -1.85
C ALA A 109 8.45 -12.72 -0.78
N LEU A 110 7.85 -13.28 0.27
CA LEU A 110 8.62 -13.87 1.36
C LEU A 110 8.53 -15.39 1.33
N MET A 1 -0.35 -8.27 20.02
CA MET A 1 -0.65 -7.14 20.89
C MET A 1 0.28 -5.97 20.58
N SER A 2 1.58 -6.20 20.69
CA SER A 2 2.57 -5.15 20.43
C SER A 2 2.38 -4.56 19.04
N GLU A 3 3.13 -3.50 18.75
CA GLU A 3 3.03 -2.84 17.45
C GLU A 3 4.40 -2.77 16.77
N ASP A 4 4.40 -2.43 15.49
CA ASP A 4 5.63 -2.34 14.72
C ASP A 4 6.01 -0.87 14.48
N SER A 5 7.28 -0.65 14.14
CA SER A 5 7.77 0.70 13.91
C SER A 5 8.53 0.77 12.57
N ALA A 6 8.05 0.01 11.59
CA ALA A 6 8.68 -0.02 10.27
C ALA A 6 7.69 0.39 9.19
N THR A 7 6.83 1.34 9.51
CA THR A 7 5.83 1.82 8.56
C THR A 7 5.81 3.34 8.49
N VAL A 8 5.96 3.87 7.28
CA VAL A 8 5.97 5.31 7.07
C VAL A 8 5.35 5.68 5.73
N ALA A 9 4.46 6.67 5.74
CA ALA A 9 3.79 7.12 4.52
C ALA A 9 4.66 8.10 3.75
N VAL A 10 4.43 8.18 2.44
CA VAL A 10 5.20 9.07 1.59
C VAL A 10 4.28 9.90 0.69
N THR A 11 4.79 11.05 0.24
CA THR A 11 4.01 11.94 -0.61
C THR A 11 4.23 11.61 -2.08
N ASP A 12 3.32 12.09 -2.93
CA ASP A 12 3.42 11.85 -4.37
C ASP A 12 4.66 12.51 -4.95
N ASP A 13 4.87 13.78 -4.60
CA ASP A 13 6.02 14.52 -5.10
C ASP A 13 7.33 13.85 -4.66
N SER A 14 7.33 13.31 -3.45
CA SER A 14 8.52 12.64 -2.93
C SER A 14 8.31 11.13 -2.86
N PHE A 15 7.59 10.60 -3.84
CA PHE A 15 7.32 9.17 -3.90
C PHE A 15 8.46 8.42 -4.57
N SER A 16 8.70 8.72 -5.84
CA SER A 16 9.77 8.07 -6.59
C SER A 16 11.11 8.25 -5.88
N THR A 17 11.37 9.46 -5.42
CA THR A 17 12.61 9.76 -4.72
C THR A 17 12.80 8.86 -3.51
N ASP A 18 11.70 8.47 -2.89
CA ASP A 18 11.75 7.59 -1.72
C ASP A 18 11.80 6.13 -2.14
N VAL A 19 10.76 5.69 -2.84
CA VAL A 19 10.69 4.30 -3.31
C VAL A 19 11.91 3.94 -4.16
N LEU A 20 12.05 4.62 -5.29
CA LEU A 20 13.18 4.37 -6.19
C LEU A 20 14.50 4.64 -5.48
N GLY A 21 14.50 5.62 -4.60
CA GLY A 21 15.72 5.96 -3.87
C GLY A 21 16.12 4.90 -2.87
N SER A 22 15.13 4.15 -2.39
CA SER A 22 15.38 3.09 -1.42
C SER A 22 15.56 1.75 -2.11
N SER A 23 16.82 1.31 -2.21
CA SER A 23 17.13 0.04 -2.85
C SER A 23 16.29 -1.09 -2.26
N LYS A 24 16.02 -1.00 -0.97
CA LYS A 24 15.22 -2.02 -0.29
C LYS A 24 13.81 -2.09 -0.87
N PRO A 25 13.13 -3.21 -0.63
CA PRO A 25 11.76 -3.43 -1.12
C PRO A 25 10.74 -2.54 -0.42
N VAL A 26 10.12 -1.64 -1.18
CA VAL A 26 9.13 -0.73 -0.63
C VAL A 26 7.73 -1.08 -1.11
N LEU A 27 6.79 -1.13 -0.18
CA LEU A 27 5.40 -1.47 -0.51
C LEU A 27 4.49 -0.26 -0.28
N VAL A 28 3.57 -0.04 -1.22
CA VAL A 28 2.63 1.07 -1.12
C VAL A 28 1.19 0.59 -1.28
N ASP A 29 0.29 1.17 -0.51
CA ASP A 29 -1.12 0.80 -0.55
C ASP A 29 -1.98 2.00 -0.94
N PHE A 30 -2.43 2.02 -2.20
CA PHE A 30 -3.26 3.10 -2.70
C PHE A 30 -4.71 2.93 -2.27
N TRP A 31 -5.25 3.94 -1.59
CA TRP A 31 -6.63 3.90 -1.11
C TRP A 31 -7.19 5.31 -0.94
N ALA A 32 -8.51 5.43 -1.04
CA ALA A 32 -9.17 6.72 -0.90
C ALA A 32 -9.89 6.82 0.43
N THR A 33 -10.29 8.03 0.79
CA THR A 33 -11.00 8.27 2.05
C THR A 33 -12.49 8.05 1.89
N TRP A 34 -12.98 8.23 0.67
CA TRP A 34 -14.41 8.06 0.37
C TRP A 34 -14.81 6.59 0.50
N CYS A 35 -13.82 5.70 0.45
CA CYS A 35 -14.06 4.26 0.56
C CYS A 35 -14.95 3.95 1.77
N GLY A 36 -16.20 3.58 1.49
CA GLY A 36 -17.12 3.26 2.56
C GLY A 36 -16.71 2.02 3.34
N PRO A 37 -16.76 0.86 2.67
CA PRO A 37 -16.40 -0.43 3.28
C PRO A 37 -14.91 -0.54 3.54
N CYS A 38 -14.40 0.31 4.43
CA CYS A 38 -12.98 0.30 4.78
C CYS A 38 -12.70 -0.71 5.88
N LYS A 39 -13.63 -0.86 6.81
CA LYS A 39 -13.48 -1.79 7.91
C LYS A 39 -13.12 -3.19 7.39
N MET A 40 -13.65 -3.53 6.22
CA MET A 40 -13.39 -4.83 5.62
C MET A 40 -11.90 -5.05 5.41
N VAL A 41 -11.18 -3.96 5.13
CA VAL A 41 -9.75 -4.02 4.91
C VAL A 41 -8.99 -3.15 5.90
N ALA A 42 -9.65 -2.83 7.01
CA ALA A 42 -9.04 -2.00 8.04
C ALA A 42 -7.93 -2.74 8.77
N PRO A 43 -8.28 -3.86 9.42
CA PRO A 43 -7.33 -4.68 10.16
C PRO A 43 -6.35 -5.42 9.24
N VAL A 44 -6.83 -5.76 8.04
CA VAL A 44 -6.00 -6.47 7.07
C VAL A 44 -4.69 -5.73 6.82
N LEU A 45 -4.80 -4.46 6.41
CA LEU A 45 -3.62 -3.65 6.15
C LEU A 45 -2.70 -3.60 7.37
N GLU A 46 -3.30 -3.62 8.55
CA GLU A 46 -2.54 -3.58 9.79
C GLU A 46 -1.69 -4.84 9.95
N GLU A 47 -2.36 -6.00 9.93
CA GLU A 47 -1.68 -7.27 10.08
C GLU A 47 -0.69 -7.49 8.94
N ILE A 48 -1.09 -7.10 7.73
CA ILE A 48 -0.24 -7.26 6.56
C ILE A 48 0.96 -6.32 6.62
N ALA A 49 0.76 -5.13 7.19
CA ALA A 49 1.82 -4.15 7.32
C ALA A 49 2.89 -4.61 8.31
N ALA A 50 2.44 -5.25 9.39
CA ALA A 50 3.34 -5.75 10.42
C ALA A 50 3.92 -7.11 10.04
N GLU A 51 3.14 -7.88 9.29
CA GLU A 51 3.58 -9.20 8.85
C GLU A 51 4.97 -9.15 8.24
N LYS A 52 5.09 -8.45 7.11
CA LYS A 52 6.36 -8.33 6.42
C LYS A 52 6.94 -6.92 6.60
N GLY A 53 6.47 -6.23 7.63
CA GLY A 53 6.95 -4.88 7.90
C GLY A 53 8.37 -4.87 8.44
N ASP A 54 8.79 -5.98 9.03
CA ASP A 54 10.13 -6.09 9.58
C ASP A 54 11.16 -6.25 8.48
N GLN A 55 10.77 -6.91 7.40
CA GLN A 55 11.67 -7.13 6.27
C GLN A 55 11.54 -6.01 5.25
N LEU A 56 10.31 -5.55 5.02
CA LEU A 56 10.06 -4.47 4.06
C LEU A 56 9.25 -3.35 4.70
N THR A 57 9.16 -2.22 4.01
CA THR A 57 8.42 -1.07 4.53
C THR A 57 7.10 -0.91 3.79
N VAL A 58 6.01 -0.75 4.55
CA VAL A 58 4.69 -0.59 3.96
C VAL A 58 4.17 0.83 4.17
N ALA A 59 3.67 1.44 3.10
CA ALA A 59 3.14 2.79 3.16
C ALA A 59 1.75 2.87 2.54
N LYS A 60 1.13 4.04 2.62
CA LYS A 60 -0.19 4.24 2.05
C LYS A 60 -0.35 5.68 1.54
N ILE A 61 -1.01 5.82 0.39
CA ILE A 61 -1.23 7.13 -0.21
C ILE A 61 -2.59 7.69 0.18
N ASP A 62 -2.79 8.98 -0.07
CA ASP A 62 -4.06 9.63 0.24
C ASP A 62 -4.71 10.20 -1.02
N VAL A 63 -5.64 9.44 -1.60
CA VAL A 63 -6.33 9.87 -2.81
C VAL A 63 -6.87 11.29 -2.66
N ASP A 64 -7.22 11.67 -1.43
CA ASP A 64 -7.74 12.99 -1.15
C ASP A 64 -6.81 14.08 -1.69
N ALA A 65 -5.51 13.80 -1.64
CA ALA A 65 -4.51 14.74 -2.12
C ALA A 65 -4.36 14.66 -3.65
N ASN A 66 -4.51 13.46 -4.18
CA ASN A 66 -4.40 13.24 -5.62
C ASN A 66 -5.74 12.83 -6.21
N PRO A 67 -6.66 13.79 -6.33
CA PRO A 67 -8.00 13.55 -6.88
C PRO A 67 -7.96 13.29 -8.38
N ALA A 68 -6.96 13.84 -9.05
CA ALA A 68 -6.81 13.66 -10.49
C ALA A 68 -6.90 12.19 -10.87
N THR A 69 -6.44 11.33 -9.97
CA THR A 69 -6.46 9.89 -10.20
C THR A 69 -7.89 9.36 -10.22
N ALA A 70 -8.55 9.46 -9.07
CA ALA A 70 -9.93 8.98 -8.95
C ALA A 70 -10.85 9.70 -9.92
N ARG A 71 -10.81 11.04 -9.90
CA ARG A 71 -11.64 11.85 -10.78
C ARG A 71 -11.49 11.39 -12.23
N ASP A 72 -10.32 10.88 -12.58
CA ASP A 72 -10.05 10.41 -13.93
C ASP A 72 -11.16 9.50 -14.41
N PHE A 73 -11.48 8.48 -13.62
CA PHE A 73 -12.52 7.52 -13.97
C PHE A 73 -13.71 7.66 -13.03
N GLN A 74 -13.88 8.85 -12.46
CA GLN A 74 -14.98 9.10 -11.54
C GLN A 74 -15.06 8.01 -10.48
N VAL A 75 -13.97 7.82 -9.76
CA VAL A 75 -13.92 6.81 -8.70
C VAL A 75 -13.83 7.45 -7.32
N VAL A 76 -14.39 6.77 -6.32
CA VAL A 76 -14.37 7.28 -4.96
C VAL A 76 -13.46 6.44 -4.07
N SER A 77 -13.43 5.14 -4.34
CA SER A 77 -12.61 4.21 -3.57
C SER A 77 -11.74 3.36 -4.48
N ILE A 78 -10.42 3.46 -4.31
CA ILE A 78 -9.48 2.71 -5.11
C ILE A 78 -8.54 1.88 -4.24
N PRO A 79 -9.09 0.89 -3.55
CA PRO A 79 -8.30 0.01 -2.66
C PRO A 79 -7.38 -0.91 -3.43
N THR A 80 -6.26 -0.36 -3.90
CA THR A 80 -5.29 -1.13 -4.66
C THR A 80 -3.90 -1.04 -4.04
N MET A 81 -3.32 -2.18 -3.69
CA MET A 81 -1.99 -2.21 -3.10
C MET A 81 -0.95 -2.68 -4.11
N ILE A 82 0.09 -1.87 -4.29
CA ILE A 82 1.16 -2.20 -5.23
C ILE A 82 2.49 -2.37 -4.50
N LEU A 83 3.28 -3.34 -4.95
CA LEU A 83 4.59 -3.60 -4.36
C LEU A 83 5.71 -3.11 -5.26
N PHE A 84 6.73 -2.52 -4.65
CA PHE A 84 7.87 -2.01 -5.40
C PHE A 84 9.18 -2.60 -4.89
N LYS A 85 9.91 -3.27 -5.77
CA LYS A 85 11.18 -3.89 -5.40
C LYS A 85 12.31 -3.40 -6.31
N ASP A 86 13.37 -2.88 -5.70
CA ASP A 86 14.51 -2.38 -6.46
C ASP A 86 14.12 -1.19 -7.32
N GLY A 87 13.19 -0.39 -6.81
CA GLY A 87 12.73 0.78 -7.55
C GLY A 87 11.95 0.41 -8.79
N ALA A 88 11.40 -0.80 -8.80
CA ALA A 88 10.61 -1.28 -9.93
C ALA A 88 9.39 -2.07 -9.48
N PRO A 89 8.38 -2.15 -10.35
CA PRO A 89 7.14 -2.86 -10.05
C PRO A 89 7.35 -4.38 -10.00
N VAL A 90 6.85 -5.00 -8.94
CA VAL A 90 6.98 -6.45 -8.78
C VAL A 90 5.61 -7.11 -8.62
N LYS A 91 4.68 -6.40 -7.99
CA LYS A 91 3.34 -6.91 -7.79
C LYS A 91 2.33 -5.77 -7.68
N ARG A 92 1.08 -6.07 -8.00
CA ARG A 92 0.02 -5.07 -7.95
C ARG A 92 -1.34 -5.73 -7.76
N ILE A 93 -1.92 -5.59 -6.57
CA ILE A 93 -3.21 -6.17 -6.26
C ILE A 93 -4.29 -5.09 -6.18
N VAL A 94 -5.40 -5.32 -6.88
CA VAL A 94 -6.51 -4.37 -6.88
C VAL A 94 -7.80 -5.03 -6.40
N GLY A 95 -8.47 -4.37 -5.47
CA GLY A 95 -9.71 -4.91 -4.93
C GLY A 95 -9.66 -5.09 -3.43
N ALA A 96 -10.84 -5.12 -2.80
CA ALA A 96 -10.92 -5.29 -1.36
C ALA A 96 -11.12 -6.76 -0.99
N LYS A 97 -10.04 -7.42 -0.60
CA LYS A 97 -10.09 -8.83 -0.22
C LYS A 97 -9.60 -9.03 1.22
N GLY A 98 -9.51 -10.29 1.64
CA GLY A 98 -9.05 -10.59 2.98
C GLY A 98 -7.54 -10.68 3.06
N LYS A 99 -7.02 -10.69 4.30
CA LYS A 99 -5.58 -10.77 4.51
C LYS A 99 -5.00 -12.03 3.86
N ALA A 100 -5.82 -13.07 3.78
CA ALA A 100 -5.39 -14.33 3.18
C ALA A 100 -4.81 -14.11 1.79
N ALA A 101 -5.52 -13.33 0.98
CA ALA A 101 -5.07 -13.03 -0.38
C ALA A 101 -3.84 -12.12 -0.37
N LEU A 102 -3.95 -10.99 0.31
CA LEU A 102 -2.84 -10.05 0.40
C LEU A 102 -1.56 -10.74 0.86
N LEU A 103 -1.72 -11.71 1.74
CA LEU A 103 -0.57 -12.47 2.26
C LEU A 103 0.27 -13.01 1.12
N ARG A 104 -0.38 -13.45 0.06
CA ARG A 104 0.32 -14.00 -1.10
C ARG A 104 1.42 -13.05 -1.58
N GLU A 105 1.18 -11.75 -1.42
CA GLU A 105 2.15 -10.75 -1.83
C GLU A 105 3.53 -11.05 -1.25
N LEU A 106 3.56 -11.61 -0.05
CA LEU A 106 4.81 -11.96 0.61
C LEU A 106 5.69 -12.79 -0.31
N SER A 107 5.07 -13.63 -1.13
CA SER A 107 5.80 -14.48 -2.06
C SER A 107 6.72 -13.65 -2.94
N ASP A 108 6.26 -12.46 -3.31
CA ASP A 108 7.04 -11.58 -4.17
C ASP A 108 8.01 -10.74 -3.33
N ALA A 109 7.56 -10.35 -2.13
CA ALA A 109 8.40 -9.55 -1.24
C ALA A 109 9.63 -10.33 -0.79
N LEU A 110 9.48 -11.63 -0.63
CA LEU A 110 10.58 -12.49 -0.20
C LEU A 110 10.68 -13.72 -1.08
N MET A 1 0.38 -5.09 24.79
CA MET A 1 1.34 -5.15 23.70
C MET A 1 1.15 -4.00 22.73
N SER A 2 2.20 -3.67 21.98
CA SER A 2 2.14 -2.58 21.02
C SER A 2 2.17 -3.11 19.59
N GLU A 3 2.05 -2.20 18.63
CA GLU A 3 2.06 -2.57 17.22
C GLU A 3 3.42 -2.31 16.60
N ASP A 4 3.58 -2.70 15.34
CA ASP A 4 4.83 -2.53 14.62
C ASP A 4 5.15 -1.04 14.46
N SER A 5 6.44 -0.72 14.38
CA SER A 5 6.88 0.66 14.23
C SER A 5 7.81 0.81 13.03
N ALA A 6 7.53 0.05 11.97
CA ALA A 6 8.34 0.09 10.77
C ALA A 6 7.50 0.46 9.55
N THR A 7 6.56 1.38 9.74
CA THR A 7 5.68 1.82 8.67
C THR A 7 5.45 3.32 8.73
N VAL A 8 5.80 4.02 7.64
CA VAL A 8 5.63 5.46 7.57
C VAL A 8 5.06 5.88 6.22
N ALA A 9 4.08 6.77 6.24
CA ALA A 9 3.46 7.25 5.02
C ALA A 9 4.31 8.34 4.37
N VAL A 10 4.45 8.27 3.05
CA VAL A 10 5.24 9.26 2.30
C VAL A 10 4.33 10.23 1.55
N THR A 11 4.93 11.27 1.00
CA THR A 11 4.18 12.28 0.26
C THR A 11 3.96 11.84 -1.19
N ASP A 12 3.05 12.52 -1.88
CA ASP A 12 2.75 12.20 -3.27
C ASP A 12 3.81 12.78 -4.20
N ASP A 13 4.17 14.03 -3.97
CA ASP A 13 5.18 14.71 -4.78
C ASP A 13 6.57 14.13 -4.52
N SER A 14 6.82 13.78 -3.26
CA SER A 14 8.11 13.22 -2.87
C SER A 14 8.03 11.71 -2.74
N PHE A 15 7.23 11.08 -3.60
CA PHE A 15 7.06 9.64 -3.59
C PHE A 15 8.19 8.94 -4.37
N SER A 16 8.27 9.24 -5.66
CA SER A 16 9.29 8.65 -6.51
C SER A 16 10.68 8.96 -5.98
N THR A 17 10.90 10.20 -5.57
CA THR A 17 12.18 10.61 -5.03
C THR A 17 12.60 9.75 -3.84
N ASP A 18 11.62 9.29 -3.08
CA ASP A 18 11.88 8.46 -1.91
C ASP A 18 11.98 6.99 -2.31
N VAL A 19 10.90 6.46 -2.88
CA VAL A 19 10.87 5.06 -3.30
C VAL A 19 11.99 4.76 -4.28
N LEU A 20 11.96 5.41 -5.44
CA LEU A 20 12.98 5.22 -6.46
C LEU A 20 14.36 5.60 -5.93
N GLY A 21 14.39 6.61 -5.07
CA GLY A 21 15.66 7.05 -4.50
C GLY A 21 16.25 6.05 -3.54
N SER A 22 15.39 5.24 -2.92
CA SER A 22 15.84 4.23 -1.98
C SER A 22 16.08 2.89 -2.67
N SER A 23 17.34 2.57 -2.88
CA SER A 23 17.71 1.33 -3.55
C SER A 23 17.04 0.13 -2.88
N LYS A 24 16.88 0.21 -1.56
CA LYS A 24 16.25 -0.85 -0.80
C LYS A 24 14.80 -1.06 -1.23
N PRO A 25 14.24 -2.23 -0.92
CA PRO A 25 12.86 -2.58 -1.27
C PRO A 25 11.84 -1.76 -0.48
N VAL A 26 10.72 -1.44 -1.12
CA VAL A 26 9.67 -0.66 -0.47
C VAL A 26 8.29 -1.09 -0.97
N LEU A 27 7.31 -1.07 -0.07
CA LEU A 27 5.95 -1.46 -0.42
C LEU A 27 4.98 -0.29 -0.20
N VAL A 28 4.10 -0.08 -1.16
CA VAL A 28 3.12 1.00 -1.08
C VAL A 28 1.72 0.50 -1.46
N ASP A 29 0.72 0.91 -0.67
CA ASP A 29 -0.65 0.51 -0.93
C ASP A 29 -1.54 1.74 -1.13
N PHE A 30 -2.28 1.75 -2.23
CA PHE A 30 -3.18 2.86 -2.54
C PHE A 30 -4.53 2.67 -1.86
N TRP A 31 -4.95 3.69 -1.10
CA TRP A 31 -6.22 3.63 -0.40
C TRP A 31 -6.86 5.02 -0.32
N ALA A 32 -8.17 5.08 -0.53
CA ALA A 32 -8.90 6.35 -0.47
C ALA A 32 -9.67 6.47 0.84
N THR A 33 -9.55 7.63 1.48
CA THR A 33 -10.24 7.88 2.74
C THR A 33 -11.74 7.91 2.54
N TRP A 34 -12.17 8.31 1.35
CA TRP A 34 -13.60 8.39 1.04
C TRP A 34 -14.21 6.99 0.96
N CYS A 35 -13.35 5.98 0.79
CA CYS A 35 -13.81 4.61 0.69
C CYS A 35 -14.79 4.28 1.81
N GLY A 36 -15.90 3.64 1.43
CA GLY A 36 -16.91 3.28 2.41
C GLY A 36 -16.49 2.11 3.28
N PRO A 37 -16.36 0.92 2.67
CA PRO A 37 -15.96 -0.30 3.39
C PRO A 37 -14.50 -0.26 3.82
N CYS A 38 -14.20 0.61 4.78
CA CYS A 38 -12.84 0.75 5.30
C CYS A 38 -12.57 -0.28 6.39
N LYS A 39 -13.60 -0.60 7.17
CA LYS A 39 -13.47 -1.57 8.25
C LYS A 39 -13.22 -2.96 7.71
N MET A 40 -13.87 -3.30 6.60
CA MET A 40 -13.73 -4.60 5.99
C MET A 40 -12.25 -4.91 5.71
N VAL A 41 -11.51 -3.88 5.29
CA VAL A 41 -10.09 -4.03 4.99
C VAL A 41 -9.25 -3.22 5.95
N ALA A 42 -9.81 -2.88 7.10
CA ALA A 42 -9.11 -2.10 8.10
C ALA A 42 -7.99 -2.92 8.75
N PRO A 43 -8.37 -4.03 9.40
CA PRO A 43 -7.42 -4.93 10.07
C PRO A 43 -6.54 -5.69 9.07
N VAL A 44 -7.12 -6.05 7.94
CA VAL A 44 -6.38 -6.78 6.91
C VAL A 44 -5.12 -6.04 6.52
N LEU A 45 -5.29 -4.82 6.01
CA LEU A 45 -4.15 -4.00 5.59
C LEU A 45 -3.17 -3.81 6.74
N GLU A 46 -3.68 -3.78 7.96
CA GLU A 46 -2.85 -3.60 9.14
C GLU A 46 -1.89 -4.78 9.31
N GLU A 47 -2.46 -5.97 9.46
CA GLU A 47 -1.65 -7.18 9.63
C GLU A 47 -0.82 -7.45 8.38
N ILE A 48 -1.42 -7.28 7.21
CA ILE A 48 -0.74 -7.51 5.95
C ILE A 48 0.46 -6.57 5.80
N ALA A 49 0.30 -5.34 6.29
CA ALA A 49 1.37 -4.35 6.21
C ALA A 49 2.55 -4.74 7.09
N ALA A 50 2.25 -5.32 8.25
CA ALA A 50 3.29 -5.73 9.18
C ALA A 50 4.01 -6.99 8.68
N GLU A 51 3.28 -7.82 7.94
CA GLU A 51 3.86 -9.05 7.40
C GLU A 51 5.17 -8.77 6.68
N LYS A 52 5.11 -7.88 5.69
CA LYS A 52 6.30 -7.52 4.91
C LYS A 52 7.04 -6.36 5.56
N GLY A 53 6.35 -5.64 6.43
CA GLY A 53 6.97 -4.50 7.11
C GLY A 53 8.29 -4.87 7.76
N ASP A 54 8.44 -6.14 8.11
CA ASP A 54 9.67 -6.62 8.74
C ASP A 54 10.79 -6.74 7.71
N GLN A 55 10.43 -7.13 6.49
CA GLN A 55 11.42 -7.28 5.43
C GLN A 55 11.71 -5.94 4.76
N LEU A 56 10.67 -5.14 4.56
CA LEU A 56 10.83 -3.83 3.94
C LEU A 56 9.87 -2.81 4.57
N THR A 57 9.89 -1.59 4.03
CA THR A 57 9.03 -0.53 4.54
C THR A 57 7.67 -0.55 3.85
N VAL A 58 6.61 -0.58 4.66
CA VAL A 58 5.25 -0.60 4.12
C VAL A 58 4.54 0.72 4.39
N ALA A 59 4.19 1.42 3.30
CA ALA A 59 3.50 2.70 3.41
C ALA A 59 2.23 2.71 2.58
N LYS A 60 1.48 3.81 2.67
CA LYS A 60 0.24 3.96 1.92
C LYS A 60 0.05 5.38 1.43
N ILE A 61 -0.71 5.55 0.35
CA ILE A 61 -0.96 6.86 -0.21
C ILE A 61 -2.32 7.40 0.23
N ASP A 62 -2.53 8.70 0.03
CA ASP A 62 -3.78 9.33 0.40
C ASP A 62 -4.50 9.89 -0.83
N VAL A 63 -5.44 9.11 -1.35
CA VAL A 63 -6.20 9.51 -2.52
C VAL A 63 -6.77 10.92 -2.35
N ASP A 64 -7.10 11.26 -1.11
CA ASP A 64 -7.65 12.59 -0.81
C ASP A 64 -6.74 13.69 -1.35
N ALA A 65 -5.44 13.43 -1.35
CA ALA A 65 -4.48 14.41 -1.84
C ALA A 65 -4.35 14.34 -3.36
N ASN A 66 -4.48 13.14 -3.90
CA ASN A 66 -4.39 12.93 -5.34
C ASN A 66 -5.73 12.52 -5.93
N PRO A 67 -6.65 13.49 -6.06
CA PRO A 67 -7.99 13.25 -6.61
C PRO A 67 -7.95 12.93 -8.10
N ALA A 68 -6.97 13.49 -8.80
CA ALA A 68 -6.82 13.26 -10.23
C ALA A 68 -6.88 11.78 -10.56
N THR A 69 -6.34 10.95 -9.66
CA THR A 69 -6.33 9.51 -9.87
C THR A 69 -7.75 8.94 -9.80
N ALA A 70 -8.42 9.15 -8.68
CA ALA A 70 -9.77 8.66 -8.48
C ALA A 70 -10.72 9.23 -9.54
N ARG A 71 -10.72 10.57 -9.66
CA ARG A 71 -11.58 11.23 -10.63
C ARG A 71 -11.37 10.68 -12.03
N ASP A 72 -10.16 10.20 -12.30
CA ASP A 72 -9.83 9.63 -13.59
C ASP A 72 -10.87 8.61 -14.03
N PHE A 73 -11.13 7.64 -13.16
CA PHE A 73 -12.12 6.59 -13.46
C PHE A 73 -13.33 6.72 -12.53
N GLN A 74 -13.53 7.92 -12.00
CA GLN A 74 -14.65 8.16 -11.09
C GLN A 74 -14.77 7.06 -10.04
N VAL A 75 -13.69 6.86 -9.29
CA VAL A 75 -13.66 5.83 -8.26
C VAL A 75 -13.44 6.46 -6.88
N VAL A 76 -14.30 6.11 -5.93
CA VAL A 76 -14.20 6.64 -4.58
C VAL A 76 -13.23 5.80 -3.74
N SER A 77 -13.22 4.49 -3.99
CA SER A 77 -12.35 3.58 -3.26
C SER A 77 -11.41 2.84 -4.21
N ILE A 78 -10.11 2.99 -3.99
CA ILE A 78 -9.12 2.34 -4.82
C ILE A 78 -8.12 1.56 -3.98
N PRO A 79 -8.60 0.50 -3.31
CA PRO A 79 -7.77 -0.36 -2.47
C PRO A 79 -6.78 -1.19 -3.27
N THR A 80 -5.69 -0.56 -3.70
CA THR A 80 -4.67 -1.24 -4.48
C THR A 80 -3.42 -1.50 -3.64
N MET A 81 -2.64 -2.49 -4.05
CA MET A 81 -1.41 -2.84 -3.33
C MET A 81 -0.28 -3.12 -4.31
N ILE A 82 0.72 -2.23 -4.34
CA ILE A 82 1.86 -2.40 -5.23
C ILE A 82 3.15 -2.56 -4.44
N LEU A 83 3.98 -3.51 -4.86
CA LEU A 83 5.25 -3.77 -4.19
C LEU A 83 6.42 -3.35 -5.08
N PHE A 84 7.44 -2.75 -4.46
CA PHE A 84 8.62 -2.30 -5.19
C PHE A 84 9.87 -2.95 -4.64
N LYS A 85 10.59 -3.67 -5.50
CA LYS A 85 11.82 -4.35 -5.10
C LYS A 85 12.98 -3.95 -6.00
N ASP A 86 14.06 -3.46 -5.39
CA ASP A 86 15.24 -3.05 -6.15
C ASP A 86 14.91 -1.86 -7.05
N GLY A 87 14.01 -1.01 -6.59
CA GLY A 87 13.62 0.15 -7.38
C GLY A 87 12.82 -0.21 -8.62
N ALA A 88 12.22 -1.40 -8.60
CA ALA A 88 11.42 -1.86 -9.72
C ALA A 88 10.17 -2.59 -9.24
N PRO A 89 9.14 -2.62 -10.11
CA PRO A 89 7.86 -3.27 -9.80
C PRO A 89 7.99 -4.79 -9.73
N VAL A 90 7.49 -5.37 -8.63
CA VAL A 90 7.55 -6.81 -8.44
C VAL A 90 6.15 -7.40 -8.28
N LYS A 91 5.26 -6.63 -7.67
CA LYS A 91 3.88 -7.07 -7.46
C LYS A 91 2.90 -5.92 -7.68
N ARG A 92 1.67 -6.27 -8.05
CA ARG A 92 0.64 -5.27 -8.31
C ARG A 92 -0.75 -5.91 -8.31
N ILE A 93 -1.55 -5.57 -7.32
CA ILE A 93 -2.90 -6.11 -7.20
C ILE A 93 -3.90 -5.03 -6.83
N VAL A 94 -5.10 -5.11 -7.41
CA VAL A 94 -6.16 -4.14 -7.13
C VAL A 94 -7.42 -4.82 -6.65
N GLY A 95 -7.97 -4.33 -5.54
CA GLY A 95 -9.18 -4.91 -4.99
C GLY A 95 -9.12 -5.08 -3.49
N ALA A 96 -10.21 -4.75 -2.80
CA ALA A 96 -10.28 -4.88 -1.36
C ALA A 96 -10.99 -6.17 -0.94
N LYS A 97 -10.23 -7.25 -0.86
CA LYS A 97 -10.79 -8.54 -0.47
C LYS A 97 -10.20 -9.01 0.85
N GLY A 98 -10.64 -10.19 1.30
CA GLY A 98 -10.15 -10.72 2.56
C GLY A 98 -8.65 -10.78 2.62
N LYS A 99 -8.11 -11.09 3.79
CA LYS A 99 -6.66 -11.17 3.97
C LYS A 99 -6.05 -12.22 3.06
N ALA A 100 -6.79 -13.30 2.83
CA ALA A 100 -6.31 -14.37 1.96
C ALA A 100 -5.84 -13.83 0.62
N ALA A 101 -6.52 -12.79 0.14
CA ALA A 101 -6.16 -12.18 -1.14
C ALA A 101 -4.80 -11.51 -1.06
N LEU A 102 -4.70 -10.49 -0.20
CA LEU A 102 -3.45 -9.76 -0.03
C LEU A 102 -2.31 -10.70 0.35
N LEU A 103 -2.64 -11.74 1.09
CA LEU A 103 -1.65 -12.72 1.51
C LEU A 103 -0.82 -13.22 0.32
N ARG A 104 -1.47 -13.29 -0.85
CA ARG A 104 -0.80 -13.74 -2.05
C ARG A 104 0.37 -12.83 -2.42
N GLU A 105 0.21 -11.54 -2.15
CA GLU A 105 1.24 -10.55 -2.44
C GLU A 105 2.56 -10.93 -1.76
N LEU A 106 2.56 -10.92 -0.43
CA LEU A 106 3.75 -11.25 0.34
C LEU A 106 4.24 -12.65 -0.01
N SER A 107 3.31 -13.54 -0.33
CA SER A 107 3.65 -14.91 -0.68
C SER A 107 4.58 -14.95 -1.89
N ASP A 108 4.34 -14.05 -2.84
CA ASP A 108 5.16 -13.98 -4.05
C ASP A 108 6.33 -13.04 -3.85
N ALA A 109 6.10 -11.96 -3.09
CA ALA A 109 7.15 -10.98 -2.82
C ALA A 109 8.29 -11.59 -2.01
N LEU A 110 7.93 -12.40 -1.02
CA LEU A 110 8.91 -13.05 -0.17
C LEU A 110 8.85 -14.56 -0.31
N MET A 1 0.21 -5.68 23.89
CA MET A 1 0.60 -4.45 24.56
C MET A 1 0.61 -3.27 23.58
N SER A 2 1.41 -3.40 22.52
CA SER A 2 1.51 -2.36 21.52
C SER A 2 1.95 -2.93 20.17
N GLU A 3 1.72 -2.18 19.11
CA GLU A 3 2.09 -2.61 17.77
C GLU A 3 3.45 -2.07 17.36
N ASP A 4 3.86 -2.34 16.14
CA ASP A 4 5.15 -1.87 15.63
C ASP A 4 5.07 -0.41 15.23
N SER A 5 6.23 0.17 14.92
CA SER A 5 6.30 1.58 14.53
C SER A 5 7.24 1.77 13.34
N ALA A 6 7.25 0.79 12.44
CA ALA A 6 8.10 0.85 11.27
C ALA A 6 7.29 1.11 10.00
N THR A 7 6.33 2.02 10.12
CA THR A 7 5.48 2.37 8.99
C THR A 7 5.31 3.88 8.85
N VAL A 8 5.79 4.44 7.76
CA VAL A 8 5.70 5.87 7.50
C VAL A 8 5.07 6.16 6.15
N ALA A 9 4.11 7.08 6.12
CA ALA A 9 3.45 7.45 4.88
C ALA A 9 4.29 8.43 4.08
N VAL A 10 4.24 8.30 2.76
CA VAL A 10 5.00 9.18 1.87
C VAL A 10 4.07 10.07 1.05
N THR A 11 4.63 11.11 0.44
CA THR A 11 3.85 12.03 -0.37
C THR A 11 3.79 11.57 -1.83
N ASP A 12 2.97 12.24 -2.61
CA ASP A 12 2.81 11.90 -4.03
C ASP A 12 3.98 12.45 -4.84
N ASP A 13 4.25 13.74 -4.69
CA ASP A 13 5.33 14.38 -5.42
C ASP A 13 6.68 13.76 -5.05
N SER A 14 6.83 13.37 -3.79
CA SER A 14 8.05 12.75 -3.32
C SER A 14 7.89 11.25 -3.16
N PHE A 15 7.11 10.64 -4.04
CA PHE A 15 6.87 9.20 -4.01
C PHE A 15 7.99 8.44 -4.70
N SER A 16 8.13 8.67 -6.01
CA SER A 16 9.16 8.01 -6.79
C SER A 16 10.54 8.31 -6.24
N THR A 17 10.76 9.56 -5.87
CA THR A 17 12.04 9.99 -5.32
C THR A 17 12.39 9.21 -4.06
N ASP A 18 11.36 8.82 -3.31
CA ASP A 18 11.56 8.06 -2.08
C ASP A 18 11.66 6.57 -2.36
N VAL A 19 10.64 6.03 -3.01
CA VAL A 19 10.62 4.61 -3.35
C VAL A 19 11.77 4.24 -4.28
N LEU A 20 11.75 4.81 -5.48
CA LEU A 20 12.81 4.55 -6.47
C LEU A 20 14.17 4.96 -5.94
N GLY A 21 14.20 6.07 -5.21
CA GLY A 21 15.45 6.57 -4.65
C GLY A 21 15.98 5.68 -3.54
N SER A 22 15.06 4.99 -2.87
CA SER A 22 15.43 4.11 -1.76
C SER A 22 16.16 2.87 -2.28
N SER A 23 17.36 2.64 -1.76
CA SER A 23 18.17 1.49 -2.17
C SER A 23 17.46 0.18 -1.82
N LYS A 24 16.69 0.20 -0.74
CA LYS A 24 15.96 -0.97 -0.29
C LYS A 24 14.54 -0.96 -0.83
N PRO A 25 13.94 -2.16 -0.93
CA PRO A 25 12.56 -2.32 -1.42
C PRO A 25 11.53 -1.77 -0.45
N VAL A 26 10.39 -1.33 -0.98
CA VAL A 26 9.32 -0.79 -0.16
C VAL A 26 7.95 -1.17 -0.72
N LEU A 27 6.92 -0.98 0.11
CA LEU A 27 5.56 -1.31 -0.30
C LEU A 27 4.62 -0.13 -0.06
N VAL A 28 3.74 0.13 -1.02
CA VAL A 28 2.78 1.22 -0.91
C VAL A 28 1.37 0.75 -1.23
N ASP A 29 0.40 1.23 -0.46
CA ASP A 29 -1.00 0.86 -0.66
C ASP A 29 -1.83 2.07 -1.06
N PHE A 30 -2.58 1.93 -2.15
CA PHE A 30 -3.42 3.02 -2.63
C PHE A 30 -4.87 2.84 -2.19
N TRP A 31 -5.38 3.83 -1.45
CA TRP A 31 -6.75 3.76 -0.96
C TRP A 31 -7.28 5.17 -0.69
N ALA A 32 -8.59 5.35 -0.86
CA ALA A 32 -9.22 6.64 -0.64
C ALA A 32 -9.94 6.68 0.71
N THR A 33 -10.07 7.87 1.27
CA THR A 33 -10.73 8.04 2.57
C THR A 33 -12.25 7.96 2.42
N TRP A 34 -12.74 8.31 1.25
CA TRP A 34 -14.18 8.28 0.98
C TRP A 34 -14.70 6.86 0.94
N CYS A 35 -13.78 5.91 0.77
CA CYS A 35 -14.14 4.49 0.70
C CYS A 35 -15.06 4.13 1.86
N GLY A 36 -16.15 3.43 1.53
CA GLY A 36 -17.10 3.03 2.56
C GLY A 36 -16.61 1.85 3.38
N PRO A 37 -16.48 0.69 2.75
CA PRO A 37 -16.00 -0.53 3.41
C PRO A 37 -14.52 -0.46 3.77
N CYS A 38 -14.20 0.38 4.75
CA CYS A 38 -12.82 0.55 5.19
C CYS A 38 -12.46 -0.49 6.24
N LYS A 39 -13.44 -0.87 7.06
CA LYS A 39 -13.24 -1.85 8.11
C LYS A 39 -12.91 -3.21 7.52
N MET A 40 -13.54 -3.54 6.40
CA MET A 40 -13.31 -4.81 5.73
C MET A 40 -11.83 -5.02 5.43
N VAL A 41 -11.16 -3.94 5.02
CA VAL A 41 -9.73 -4.01 4.72
C VAL A 41 -8.92 -3.19 5.71
N ALA A 42 -9.51 -2.92 6.87
CA ALA A 42 -8.84 -2.16 7.91
C ALA A 42 -7.69 -2.95 8.53
N PRO A 43 -8.01 -4.11 9.13
CA PRO A 43 -7.03 -4.98 9.77
C PRO A 43 -6.12 -5.66 8.76
N VAL A 44 -6.66 -5.93 7.56
CA VAL A 44 -5.89 -6.57 6.51
C VAL A 44 -4.56 -5.87 6.28
N LEU A 45 -4.63 -4.59 5.93
CA LEU A 45 -3.43 -3.79 5.68
C LEU A 45 -2.51 -3.79 6.90
N GLU A 46 -3.13 -3.84 8.08
CA GLU A 46 -2.36 -3.85 9.33
C GLU A 46 -1.50 -5.10 9.43
N GLU A 47 -2.16 -6.26 9.40
CA GLU A 47 -1.46 -7.53 9.49
C GLU A 47 -0.52 -7.73 8.31
N ILE A 48 -1.00 -7.38 7.12
CA ILE A 48 -0.20 -7.50 5.90
C ILE A 48 1.04 -6.62 5.96
N ALA A 49 0.90 -5.46 6.59
CA ALA A 49 2.01 -4.52 6.71
C ALA A 49 3.09 -5.07 7.64
N ALA A 50 2.66 -5.77 8.69
CA ALA A 50 3.58 -6.34 9.66
C ALA A 50 4.15 -7.67 9.15
N GLU A 51 3.38 -8.36 8.33
CA GLU A 51 3.81 -9.64 7.78
C GLU A 51 5.21 -9.54 7.18
N LYS A 52 5.38 -8.63 6.23
CA LYS A 52 6.67 -8.43 5.58
C LYS A 52 7.24 -7.05 5.92
N GLY A 53 6.74 -6.46 7.00
CA GLY A 53 7.21 -5.15 7.41
C GLY A 53 8.67 -5.16 7.83
N ASP A 54 9.12 -6.29 8.37
CA ASP A 54 10.49 -6.43 8.82
C ASP A 54 11.46 -6.47 7.64
N GLN A 55 11.01 -7.10 6.55
CA GLN A 55 11.84 -7.21 5.35
C GLN A 55 11.85 -5.91 4.57
N LEU A 56 10.69 -5.25 4.50
CA LEU A 56 10.57 -3.99 3.79
C LEU A 56 9.58 -3.06 4.48
N THR A 57 9.67 -1.77 4.17
CA THR A 57 8.79 -0.78 4.78
C THR A 57 7.46 -0.70 4.03
N VAL A 58 6.38 -0.51 4.76
CA VAL A 58 5.04 -0.41 4.17
C VAL A 58 4.41 0.94 4.47
N ALA A 59 4.03 1.65 3.40
CA ALA A 59 3.41 2.96 3.54
C ALA A 59 2.04 3.00 2.87
N LYS A 60 1.27 4.04 3.15
CA LYS A 60 -0.06 4.19 2.56
C LYS A 60 -0.25 5.59 2.00
N ILE A 61 -0.93 5.68 0.86
CA ILE A 61 -1.19 6.96 0.22
C ILE A 61 -2.55 7.52 0.61
N ASP A 62 -2.79 8.78 0.27
CA ASP A 62 -4.06 9.43 0.59
C ASP A 62 -4.69 10.03 -0.66
N VAL A 63 -5.64 9.32 -1.25
CA VAL A 63 -6.32 9.79 -2.45
C VAL A 63 -6.81 11.22 -2.27
N ASP A 64 -7.16 11.57 -1.04
CA ASP A 64 -7.65 12.91 -0.75
C ASP A 64 -6.68 13.98 -1.26
N ALA A 65 -5.39 13.66 -1.19
CA ALA A 65 -4.35 14.58 -1.64
C ALA A 65 -4.18 14.52 -3.15
N ASN A 66 -4.34 13.32 -3.71
CA ASN A 66 -4.20 13.11 -5.15
C ASN A 66 -5.54 12.76 -5.79
N PRO A 67 -6.40 13.77 -5.95
CA PRO A 67 -7.73 13.59 -6.54
C PRO A 67 -7.66 13.27 -8.04
N ALA A 68 -6.61 13.76 -8.69
CA ALA A 68 -6.42 13.53 -10.11
C ALA A 68 -6.58 12.05 -10.45
N THR A 69 -6.20 11.19 -9.52
CA THR A 69 -6.30 9.75 -9.73
C THR A 69 -7.75 9.29 -9.75
N ALA A 70 -8.44 9.48 -8.63
CA ALA A 70 -9.84 9.09 -8.53
C ALA A 70 -10.70 9.81 -9.58
N ARG A 71 -10.57 11.14 -9.62
CA ARG A 71 -11.32 11.94 -10.57
C ARG A 71 -11.16 11.40 -11.99
N ASP A 72 -10.00 10.82 -12.28
CA ASP A 72 -9.71 10.26 -13.59
C ASP A 72 -10.84 9.36 -14.05
N PHE A 73 -11.21 8.40 -13.20
CA PHE A 73 -12.28 7.46 -13.53
C PHE A 73 -13.49 7.68 -12.62
N GLN A 74 -13.57 8.87 -12.03
CA GLN A 74 -14.67 9.21 -11.15
C GLN A 74 -14.93 8.09 -10.14
N VAL A 75 -13.90 7.73 -9.39
CA VAL A 75 -14.01 6.68 -8.39
C VAL A 75 -13.78 7.22 -6.98
N VAL A 76 -14.58 6.73 -6.03
CA VAL A 76 -14.45 7.17 -4.64
C VAL A 76 -13.54 6.24 -3.85
N SER A 77 -13.57 4.96 -4.19
CA SER A 77 -12.75 3.97 -3.51
C SER A 77 -11.84 3.24 -4.51
N ILE A 78 -10.54 3.28 -4.25
CA ILE A 78 -9.58 2.61 -5.13
C ILE A 78 -8.59 1.78 -4.32
N PRO A 79 -9.10 0.71 -3.70
CA PRO A 79 -8.27 -0.19 -2.88
C PRO A 79 -7.31 -1.02 -3.73
N THR A 80 -6.17 -0.41 -4.09
CA THR A 80 -5.17 -1.09 -4.90
C THR A 80 -3.78 -0.92 -4.30
N MET A 81 -3.14 -2.03 -3.95
CA MET A 81 -1.81 -2.01 -3.37
C MET A 81 -0.75 -2.28 -4.44
N ILE A 82 0.43 -1.69 -4.26
CA ILE A 82 1.53 -1.87 -5.20
C ILE A 82 2.85 -2.05 -4.48
N LEU A 83 3.55 -3.14 -4.80
CA LEU A 83 4.83 -3.43 -4.18
C LEU A 83 5.99 -3.05 -5.10
N PHE A 84 7.00 -2.40 -4.54
CA PHE A 84 8.16 -1.98 -5.31
C PHE A 84 9.44 -2.61 -4.77
N LYS A 85 10.13 -3.35 -5.62
CA LYS A 85 11.38 -4.02 -5.23
C LYS A 85 12.51 -3.66 -6.19
N ASP A 86 13.62 -3.20 -5.63
CA ASP A 86 14.78 -2.84 -6.44
C ASP A 86 14.46 -1.65 -7.34
N GLY A 87 13.59 -0.76 -6.86
CA GLY A 87 13.21 0.41 -7.63
C GLY A 87 12.35 0.05 -8.84
N ALA A 88 11.76 -1.14 -8.81
CA ALA A 88 10.92 -1.60 -9.90
C ALA A 88 9.70 -2.35 -9.38
N PRO A 89 8.64 -2.39 -10.19
CA PRO A 89 7.40 -3.08 -9.83
C PRO A 89 7.55 -4.59 -9.80
N VAL A 90 7.13 -5.20 -8.70
CA VAL A 90 7.22 -6.65 -8.54
C VAL A 90 5.84 -7.29 -8.47
N LYS A 91 4.89 -6.57 -7.87
CA LYS A 91 3.52 -7.07 -7.74
C LYS A 91 2.58 -5.94 -7.32
N ARG A 92 1.29 -6.17 -7.49
CA ARG A 92 0.28 -5.18 -7.12
C ARG A 92 -1.10 -5.82 -7.03
N ILE A 93 -1.79 -5.58 -5.92
CA ILE A 93 -3.13 -6.13 -5.71
C ILE A 93 -4.20 -5.11 -6.07
N VAL A 94 -5.19 -5.55 -6.83
CA VAL A 94 -6.29 -4.67 -7.23
C VAL A 94 -7.62 -5.15 -6.66
N GLY A 95 -8.28 -4.27 -5.91
CA GLY A 95 -9.56 -4.62 -5.31
C GLY A 95 -9.45 -4.82 -3.82
N ALA A 96 -10.41 -4.27 -3.07
CA ALA A 96 -10.43 -4.40 -1.62
C ALA A 96 -10.86 -5.80 -1.20
N LYS A 97 -9.89 -6.68 -1.01
CA LYS A 97 -10.17 -8.05 -0.61
C LYS A 97 -9.57 -8.35 0.76
N GLY A 98 -9.65 -9.61 1.19
CA GLY A 98 -9.11 -9.99 2.48
C GLY A 98 -7.59 -10.06 2.47
N LYS A 99 -7.03 -10.59 3.55
CA LYS A 99 -5.58 -10.71 3.67
C LYS A 99 -5.06 -11.87 2.83
N ALA A 100 -5.85 -12.94 2.74
CA ALA A 100 -5.48 -14.12 1.97
C ALA A 100 -5.06 -13.73 0.56
N ALA A 101 -5.85 -12.86 -0.08
CA ALA A 101 -5.57 -12.41 -1.43
C ALA A 101 -4.20 -11.73 -1.50
N LEU A 102 -3.85 -11.01 -0.45
CA LEU A 102 -2.56 -10.31 -0.40
C LEU A 102 -1.43 -11.28 -0.08
N LEU A 103 -1.72 -12.27 0.76
CA LEU A 103 -0.73 -13.26 1.14
C LEU A 103 -0.06 -13.87 -0.08
N ARG A 104 -0.85 -14.12 -1.12
CA ARG A 104 -0.34 -14.71 -2.35
C ARG A 104 0.86 -13.91 -2.87
N GLU A 105 0.75 -12.60 -2.81
CA GLU A 105 1.83 -11.72 -3.27
C GLU A 105 3.05 -11.84 -2.37
N LEU A 106 2.82 -12.05 -1.08
CA LEU A 106 3.90 -12.18 -0.11
C LEU A 106 4.60 -13.53 -0.26
N SER A 107 3.82 -14.57 -0.57
CA SER A 107 4.37 -15.90 -0.73
C SER A 107 5.35 -15.95 -1.90
N ASP A 108 5.06 -15.21 -2.95
CA ASP A 108 5.91 -15.16 -4.13
C ASP A 108 7.25 -14.48 -3.80
N ALA A 109 7.18 -13.36 -3.09
CA ALA A 109 8.38 -12.63 -2.71
C ALA A 109 9.23 -13.45 -1.73
N LEU A 110 8.58 -14.16 -0.82
CA LEU A 110 9.27 -14.97 0.16
C LEU A 110 9.33 -16.44 -0.28
N MET A 1 -4.38 -2.78 22.80
CA MET A 1 -3.91 -3.62 21.70
C MET A 1 -2.47 -3.28 21.33
N SER A 2 -1.78 -4.24 20.73
CA SER A 2 -0.39 -4.04 20.31
C SER A 2 -0.33 -3.55 18.87
N GLU A 3 0.70 -2.75 18.58
CA GLU A 3 0.88 -2.21 17.24
C GLU A 3 2.34 -2.34 16.79
N ASP A 4 2.63 -1.86 15.58
CA ASP A 4 3.97 -1.92 15.04
C ASP A 4 4.52 -0.52 14.77
N SER A 5 5.82 -0.43 14.55
CA SER A 5 6.46 0.85 14.29
C SER A 5 7.40 0.76 13.08
N ALA A 6 6.99 -0.03 12.09
CA ALA A 6 7.78 -0.20 10.88
C ALA A 6 6.98 0.19 9.64
N THR A 7 6.19 1.25 9.77
CA THR A 7 5.37 1.72 8.66
C THR A 7 5.34 3.26 8.61
N VAL A 8 5.63 3.81 7.45
CA VAL A 8 5.63 5.27 7.27
C VAL A 8 5.15 5.65 5.87
N ALA A 9 4.24 6.61 5.83
CA ALA A 9 3.69 7.08 4.55
C ALA A 9 4.61 8.10 3.90
N VAL A 10 4.48 8.27 2.59
CA VAL A 10 5.29 9.23 1.86
C VAL A 10 4.42 10.18 1.02
N THR A 11 5.02 11.27 0.57
CA THR A 11 4.30 12.25 -0.24
C THR A 11 4.35 11.90 -1.71
N ASP A 12 3.29 12.25 -2.44
CA ASP A 12 3.22 11.96 -3.87
C ASP A 12 4.35 12.64 -4.62
N ASP A 13 4.73 13.84 -4.18
CA ASP A 13 5.80 14.59 -4.81
C ASP A 13 7.16 13.95 -4.52
N SER A 14 7.36 13.55 -3.27
CA SER A 14 8.61 12.92 -2.86
C SER A 14 8.45 11.40 -2.73
N PHE A 15 7.62 10.83 -3.60
CA PHE A 15 7.38 9.39 -3.59
C PHE A 15 8.47 8.65 -4.36
N SER A 16 8.57 8.91 -5.65
CA SER A 16 9.56 8.27 -6.50
C SER A 16 10.97 8.47 -5.94
N THR A 17 11.26 9.69 -5.51
CA THR A 17 12.57 10.02 -4.95
C THR A 17 12.89 9.11 -3.77
N ASP A 18 11.87 8.73 -3.01
CA ASP A 18 12.05 7.87 -1.86
C ASP A 18 12.06 6.40 -2.27
N VAL A 19 10.96 5.94 -2.84
CA VAL A 19 10.84 4.56 -3.28
C VAL A 19 11.96 4.18 -4.24
N LEU A 20 11.99 4.85 -5.39
CA LEU A 20 13.02 4.59 -6.40
C LEU A 20 14.40 4.87 -5.83
N GLY A 21 14.50 5.86 -4.95
CA GLY A 21 15.78 6.21 -4.35
C GLY A 21 16.28 5.14 -3.40
N SER A 22 15.35 4.39 -2.81
CA SER A 22 15.70 3.34 -1.87
C SER A 22 15.87 2.00 -2.59
N SER A 23 17.12 1.62 -2.82
CA SER A 23 17.42 0.36 -3.50
C SER A 23 16.69 -0.81 -2.83
N LYS A 24 16.55 -0.73 -1.51
CA LYS A 24 15.87 -1.77 -0.76
C LYS A 24 14.41 -1.91 -1.20
N PRO A 25 13.81 -3.07 -0.88
CA PRO A 25 12.42 -3.35 -1.24
C PRO A 25 11.43 -2.50 -0.45
N VAL A 26 10.35 -2.08 -1.11
CA VAL A 26 9.33 -1.26 -0.46
C VAL A 26 7.95 -1.58 -1.01
N LEU A 27 6.94 -1.49 -0.13
CA LEU A 27 5.57 -1.78 -0.53
C LEU A 27 4.68 -0.55 -0.34
N VAL A 28 3.82 -0.30 -1.31
CA VAL A 28 2.92 0.85 -1.25
C VAL A 28 1.48 0.43 -1.55
N ASP A 29 0.54 0.96 -0.77
CA ASP A 29 -0.88 0.65 -0.95
C ASP A 29 -1.66 1.90 -1.30
N PHE A 30 -2.36 1.86 -2.43
CA PHE A 30 -3.16 2.99 -2.88
C PHE A 30 -4.55 2.95 -2.27
N TRP A 31 -4.92 4.02 -1.58
CA TRP A 31 -6.24 4.11 -0.95
C TRP A 31 -6.61 5.55 -0.67
N ALA A 32 -7.91 5.82 -0.59
CA ALA A 32 -8.40 7.17 -0.32
C ALA A 32 -8.74 7.36 1.15
N THR A 33 -9.01 8.60 1.55
CA THR A 33 -9.34 8.90 2.93
C THR A 33 -10.79 8.53 3.25
N TRP A 34 -11.66 8.67 2.25
CA TRP A 34 -13.07 8.33 2.42
C TRP A 34 -13.38 6.93 1.90
N CYS A 35 -12.35 6.09 1.88
CA CYS A 35 -12.51 4.71 1.41
C CYS A 35 -13.65 4.02 2.14
N GLY A 36 -14.68 3.64 1.39
CA GLY A 36 -15.82 2.95 1.98
C GLY A 36 -15.42 1.70 2.73
N PRO A 37 -14.96 0.68 1.99
CA PRO A 37 -14.53 -0.59 2.57
C PRO A 37 -13.25 -0.46 3.37
N CYS A 38 -13.31 0.30 4.45
CA CYS A 38 -12.14 0.51 5.31
C CYS A 38 -12.04 -0.60 6.36
N LYS A 39 -13.18 -1.07 6.83
CA LYS A 39 -13.23 -2.13 7.83
C LYS A 39 -12.96 -3.49 7.19
N MET A 40 -13.47 -3.68 5.98
CA MET A 40 -13.28 -4.94 5.26
C MET A 40 -11.80 -5.24 5.08
N VAL A 41 -10.99 -4.19 4.94
CA VAL A 41 -9.56 -4.35 4.76
C VAL A 41 -8.78 -3.65 5.86
N ALA A 42 -9.46 -3.38 6.98
CA ALA A 42 -8.83 -2.72 8.11
C ALA A 42 -7.81 -3.63 8.80
N PRO A 43 -8.28 -4.77 9.31
CA PRO A 43 -7.43 -5.75 9.99
C PRO A 43 -6.49 -6.46 9.04
N VAL A 44 -6.80 -6.41 7.75
CA VAL A 44 -5.99 -7.05 6.72
C VAL A 44 -4.77 -6.20 6.39
N LEU A 45 -4.94 -4.89 6.42
CA LEU A 45 -3.85 -3.97 6.12
C LEU A 45 -2.92 -3.81 7.33
N GLU A 46 -3.49 -3.96 8.53
CA GLU A 46 -2.71 -3.84 9.75
C GLU A 46 -1.98 -5.14 10.07
N GLU A 47 -2.59 -6.26 9.72
CA GLU A 47 -1.99 -7.57 9.96
C GLU A 47 -0.94 -7.89 8.91
N ILE A 48 -1.18 -7.44 7.68
CA ILE A 48 -0.25 -7.69 6.59
C ILE A 48 0.93 -6.73 6.65
N ALA A 49 0.67 -5.50 7.07
CA ALA A 49 1.71 -4.49 7.19
C ALA A 49 2.77 -4.90 8.21
N ALA A 50 2.33 -5.55 9.28
CA ALA A 50 3.24 -6.00 10.33
C ALA A 50 3.87 -7.34 9.97
N GLU A 51 3.15 -8.14 9.17
CA GLU A 51 3.64 -9.45 8.77
C GLU A 51 5.06 -9.36 8.22
N LYS A 52 5.21 -8.65 7.10
CA LYS A 52 6.52 -8.48 6.49
C LYS A 52 7.03 -7.06 6.66
N GLY A 53 6.49 -6.36 7.66
CA GLY A 53 6.91 -5.00 7.92
C GLY A 53 8.39 -4.90 8.22
N ASP A 54 8.94 -5.93 8.83
CA ASP A 54 10.36 -5.95 9.18
C ASP A 54 11.21 -6.21 7.95
N GLN A 55 10.70 -7.03 7.03
CA GLN A 55 11.41 -7.36 5.81
C GLN A 55 11.42 -6.17 4.85
N LEU A 56 10.30 -5.47 4.76
CA LEU A 56 10.18 -4.31 3.89
C LEU A 56 9.27 -3.25 4.51
N THR A 57 9.40 -2.02 4.03
CA THR A 57 8.61 -0.91 4.53
C THR A 57 7.27 -0.82 3.80
N VAL A 58 6.18 -0.87 4.56
CA VAL A 58 4.84 -0.79 3.98
C VAL A 58 4.25 0.60 4.16
N ALA A 59 3.94 1.26 3.05
CA ALA A 59 3.36 2.59 3.08
C ALA A 59 2.10 2.66 2.24
N LYS A 60 1.47 3.83 2.22
CA LYS A 60 0.25 4.05 1.45
C LYS A 60 0.18 5.46 0.89
N ILE A 61 -0.56 5.63 -0.20
CA ILE A 61 -0.70 6.94 -0.82
C ILE A 61 -1.98 7.63 -0.37
N ASP A 62 -2.06 8.93 -0.60
CA ASP A 62 -3.24 9.71 -0.22
C ASP A 62 -3.99 10.19 -1.46
N VAL A 63 -5.05 9.47 -1.81
CA VAL A 63 -5.86 9.83 -2.97
C VAL A 63 -6.25 11.31 -2.94
N ASP A 64 -6.41 11.84 -1.73
CA ASP A 64 -6.78 13.24 -1.56
C ASP A 64 -5.84 14.16 -2.33
N ALA A 65 -4.57 13.77 -2.40
CA ALA A 65 -3.57 14.55 -3.12
C ALA A 65 -3.64 14.30 -4.62
N ASN A 66 -3.98 13.07 -4.99
CA ASN A 66 -4.08 12.69 -6.40
C ASN A 66 -5.52 12.37 -6.77
N PRO A 67 -6.35 13.42 -6.90
CA PRO A 67 -7.77 13.28 -7.25
C PRO A 67 -7.96 12.83 -8.70
N ALA A 68 -6.99 13.15 -9.55
CA ALA A 68 -7.05 12.78 -10.96
C ALA A 68 -7.36 11.30 -11.12
N THR A 69 -6.93 10.50 -10.15
CA THR A 69 -7.15 9.06 -10.19
C THR A 69 -8.62 8.72 -9.92
N ALA A 70 -9.08 9.05 -8.72
CA ALA A 70 -10.46 8.79 -8.34
C ALA A 70 -11.43 9.52 -9.27
N ARG A 71 -11.24 10.82 -9.42
CA ARG A 71 -12.09 11.63 -10.27
C ARG A 71 -12.23 11.01 -11.66
N ASP A 72 -11.18 10.32 -12.10
CA ASP A 72 -11.19 9.66 -13.40
C ASP A 72 -12.47 8.87 -13.60
N PHE A 73 -12.76 7.98 -12.65
CA PHE A 73 -13.96 7.16 -12.73
C PHE A 73 -14.96 7.53 -11.65
N GLN A 74 -14.85 8.76 -11.15
CA GLN A 74 -15.74 9.25 -10.11
C GLN A 74 -15.87 8.23 -8.98
N VAL A 75 -14.75 7.84 -8.40
CA VAL A 75 -14.74 6.87 -7.31
C VAL A 75 -14.17 7.47 -6.03
N VAL A 76 -14.63 6.96 -4.89
CA VAL A 76 -14.16 7.45 -3.60
C VAL A 76 -13.22 6.44 -2.93
N SER A 77 -13.51 5.16 -3.14
CA SER A 77 -12.70 4.09 -2.55
C SER A 77 -11.92 3.35 -3.63
N ILE A 78 -10.60 3.30 -3.48
CA ILE A 78 -9.74 2.63 -4.43
C ILE A 78 -8.66 1.80 -3.72
N PRO A 79 -9.10 0.74 -3.04
CA PRO A 79 -8.18 -0.15 -2.30
C PRO A 79 -7.31 -0.98 -3.24
N THR A 80 -6.03 -0.62 -3.32
CA THR A 80 -5.09 -1.33 -4.18
C THR A 80 -3.76 -1.55 -3.48
N MET A 81 -3.13 -2.68 -3.74
CA MET A 81 -1.84 -3.02 -3.13
C MET A 81 -0.78 -3.23 -4.19
N ILE A 82 0.18 -2.32 -4.26
CA ILE A 82 1.27 -2.42 -5.24
C ILE A 82 2.61 -2.65 -4.54
N LEU A 83 3.41 -3.54 -5.11
CA LEU A 83 4.72 -3.85 -4.55
C LEU A 83 5.84 -3.25 -5.41
N PHE A 84 6.85 -2.71 -4.75
CA PHE A 84 7.98 -2.10 -5.45
C PHE A 84 9.30 -2.72 -5.01
N LYS A 85 10.03 -3.28 -5.96
CA LYS A 85 11.31 -3.91 -5.68
C LYS A 85 12.42 -3.32 -6.55
N ASP A 86 13.49 -2.85 -5.91
CA ASP A 86 14.61 -2.27 -6.63
C ASP A 86 14.19 -1.00 -7.37
N GLY A 87 13.26 -0.27 -6.78
CA GLY A 87 12.78 0.96 -7.38
C GLY A 87 11.97 0.70 -8.65
N ALA A 88 11.43 -0.50 -8.76
CA ALA A 88 10.63 -0.87 -9.93
C ALA A 88 9.43 -1.73 -9.52
N PRO A 89 8.39 -1.72 -10.36
CA PRO A 89 7.16 -2.48 -10.12
C PRO A 89 7.37 -3.98 -10.24
N VAL A 90 6.93 -4.73 -9.22
CA VAL A 90 7.07 -6.17 -9.22
C VAL A 90 5.71 -6.86 -9.12
N LYS A 91 4.80 -6.23 -8.40
CA LYS A 91 3.46 -6.77 -8.22
C LYS A 91 2.42 -5.66 -8.15
N ARG A 92 1.16 -6.01 -8.42
CA ARG A 92 0.08 -5.03 -8.39
C ARG A 92 -1.28 -5.73 -8.33
N ILE A 93 -1.93 -5.66 -7.17
CA ILE A 93 -3.23 -6.29 -6.99
C ILE A 93 -4.26 -5.28 -6.49
N VAL A 94 -5.36 -5.14 -7.22
CA VAL A 94 -6.42 -4.21 -6.85
C VAL A 94 -7.65 -4.96 -6.35
N GLY A 95 -8.35 -4.36 -5.39
CA GLY A 95 -9.54 -4.98 -4.85
C GLY A 95 -9.43 -5.21 -3.35
N ALA A 96 -10.49 -4.86 -2.62
CA ALA A 96 -10.51 -5.04 -1.17
C ALA A 96 -10.80 -6.49 -0.81
N LYS A 97 -9.74 -7.26 -0.57
CA LYS A 97 -9.88 -8.67 -0.21
C LYS A 97 -9.32 -8.93 1.19
N GLY A 98 -9.37 -10.19 1.61
CA GLY A 98 -8.87 -10.55 2.93
C GLY A 98 -7.37 -10.76 2.94
N LYS A 99 -6.80 -10.92 4.13
CA LYS A 99 -5.37 -11.14 4.27
C LYS A 99 -4.90 -12.29 3.39
N ALA A 100 -5.79 -13.26 3.18
CA ALA A 100 -5.48 -14.42 2.36
C ALA A 100 -4.91 -14.00 1.00
N ALA A 101 -5.40 -12.88 0.48
CA ALA A 101 -4.94 -12.37 -0.80
C ALA A 101 -3.60 -11.65 -0.66
N LEU A 102 -3.59 -10.61 0.16
CA LEU A 102 -2.37 -9.83 0.38
C LEU A 102 -1.20 -10.73 0.74
N LEU A 103 -1.49 -11.77 1.52
CA LEU A 103 -0.46 -12.72 1.92
C LEU A 103 0.33 -13.23 0.72
N ARG A 104 -0.37 -13.48 -0.37
CA ARG A 104 0.26 -13.98 -1.59
C ARG A 104 1.30 -12.98 -2.10
N GLU A 105 0.94 -11.70 -2.11
CA GLU A 105 1.85 -10.66 -2.57
C GLU A 105 3.20 -10.76 -1.86
N LEU A 106 3.17 -11.14 -0.59
CA LEU A 106 4.39 -11.27 0.20
C LEU A 106 5.34 -12.28 -0.43
N SER A 107 4.80 -13.45 -0.78
CA SER A 107 5.60 -14.51 -1.39
C SER A 107 6.38 -13.97 -2.60
N ASP A 108 5.76 -13.06 -3.33
CA ASP A 108 6.39 -12.46 -4.50
C ASP A 108 7.54 -11.56 -4.10
N ALA A 109 7.34 -10.77 -3.06
CA ALA A 109 8.37 -9.85 -2.58
C ALA A 109 9.56 -10.62 -2.00
N LEU A 110 9.26 -11.68 -1.25
CA LEU A 110 10.30 -12.50 -0.65
C LEU A 110 10.75 -13.60 -1.61
N MET A 1 3.19 1.89 27.47
CA MET A 1 2.66 3.19 27.05
C MET A 1 3.06 3.47 25.60
N SER A 2 4.36 3.44 25.34
CA SER A 2 4.87 3.71 23.99
C SER A 2 5.25 2.41 23.28
N GLU A 3 4.66 2.19 22.11
CA GLU A 3 4.94 0.98 21.34
C GLU A 3 5.77 1.31 20.10
N ASP A 4 6.10 0.28 19.33
CA ASP A 4 6.90 0.45 18.13
C ASP A 4 6.00 0.63 16.90
N SER A 5 6.61 0.75 15.74
CA SER A 5 5.87 0.92 14.49
C SER A 5 6.82 0.99 13.30
N ALA A 6 6.88 -0.10 12.54
CA ALA A 6 7.74 -0.17 11.37
C ALA A 6 6.98 0.19 10.10
N THR A 7 6.08 1.16 10.22
CA THR A 7 5.27 1.59 9.07
C THR A 7 5.16 3.11 9.04
N VAL A 8 5.59 3.70 7.92
CA VAL A 8 5.52 5.15 7.76
C VAL A 8 4.99 5.53 6.38
N ALA A 9 4.09 6.49 6.35
CA ALA A 9 3.49 6.94 5.10
C ALA A 9 4.42 7.92 4.37
N VAL A 10 4.33 7.92 3.04
CA VAL A 10 5.16 8.81 2.23
C VAL A 10 4.30 9.75 1.40
N THR A 11 4.89 10.89 1.01
CA THR A 11 4.18 11.88 0.21
C THR A 11 4.11 11.46 -1.25
N ASP A 12 3.22 12.09 -2.00
CA ASP A 12 3.06 11.77 -3.42
C ASP A 12 4.19 12.36 -4.24
N ASP A 13 4.49 13.64 -4.01
CA ASP A 13 5.56 14.32 -4.73
C ASP A 13 6.91 13.69 -4.40
N SER A 14 7.07 13.25 -3.15
CA SER A 14 8.32 12.65 -2.72
C SER A 14 8.17 11.13 -2.59
N PHE A 15 7.38 10.55 -3.49
CA PHE A 15 7.15 9.10 -3.48
C PHE A 15 8.27 8.38 -4.23
N SER A 16 8.38 8.65 -5.53
CA SER A 16 9.40 8.01 -6.35
C SER A 16 10.79 8.24 -5.77
N THR A 17 11.05 9.47 -5.35
CA THR A 17 12.34 9.82 -4.77
C THR A 17 12.67 8.95 -3.58
N ASP A 18 11.64 8.55 -2.84
CA ASP A 18 11.82 7.70 -1.66
C ASP A 18 11.86 6.23 -2.06
N VAL A 19 10.78 5.74 -2.65
CA VAL A 19 10.69 4.35 -3.08
C VAL A 19 11.84 4.00 -4.01
N LEU A 20 11.88 4.65 -5.17
CA LEU A 20 12.92 4.40 -6.16
C LEU A 20 14.30 4.72 -5.58
N GLY A 21 14.35 5.72 -4.71
CA GLY A 21 15.61 6.11 -4.10
C GLY A 21 16.12 5.07 -3.12
N SER A 22 15.21 4.30 -2.54
CA SER A 22 15.58 3.27 -1.58
C SER A 22 15.84 1.94 -2.28
N SER A 23 17.11 1.58 -2.37
CA SER A 23 17.50 0.33 -3.01
C SER A 23 16.72 -0.85 -2.44
N LYS A 24 16.43 -0.79 -1.16
CA LYS A 24 15.68 -1.85 -0.49
C LYS A 24 14.24 -1.87 -0.96
N PRO A 25 13.60 -3.05 -0.84
CA PRO A 25 12.20 -3.23 -1.25
C PRO A 25 11.23 -2.49 -0.35
N VAL A 26 10.11 -2.03 -0.92
CA VAL A 26 9.11 -1.31 -0.16
C VAL A 26 7.71 -1.62 -0.68
N LEU A 27 6.73 -1.53 0.22
CA LEU A 27 5.34 -1.80 -0.15
C LEU A 27 4.45 -0.58 0.10
N VAL A 28 3.56 -0.31 -0.84
CA VAL A 28 2.65 0.84 -0.72
C VAL A 28 1.21 0.43 -1.03
N ASP A 29 0.28 0.95 -0.25
CA ASP A 29 -1.14 0.64 -0.43
C ASP A 29 -1.91 1.87 -0.88
N PHE A 30 -2.47 1.81 -2.08
CA PHE A 30 -3.24 2.93 -2.63
C PHE A 30 -4.71 2.81 -2.26
N TRP A 31 -5.21 3.77 -1.50
CA TRP A 31 -6.60 3.78 -1.08
C TRP A 31 -7.04 5.18 -0.67
N ALA A 32 -8.35 5.36 -0.53
CA ALA A 32 -8.90 6.65 -0.15
C ALA A 32 -9.31 6.66 1.32
N THR A 33 -9.43 7.85 1.90
CA THR A 33 -9.80 7.99 3.30
C THR A 33 -11.27 7.64 3.51
N TRP A 34 -12.10 7.96 2.52
CA TRP A 34 -13.53 7.68 2.60
C TRP A 34 -13.88 6.44 1.80
N CYS A 35 -12.90 5.56 1.62
CA CYS A 35 -13.12 4.32 0.87
C CYS A 35 -14.23 3.49 1.49
N GLY A 36 -15.24 3.18 0.68
CA GLY A 36 -16.36 2.39 1.16
C GLY A 36 -15.93 1.12 1.85
N PRO A 37 -15.36 0.18 1.08
CA PRO A 37 -14.89 -1.11 1.60
C PRO A 37 -13.66 -0.95 2.49
N CYS A 38 -13.83 -0.28 3.62
CA CYS A 38 -12.73 -0.06 4.55
C CYS A 38 -12.59 -1.24 5.51
N LYS A 39 -13.72 -1.83 5.87
CA LYS A 39 -13.71 -2.98 6.79
C LYS A 39 -13.29 -4.25 6.06
N MET A 40 -13.65 -4.35 4.78
CA MET A 40 -13.30 -5.51 3.98
C MET A 40 -11.79 -5.66 3.87
N VAL A 41 -11.08 -4.54 3.87
CA VAL A 41 -9.63 -4.54 3.77
C VAL A 41 -8.99 -3.85 4.98
N ALA A 42 -9.74 -3.76 6.06
CA ALA A 42 -9.25 -3.12 7.27
C ALA A 42 -8.17 -3.97 7.94
N PRO A 43 -8.54 -5.20 8.34
CA PRO A 43 -7.62 -6.13 9.00
C PRO A 43 -6.55 -6.65 8.04
N VAL A 44 -6.94 -6.86 6.79
CA VAL A 44 -6.02 -7.37 5.78
C VAL A 44 -4.76 -6.50 5.71
N LEU A 45 -4.94 -5.23 5.36
CA LEU A 45 -3.83 -4.30 5.25
C LEU A 45 -3.01 -4.28 6.54
N GLU A 46 -3.69 -4.50 7.66
CA GLU A 46 -3.02 -4.50 8.96
C GLU A 46 -2.07 -5.69 9.08
N GLU A 47 -2.61 -6.90 8.96
CA GLU A 47 -1.80 -8.10 9.04
C GLU A 47 -0.76 -8.14 7.94
N ILE A 48 -1.14 -7.70 6.76
CA ILE A 48 -0.23 -7.69 5.61
C ILE A 48 0.89 -6.67 5.82
N ALA A 49 0.57 -5.56 6.46
CA ALA A 49 1.56 -4.51 6.73
C ALA A 49 2.63 -5.01 7.69
N ALA A 50 2.21 -5.75 8.72
CA ALA A 50 3.14 -6.28 9.70
C ALA A 50 3.77 -7.59 9.23
N GLU A 51 3.09 -8.25 8.29
CA GLU A 51 3.59 -9.51 7.74
C GLU A 51 5.04 -9.38 7.31
N LYS A 52 5.29 -8.55 6.31
CA LYS A 52 6.65 -8.33 5.80
C LYS A 52 7.16 -6.96 6.19
N GLY A 53 6.55 -6.38 7.22
CA GLY A 53 6.96 -5.07 7.69
C GLY A 53 8.32 -5.09 8.37
N ASP A 54 8.70 -6.26 8.86
CA ASP A 54 9.99 -6.42 9.54
C ASP A 54 11.14 -6.41 8.54
N GLN A 55 10.89 -6.95 7.36
CA GLN A 55 11.90 -7.02 6.31
C GLN A 55 11.81 -5.80 5.39
N LEU A 56 10.58 -5.40 5.09
CA LEU A 56 10.36 -4.24 4.21
C LEU A 56 9.48 -3.20 4.90
N THR A 57 9.38 -2.02 4.28
CA THR A 57 8.58 -0.95 4.84
C THR A 57 7.20 -0.88 4.18
N VAL A 58 6.15 -1.01 4.98
CA VAL A 58 4.79 -0.96 4.46
C VAL A 58 4.16 0.41 4.69
N ALA A 59 3.87 1.12 3.60
CA ALA A 59 3.26 2.43 3.68
C ALA A 59 1.95 2.49 2.93
N LYS A 60 1.25 3.62 3.01
CA LYS A 60 -0.02 3.79 2.34
C LYS A 60 -0.20 5.24 1.89
N ILE A 61 -0.86 5.42 0.74
CA ILE A 61 -1.10 6.75 0.21
C ILE A 61 -2.48 7.27 0.61
N ASP A 62 -2.70 8.56 0.41
CA ASP A 62 -3.98 9.18 0.75
C ASP A 62 -4.61 9.82 -0.48
N VAL A 63 -5.59 9.15 -1.06
CA VAL A 63 -6.27 9.66 -2.24
C VAL A 63 -6.74 11.10 -2.02
N ASP A 64 -7.05 11.43 -0.78
CA ASP A 64 -7.50 12.78 -0.44
C ASP A 64 -6.52 13.83 -0.96
N ALA A 65 -5.24 13.49 -0.93
CA ALA A 65 -4.20 14.41 -1.38
C ALA A 65 -4.09 14.40 -2.90
N ASN A 66 -4.31 13.23 -3.49
CA ASN A 66 -4.24 13.08 -4.94
C ASN A 66 -5.61 12.70 -5.52
N PRO A 67 -6.54 13.65 -5.50
CA PRO A 67 -7.89 13.45 -6.02
C PRO A 67 -7.92 13.33 -7.54
N ALA A 68 -6.92 13.91 -8.19
CA ALA A 68 -6.83 13.85 -9.65
C ALA A 68 -6.99 12.43 -10.16
N THR A 69 -6.57 11.47 -9.35
CA THR A 69 -6.66 10.06 -9.72
C THR A 69 -8.11 9.58 -9.70
N ALA A 70 -8.72 9.60 -8.51
CA ALA A 70 -10.10 9.17 -8.36
C ALA A 70 -11.04 10.02 -9.21
N ARG A 71 -10.93 11.35 -9.05
CA ARG A 71 -11.78 12.27 -9.80
C ARG A 71 -11.72 11.96 -11.29
N ASP A 72 -10.59 11.44 -11.74
CA ASP A 72 -10.41 11.11 -13.16
C ASP A 72 -11.59 10.30 -13.68
N PHE A 73 -11.90 9.21 -12.99
CA PHE A 73 -13.01 8.35 -13.38
C PHE A 73 -14.14 8.40 -12.35
N GLN A 74 -14.21 9.51 -11.62
CA GLN A 74 -15.24 9.68 -10.60
C GLN A 74 -15.33 8.45 -9.70
N VAL A 75 -14.20 8.09 -9.10
CA VAL A 75 -14.16 6.93 -8.21
C VAL A 75 -14.16 7.36 -6.75
N VAL A 76 -14.80 6.56 -5.90
CA VAL A 76 -14.87 6.85 -4.48
C VAL A 76 -13.94 5.94 -3.68
N SER A 77 -13.89 4.68 -4.07
CA SER A 77 -13.03 3.71 -3.39
C SER A 77 -12.05 3.07 -4.37
N ILE A 78 -10.76 3.26 -4.09
CA ILE A 78 -9.72 2.71 -4.95
C ILE A 78 -8.80 1.77 -4.16
N PRO A 79 -9.34 0.63 -3.73
CA PRO A 79 -8.58 -0.36 -2.96
C PRO A 79 -7.52 -1.06 -3.81
N THR A 80 -6.40 -0.39 -4.03
CA THR A 80 -5.31 -0.95 -4.82
C THR A 80 -4.06 -1.12 -3.98
N MET A 81 -3.26 -2.13 -4.33
CA MET A 81 -2.03 -2.40 -3.60
C MET A 81 -0.87 -2.62 -4.56
N ILE A 82 0.23 -1.92 -4.34
CA ILE A 82 1.41 -2.05 -5.19
C ILE A 82 2.64 -2.44 -4.38
N LEU A 83 3.35 -3.45 -4.85
CA LEU A 83 4.55 -3.93 -4.17
C LEU A 83 5.81 -3.58 -4.97
N PHE A 84 6.75 -2.91 -4.31
CA PHE A 84 8.00 -2.52 -4.96
C PHE A 84 9.17 -3.33 -4.42
N LYS A 85 9.90 -3.97 -5.31
CA LYS A 85 11.05 -4.79 -4.93
C LYS A 85 12.25 -4.49 -5.82
N ASP A 86 13.40 -4.23 -5.21
CA ASP A 86 14.62 -3.94 -5.95
C ASP A 86 14.48 -2.64 -6.74
N GLY A 87 13.72 -1.70 -6.18
CA GLY A 87 13.51 -0.42 -6.86
C GLY A 87 12.67 -0.57 -8.12
N ALA A 88 11.98 -1.70 -8.23
CA ALA A 88 11.14 -1.95 -9.40
C ALA A 88 9.84 -2.64 -9.00
N PRO A 89 8.80 -2.51 -9.85
CA PRO A 89 7.50 -3.12 -9.60
C PRO A 89 7.53 -4.64 -9.71
N VAL A 90 7.03 -5.32 -8.69
CA VAL A 90 7.00 -6.77 -8.68
C VAL A 90 5.57 -7.30 -8.67
N LYS A 91 4.69 -6.59 -7.97
CA LYS A 91 3.29 -6.98 -7.89
C LYS A 91 2.39 -5.76 -7.88
N ARG A 92 1.14 -5.95 -8.29
CA ARG A 92 0.17 -4.85 -8.34
C ARG A 92 -1.25 -5.39 -8.44
N ILE A 93 -2.01 -5.28 -7.35
CA ILE A 93 -3.39 -5.76 -7.33
C ILE A 93 -4.37 -4.59 -7.21
N VAL A 94 -5.31 -4.52 -8.14
CA VAL A 94 -6.31 -3.45 -8.14
C VAL A 94 -7.68 -4.00 -7.74
N GLY A 95 -8.11 -3.67 -6.53
CA GLY A 95 -9.40 -4.12 -6.05
C GLY A 95 -9.36 -4.60 -4.61
N ALA A 96 -10.52 -4.63 -3.96
CA ALA A 96 -10.61 -5.06 -2.57
C ALA A 96 -10.90 -6.55 -2.47
N LYS A 97 -9.85 -7.35 -2.30
CA LYS A 97 -10.00 -8.79 -2.19
C LYS A 97 -9.79 -9.26 -0.75
N GLY A 98 -9.70 -10.57 -0.57
CA GLY A 98 -9.50 -11.12 0.77
C GLY A 98 -8.03 -11.18 1.16
N LYS A 99 -7.75 -11.88 2.24
CA LYS A 99 -6.38 -12.02 2.72
C LYS A 99 -5.59 -13.02 1.86
N ALA A 100 -6.24 -14.12 1.51
CA ALA A 100 -5.61 -15.15 0.68
C ALA A 100 -4.99 -14.54 -0.57
N ALA A 101 -5.66 -13.53 -1.13
CA ALA A 101 -5.17 -12.87 -2.33
C ALA A 101 -3.94 -12.01 -2.02
N LEU A 102 -4.04 -11.20 -0.97
CA LEU A 102 -2.93 -10.33 -0.58
C LEU A 102 -1.70 -11.14 -0.21
N LEU A 103 -1.92 -12.26 0.48
CA LEU A 103 -0.82 -13.12 0.89
C LEU A 103 -0.03 -13.61 -0.32
N ARG A 104 -0.73 -13.88 -1.41
CA ARG A 104 -0.09 -14.35 -2.63
C ARG A 104 0.85 -13.28 -3.19
N GLU A 105 0.46 -12.02 -3.06
CA GLU A 105 1.26 -10.91 -3.56
C GLU A 105 2.62 -10.86 -2.85
N LEU A 106 2.61 -11.18 -1.56
CA LEU A 106 3.84 -11.18 -0.77
C LEU A 106 4.68 -12.42 -1.06
N SER A 107 4.01 -13.55 -1.21
CA SER A 107 4.69 -14.82 -1.49
C SER A 107 5.36 -14.78 -2.86
N ASP A 108 4.63 -14.28 -3.85
CA ASP A 108 5.16 -14.19 -5.22
C ASP A 108 6.24 -13.12 -5.31
N ALA A 109 6.03 -12.01 -4.60
CA ALA A 109 6.98 -10.91 -4.60
C ALA A 109 8.26 -11.29 -3.87
N LEU A 110 8.11 -12.02 -2.77
CA LEU A 110 9.25 -12.45 -1.97
C LEU A 110 9.18 -13.94 -1.67
N MET A 1 0.55 -4.09 26.19
CA MET A 1 1.19 -4.66 25.01
C MET A 1 1.54 -3.57 24.01
N SER A 2 2.51 -3.86 23.15
CA SER A 2 2.95 -2.90 22.14
C SER A 2 2.82 -3.50 20.74
N GLU A 3 2.66 -2.62 19.75
CA GLU A 3 2.51 -3.06 18.36
C GLU A 3 3.66 -2.53 17.50
N ASP A 4 3.63 -2.85 16.22
CA ASP A 4 4.66 -2.41 15.28
C ASP A 4 4.43 -0.96 14.86
N SER A 5 5.51 -0.22 14.69
CA SER A 5 5.43 1.18 14.28
C SER A 5 6.36 1.47 13.10
N ALA A 6 6.47 0.51 12.20
CA ALA A 6 7.32 0.66 11.03
C ALA A 6 6.50 0.99 9.79
N THR A 7 5.51 1.87 9.96
CA THR A 7 4.65 2.26 8.86
C THR A 7 4.57 3.79 8.75
N VAL A 8 5.07 4.33 7.64
CA VAL A 8 5.05 5.77 7.41
C VAL A 8 4.66 6.09 5.98
N ALA A 9 3.75 7.05 5.82
CA ALA A 9 3.28 7.45 4.50
C ALA A 9 4.28 8.42 3.85
N VAL A 10 4.40 8.31 2.53
CA VAL A 10 5.32 9.17 1.78
C VAL A 10 4.56 10.25 1.03
N THR A 11 5.29 11.18 0.42
CA THR A 11 4.69 12.26 -0.34
C THR A 11 4.38 11.82 -1.77
N ASP A 12 3.57 12.62 -2.46
CA ASP A 12 3.20 12.32 -3.83
C ASP A 12 4.33 12.67 -4.80
N ASP A 13 4.90 13.85 -4.62
CA ASP A 13 5.98 14.31 -5.47
C ASP A 13 7.29 13.59 -5.12
N SER A 14 7.50 13.36 -3.83
CA SER A 14 8.71 12.69 -3.37
C SER A 14 8.45 11.20 -3.14
N PHE A 15 7.66 10.60 -4.04
CA PHE A 15 7.34 9.19 -3.94
C PHE A 15 8.44 8.33 -4.56
N SER A 16 8.76 8.61 -5.82
CA SER A 16 9.79 7.87 -6.53
C SER A 16 11.18 8.17 -5.96
N THR A 17 11.39 9.42 -5.58
CA THR A 17 12.67 9.84 -5.02
C THR A 17 13.02 9.04 -3.78
N ASP A 18 11.99 8.62 -3.04
CA ASP A 18 12.19 7.83 -1.84
C ASP A 18 12.17 6.34 -2.14
N VAL A 19 11.12 5.88 -2.79
CA VAL A 19 10.97 4.47 -3.14
C VAL A 19 12.11 4.03 -4.06
N LEU A 20 12.18 4.63 -5.25
CA LEU A 20 13.21 4.29 -6.22
C LEU A 20 14.59 4.67 -5.69
N GLY A 21 14.65 5.77 -4.94
CA GLY A 21 15.91 6.23 -4.39
C GLY A 21 16.43 5.31 -3.31
N SER A 22 15.52 4.60 -2.64
CA SER A 22 15.90 3.68 -1.56
C SER A 22 16.31 2.33 -2.13
N SER A 23 17.58 1.98 -1.97
CA SER A 23 18.09 0.72 -2.46
C SER A 23 17.24 -0.44 -1.98
N LYS A 24 16.74 -0.34 -0.75
CA LYS A 24 15.89 -1.37 -0.17
C LYS A 24 14.49 -1.34 -0.77
N PRO A 25 13.80 -2.48 -0.73
CA PRO A 25 12.43 -2.60 -1.26
C PRO A 25 11.42 -1.85 -0.41
N VAL A 26 10.33 -1.42 -1.05
CA VAL A 26 9.27 -0.68 -0.35
C VAL A 26 7.90 -1.03 -0.92
N LEU A 27 6.91 -1.06 -0.04
CA LEU A 27 5.54 -1.38 -0.44
C LEU A 27 4.62 -0.19 -0.24
N VAL A 28 3.78 0.08 -1.24
CA VAL A 28 2.84 1.20 -1.18
C VAL A 28 1.45 0.78 -1.62
N ASP A 29 0.44 1.17 -0.85
CA ASP A 29 -0.94 0.83 -1.16
C ASP A 29 -1.77 2.09 -1.38
N PHE A 30 -2.61 2.06 -2.41
CA PHE A 30 -3.46 3.20 -2.74
C PHE A 30 -4.76 3.15 -1.95
N TRP A 31 -5.06 4.21 -1.21
CA TRP A 31 -6.28 4.29 -0.42
C TRP A 31 -6.81 5.71 -0.36
N ALA A 32 -8.14 5.84 -0.36
CA ALA A 32 -8.77 7.16 -0.30
C ALA A 32 -9.33 7.43 1.09
N THR A 33 -9.14 8.66 1.56
CA THR A 33 -9.63 9.06 2.88
C THR A 33 -11.13 8.78 3.02
N TRP A 34 -11.86 8.92 1.91
CA TRP A 34 -13.29 8.69 1.91
C TRP A 34 -13.62 7.29 1.40
N CYS A 35 -12.67 6.38 1.53
CA CYS A 35 -12.84 5.01 1.08
C CYS A 35 -14.03 4.36 1.79
N GLY A 36 -14.84 3.61 1.03
CA GLY A 36 -16.00 2.95 1.60
C GLY A 36 -15.62 1.73 2.42
N PRO A 37 -15.12 0.69 1.74
CA PRO A 37 -14.71 -0.55 2.39
C PRO A 37 -13.47 -0.39 3.25
N CYS A 38 -13.60 0.38 4.33
CA CYS A 38 -12.48 0.63 5.24
C CYS A 38 -12.37 -0.48 6.28
N LYS A 39 -13.52 -0.99 6.72
CA LYS A 39 -13.56 -2.06 7.71
C LYS A 39 -13.23 -3.40 7.08
N MET A 40 -13.76 -3.64 5.89
CA MET A 40 -13.52 -4.90 5.18
C MET A 40 -12.02 -5.16 5.05
N VAL A 41 -11.25 -4.09 4.87
CA VAL A 41 -9.80 -4.21 4.73
C VAL A 41 -9.08 -3.46 5.84
N ALA A 42 -9.79 -3.23 6.95
CA ALA A 42 -9.21 -2.53 8.10
C ALA A 42 -8.15 -3.39 8.78
N PRO A 43 -8.58 -4.57 9.29
CA PRO A 43 -7.69 -5.50 9.98
C PRO A 43 -6.69 -6.16 9.02
N VAL A 44 -7.12 -6.41 7.80
CA VAL A 44 -6.27 -7.03 6.80
C VAL A 44 -4.99 -6.23 6.59
N LEU A 45 -5.14 -4.99 6.14
CA LEU A 45 -4.00 -4.12 5.91
C LEU A 45 -3.08 -4.08 7.12
N GLU A 46 -3.68 -4.20 8.30
CA GLU A 46 -2.91 -4.18 9.55
C GLU A 46 -2.01 -5.41 9.65
N GLU A 47 -2.61 -6.59 9.58
CA GLU A 47 -1.87 -7.83 9.68
C GLU A 47 -0.89 -7.97 8.51
N ILE A 48 -1.32 -7.52 7.33
CA ILE A 48 -0.48 -7.59 6.14
C ILE A 48 0.70 -6.64 6.24
N ALA A 49 0.48 -5.49 6.87
CA ALA A 49 1.53 -4.49 7.03
C ALA A 49 2.65 -5.02 7.90
N ALA A 50 2.29 -5.74 8.97
CA ALA A 50 3.27 -6.31 9.88
C ALA A 50 3.80 -7.64 9.36
N GLU A 51 2.97 -8.36 8.62
CA GLU A 51 3.35 -9.65 8.07
C GLU A 51 4.68 -9.55 7.34
N LYS A 52 4.74 -8.67 6.34
CA LYS A 52 5.96 -8.48 5.56
C LYS A 52 6.59 -7.12 5.86
N GLY A 53 6.25 -6.55 7.02
CA GLY A 53 6.78 -5.26 7.41
C GLY A 53 8.23 -5.35 7.86
N ASP A 54 8.65 -6.55 8.24
CA ASP A 54 10.03 -6.77 8.69
C ASP A 54 10.99 -6.76 7.52
N GLN A 55 10.58 -7.36 6.40
CA GLN A 55 11.41 -7.42 5.21
C GLN A 55 11.49 -6.05 4.53
N LEU A 56 10.38 -5.31 4.58
CA LEU A 56 10.33 -3.99 3.97
C LEU A 56 9.27 -3.13 4.64
N THR A 57 9.27 -1.84 4.32
CA THR A 57 8.31 -0.90 4.90
C THR A 57 7.03 -0.85 4.08
N VAL A 58 5.90 -0.67 4.77
CA VAL A 58 4.60 -0.61 4.11
C VAL A 58 3.95 0.76 4.31
N ALA A 59 3.78 1.49 3.21
CA ALA A 59 3.16 2.81 3.26
C ALA A 59 1.91 2.87 2.39
N LYS A 60 1.25 4.02 2.40
CA LYS A 60 0.04 4.21 1.61
C LYS A 60 -0.05 5.63 1.07
N ILE A 61 -0.75 5.81 -0.04
CA ILE A 61 -0.91 7.12 -0.65
C ILE A 61 -2.22 7.78 -0.20
N ASP A 62 -2.32 9.09 -0.42
CA ASP A 62 -3.51 9.83 -0.05
C ASP A 62 -4.25 10.32 -1.28
N VAL A 63 -5.29 9.59 -1.68
CA VAL A 63 -6.08 9.95 -2.85
C VAL A 63 -6.52 11.40 -2.78
N ASP A 64 -6.73 11.90 -1.56
CA ASP A 64 -7.16 13.28 -1.36
C ASP A 64 -6.22 14.25 -2.08
N ALA A 65 -4.94 13.90 -2.14
CA ALA A 65 -3.95 14.73 -2.80
C ALA A 65 -3.98 14.53 -4.31
N ASN A 66 -4.27 13.31 -4.73
CA ASN A 66 -4.33 12.97 -6.15
C ASN A 66 -5.74 12.60 -6.56
N PRO A 67 -6.62 13.60 -6.64
CA PRO A 67 -8.02 13.41 -7.02
C PRO A 67 -8.17 13.05 -8.50
N ALA A 68 -7.21 13.47 -9.30
CA ALA A 68 -7.23 13.18 -10.73
C ALA A 68 -7.47 11.70 -10.99
N THR A 69 -6.98 10.85 -10.08
CA THR A 69 -7.14 9.41 -10.22
C THR A 69 -8.58 9.00 -9.98
N ALA A 70 -9.07 9.22 -8.76
CA ALA A 70 -10.43 8.86 -8.39
C ALA A 70 -11.43 9.50 -9.35
N ARG A 71 -11.21 10.78 -9.65
CA ARG A 71 -12.09 11.51 -10.55
C ARG A 71 -12.08 10.90 -11.94
N ASP A 72 -10.95 10.33 -12.33
CA ASP A 72 -10.81 9.70 -13.64
C ASP A 72 -11.99 8.77 -13.92
N PHE A 73 -12.24 7.84 -13.01
CA PHE A 73 -13.33 6.89 -13.17
C PHE A 73 -14.42 7.14 -12.13
N GLN A 74 -14.43 8.35 -11.57
CA GLN A 74 -15.42 8.70 -10.56
C GLN A 74 -15.55 7.62 -9.51
N VAL A 75 -14.43 7.27 -8.88
CA VAL A 75 -14.42 6.25 -7.85
C VAL A 75 -14.05 6.82 -6.49
N VAL A 76 -14.81 6.45 -5.46
CA VAL A 76 -14.56 6.93 -4.11
C VAL A 76 -13.61 6.01 -3.36
N SER A 77 -13.71 4.72 -3.63
CA SER A 77 -12.86 3.73 -2.97
C SER A 77 -11.91 3.08 -3.98
N ILE A 78 -10.61 3.24 -3.75
CA ILE A 78 -9.61 2.66 -4.62
C ILE A 78 -8.60 1.83 -3.84
N PRO A 79 -9.08 0.70 -3.29
CA PRO A 79 -8.24 -0.22 -2.52
C PRO A 79 -7.22 -0.95 -3.39
N THR A 80 -6.06 -0.35 -3.56
CA THR A 80 -4.99 -0.94 -4.38
C THR A 80 -3.74 -1.18 -3.54
N MET A 81 -2.93 -2.14 -3.98
CA MET A 81 -1.69 -2.47 -3.28
C MET A 81 -0.58 -2.80 -4.26
N ILE A 82 0.37 -1.88 -4.41
CA ILE A 82 1.50 -2.08 -5.31
C ILE A 82 2.80 -2.28 -4.55
N LEU A 83 3.58 -3.27 -4.97
CA LEU A 83 4.86 -3.56 -4.32
C LEU A 83 6.02 -3.10 -5.18
N PHE A 84 7.04 -2.53 -4.54
CA PHE A 84 8.21 -2.04 -5.25
C PHE A 84 9.48 -2.69 -4.71
N LYS A 85 10.21 -3.37 -5.59
CA LYS A 85 11.46 -4.05 -5.21
C LYS A 85 12.61 -3.60 -6.09
N ASP A 86 13.69 -3.14 -5.45
CA ASP A 86 14.87 -2.69 -6.19
C ASP A 86 14.55 -1.46 -7.03
N GLY A 87 13.65 -0.63 -6.53
CA GLY A 87 13.26 0.57 -7.25
C GLY A 87 12.47 0.26 -8.52
N ALA A 88 11.88 -0.93 -8.56
CA ALA A 88 11.09 -1.34 -9.71
C ALA A 88 9.84 -2.10 -9.29
N PRO A 89 8.84 -2.12 -10.17
CA PRO A 89 7.56 -2.81 -9.90
C PRO A 89 7.72 -4.33 -9.90
N VAL A 90 7.19 -4.96 -8.85
CA VAL A 90 7.27 -6.41 -8.73
C VAL A 90 5.88 -7.04 -8.66
N LYS A 91 4.94 -6.32 -8.05
CA LYS A 91 3.57 -6.79 -7.91
C LYS A 91 2.60 -5.62 -7.78
N ARG A 92 1.35 -5.85 -8.16
CA ARG A 92 0.33 -4.82 -8.07
C ARG A 92 -1.07 -5.44 -8.10
N ILE A 93 -1.77 -5.36 -6.97
CA ILE A 93 -3.11 -5.91 -6.85
C ILE A 93 -4.14 -4.81 -6.62
N VAL A 94 -5.32 -4.98 -7.20
CA VAL A 94 -6.40 -4.00 -7.05
C VAL A 94 -7.67 -4.66 -6.54
N GLY A 95 -8.38 -3.95 -5.66
CA GLY A 95 -9.61 -4.48 -5.12
C GLY A 95 -9.51 -4.76 -3.63
N ALA A 96 -10.66 -4.77 -2.95
CA ALA A 96 -10.69 -5.03 -1.52
C ALA A 96 -11.13 -6.46 -1.22
N LYS A 97 -10.17 -7.32 -0.88
CA LYS A 97 -10.45 -8.71 -0.58
C LYS A 97 -9.94 -9.09 0.81
N GLY A 98 -9.95 -10.38 1.10
CA GLY A 98 -9.48 -10.85 2.39
C GLY A 98 -7.97 -10.99 2.45
N LYS A 99 -7.41 -10.91 3.65
CA LYS A 99 -5.97 -11.03 3.83
C LYS A 99 -5.43 -12.28 3.14
N ALA A 100 -6.27 -13.32 3.06
CA ALA A 100 -5.89 -14.57 2.43
C ALA A 100 -5.31 -14.33 1.04
N ALA A 101 -5.94 -13.42 0.30
CA ALA A 101 -5.49 -13.09 -1.05
C ALA A 101 -4.19 -12.29 -1.02
N LEU A 102 -4.20 -11.20 -0.26
CA LEU A 102 -3.03 -10.34 -0.14
C LEU A 102 -1.81 -11.15 0.30
N LEU A 103 -2.03 -12.15 1.12
CA LEU A 103 -0.96 -13.01 1.61
C LEU A 103 -0.10 -13.51 0.45
N ARG A 104 -0.74 -13.79 -0.68
CA ARG A 104 -0.03 -14.28 -1.85
C ARG A 104 1.12 -13.34 -2.23
N GLU A 105 0.91 -12.05 -2.05
CA GLU A 105 1.92 -11.05 -2.35
C GLU A 105 3.26 -11.40 -1.68
N LEU A 106 3.17 -11.96 -0.48
CA LEU A 106 4.36 -12.34 0.27
C LEU A 106 5.28 -13.20 -0.58
N SER A 107 4.71 -14.11 -1.34
CA SER A 107 5.49 -15.00 -2.21
C SER A 107 6.30 -14.20 -3.21
N ASP A 108 5.74 -13.10 -3.69
CA ASP A 108 6.42 -12.25 -4.66
C ASP A 108 7.44 -11.34 -3.95
N ALA A 109 7.04 -10.80 -2.80
CA ALA A 109 7.92 -9.92 -2.04
C ALA A 109 9.14 -10.66 -1.53
N LEU A 110 8.94 -11.92 -1.16
CA LEU A 110 10.04 -12.75 -0.66
C LEU A 110 10.04 -14.12 -1.33
N MET A 1 9.50 -12.11 18.15
CA MET A 1 9.79 -10.68 18.25
C MET A 1 8.73 -9.86 17.51
N SER A 2 8.79 -8.55 17.67
CA SER A 2 7.83 -7.65 17.02
C SER A 2 8.25 -6.20 17.20
N GLU A 3 8.32 -5.48 16.09
CA GLU A 3 8.71 -4.07 16.12
C GLU A 3 7.48 -3.17 16.23
N ASP A 4 7.71 -1.86 16.17
CA ASP A 4 6.63 -0.89 16.26
C ASP A 4 6.95 0.35 15.44
N SER A 5 5.95 1.23 15.31
CA SER A 5 6.11 2.47 14.55
C SER A 5 6.81 2.20 13.21
N ALA A 6 6.49 1.05 12.61
CA ALA A 6 7.07 0.67 11.33
C ALA A 6 6.10 0.94 10.19
N THR A 7 5.40 2.06 10.26
CA THR A 7 4.44 2.44 9.23
C THR A 7 4.38 3.94 9.05
N VAL A 8 4.86 4.43 7.91
CA VAL A 8 4.86 5.86 7.62
C VAL A 8 4.34 6.12 6.21
N ALA A 9 3.43 7.08 6.09
CA ALA A 9 2.86 7.44 4.80
C ALA A 9 3.79 8.38 4.03
N VAL A 10 3.61 8.42 2.71
CA VAL A 10 4.42 9.28 1.86
C VAL A 10 3.57 10.00 0.82
N THR A 11 4.08 11.13 0.33
CA THR A 11 3.36 11.91 -0.66
C THR A 11 3.81 11.55 -2.08
N ASP A 12 2.90 11.71 -3.04
CA ASP A 12 3.21 11.39 -4.43
C ASP A 12 4.44 12.14 -4.90
N ASP A 13 4.50 13.44 -4.61
CA ASP A 13 5.62 14.27 -5.00
C ASP A 13 6.94 13.65 -4.55
N SER A 14 7.01 13.29 -3.26
CA SER A 14 8.21 12.69 -2.70
C SER A 14 8.06 11.18 -2.57
N PHE A 15 7.36 10.58 -3.53
CA PHE A 15 7.14 9.14 -3.52
C PHE A 15 8.32 8.40 -4.13
N SER A 16 8.57 8.67 -5.41
CA SER A 16 9.67 8.03 -6.12
C SER A 16 11.00 8.27 -5.40
N THR A 17 11.18 9.50 -4.90
CA THR A 17 12.41 9.85 -4.20
C THR A 17 12.62 8.95 -2.98
N ASP A 18 11.53 8.52 -2.37
CA ASP A 18 11.60 7.65 -1.19
C ASP A 18 11.67 6.19 -1.61
N VAL A 19 10.68 5.74 -2.37
CA VAL A 19 10.63 4.36 -2.83
C VAL A 19 11.86 4.02 -3.66
N LEU A 20 12.02 4.69 -4.80
CA LEU A 20 13.15 4.45 -5.68
C LEU A 20 14.47 4.78 -4.97
N GLY A 21 14.44 5.79 -4.11
CA GLY A 21 15.62 6.18 -3.39
C GLY A 21 16.04 5.16 -2.34
N SER A 22 15.07 4.40 -1.85
CA SER A 22 15.33 3.38 -0.84
C SER A 22 15.54 2.02 -1.49
N SER A 23 16.80 1.60 -1.58
CA SER A 23 17.14 0.31 -2.19
C SER A 23 16.32 -0.81 -1.55
N LYS A 24 16.06 -0.69 -0.25
CA LYS A 24 15.29 -1.69 0.46
C LYS A 24 13.88 -1.81 -0.10
N PRO A 25 13.22 -2.94 0.18
CA PRO A 25 11.86 -3.20 -0.29
C PRO A 25 10.83 -2.31 0.39
N VAL A 26 9.83 -1.87 -0.37
CA VAL A 26 8.78 -1.02 0.16
C VAL A 26 7.43 -1.36 -0.46
N LEU A 27 6.38 -1.35 0.37
CA LEU A 27 5.03 -1.66 -0.10
C LEU A 27 4.12 -0.44 0.06
N VAL A 28 3.34 -0.16 -0.99
CA VAL A 28 2.42 0.97 -0.96
C VAL A 28 1.03 0.55 -1.39
N ASP A 29 0.01 1.14 -0.78
CA ASP A 29 -1.38 0.82 -1.10
C ASP A 29 -2.14 2.09 -1.49
N PHE A 30 -2.99 1.96 -2.51
CA PHE A 30 -3.78 3.08 -2.99
C PHE A 30 -5.18 3.05 -2.40
N TRP A 31 -5.58 4.14 -1.76
CA TRP A 31 -6.91 4.24 -1.16
C TRP A 31 -7.31 5.69 -0.95
N ALA A 32 -8.59 5.99 -1.16
CA ALA A 32 -9.11 7.34 -1.00
C ALA A 32 -9.64 7.56 0.41
N THR A 33 -9.60 8.80 0.86
CA THR A 33 -10.08 9.15 2.20
C THR A 33 -11.51 8.67 2.41
N TRP A 34 -12.30 8.70 1.34
CA TRP A 34 -13.69 8.27 1.40
C TRP A 34 -13.84 6.86 0.83
N CYS A 35 -12.77 6.09 0.86
CA CYS A 35 -12.79 4.72 0.34
C CYS A 35 -13.97 3.94 0.92
N GLY A 36 -14.86 3.49 0.04
CA GLY A 36 -16.02 2.73 0.50
C GLY A 36 -15.64 1.57 1.38
N PRO A 37 -14.96 0.57 0.80
CA PRO A 37 -14.53 -0.63 1.52
C PRO A 37 -13.40 -0.32 2.53
N CYS A 38 -13.74 0.46 3.54
CA CYS A 38 -12.76 0.83 4.57
C CYS A 38 -12.70 -0.23 5.66
N LYS A 39 -13.87 -0.69 6.10
CA LYS A 39 -13.95 -1.72 7.14
C LYS A 39 -13.58 -3.08 6.59
N MET A 40 -13.91 -3.33 5.33
CA MET A 40 -13.61 -4.60 4.68
C MET A 40 -12.10 -4.83 4.63
N VAL A 41 -11.34 -3.75 4.49
CA VAL A 41 -9.89 -3.84 4.43
C VAL A 41 -9.24 -3.04 5.56
N ALA A 42 -10.00 -2.77 6.61
CA ALA A 42 -9.51 -2.02 7.75
C ALA A 42 -8.50 -2.85 8.55
N PRO A 43 -8.95 -3.98 9.08
CA PRO A 43 -8.10 -4.88 9.87
C PRO A 43 -7.05 -5.58 9.02
N VAL A 44 -7.39 -5.86 7.77
CA VAL A 44 -6.48 -6.53 6.86
C VAL A 44 -5.16 -5.76 6.74
N LEU A 45 -5.24 -4.53 6.26
CA LEU A 45 -4.06 -3.69 6.11
C LEU A 45 -3.27 -3.62 7.41
N GLU A 46 -3.98 -3.66 8.53
CA GLU A 46 -3.34 -3.59 9.84
C GLU A 46 -2.44 -4.80 10.06
N GLU A 47 -3.04 -5.99 10.01
CA GLU A 47 -2.28 -7.23 10.21
C GLU A 47 -1.22 -7.41 9.13
N ILE A 48 -1.59 -7.08 7.89
CA ILE A 48 -0.68 -7.20 6.76
C ILE A 48 0.50 -6.25 6.90
N ALA A 49 0.23 -5.07 7.46
CA ALA A 49 1.27 -4.07 7.66
C ALA A 49 2.30 -4.53 8.69
N ALA A 50 1.82 -5.23 9.72
CA ALA A 50 2.70 -5.73 10.77
C ALA A 50 3.33 -7.06 10.37
N GLU A 51 2.63 -7.82 9.52
CA GLU A 51 3.14 -9.11 9.06
C GLU A 51 4.57 -8.98 8.54
N LYS A 52 4.74 -8.22 7.47
CA LYS A 52 6.05 -8.03 6.87
C LYS A 52 6.58 -6.63 7.19
N GLY A 53 6.04 -6.02 8.25
CA GLY A 53 6.48 -4.70 8.63
C GLY A 53 7.97 -4.63 8.90
N ASP A 54 8.54 -5.74 9.37
CA ASP A 54 9.96 -5.80 9.67
C ASP A 54 10.76 -6.10 8.41
N GLN A 55 10.17 -6.88 7.50
CA GLN A 55 10.83 -7.24 6.26
C GLN A 55 10.89 -6.05 5.30
N LEU A 56 9.81 -5.28 5.26
CA LEU A 56 9.73 -4.12 4.39
C LEU A 56 8.79 -3.06 4.97
N THR A 57 8.99 -1.81 4.56
CA THR A 57 8.17 -0.72 5.03
C THR A 57 6.85 -0.64 4.27
N VAL A 58 5.76 -0.45 5.00
CA VAL A 58 4.44 -0.36 4.39
C VAL A 58 3.85 1.05 4.55
N ALA A 59 3.55 1.69 3.42
CA ALA A 59 2.98 3.03 3.44
C ALA A 59 1.66 3.07 2.69
N LYS A 60 0.98 4.21 2.77
CA LYS A 60 -0.31 4.38 2.09
C LYS A 60 -0.39 5.74 1.40
N ILE A 61 -1.05 5.78 0.24
CA ILE A 61 -1.20 7.01 -0.50
C ILE A 61 -2.52 7.70 -0.18
N ASP A 62 -2.63 8.97 -0.56
CA ASP A 62 -3.84 9.73 -0.31
C ASP A 62 -4.44 10.24 -1.62
N VAL A 63 -5.48 9.57 -2.08
CA VAL A 63 -6.15 9.95 -3.32
C VAL A 63 -6.49 11.43 -3.32
N ASP A 64 -6.76 11.99 -2.14
CA ASP A 64 -7.09 13.40 -2.01
C ASP A 64 -6.05 14.28 -2.69
N ALA A 65 -4.79 13.85 -2.63
CA ALA A 65 -3.70 14.59 -3.24
C ALA A 65 -3.61 14.31 -4.74
N ASN A 66 -3.94 13.08 -5.12
CA ASN A 66 -3.89 12.68 -6.53
C ASN A 66 -5.30 12.38 -7.04
N PRO A 67 -6.10 13.43 -7.25
CA PRO A 67 -7.47 13.30 -7.74
C PRO A 67 -7.52 12.87 -9.20
N ALA A 68 -6.48 13.20 -9.95
CA ALA A 68 -6.40 12.84 -11.35
C ALA A 68 -6.69 11.36 -11.56
N THR A 69 -6.34 10.55 -10.56
CA THR A 69 -6.56 9.11 -10.63
C THR A 69 -8.04 8.77 -10.56
N ALA A 70 -8.66 9.13 -9.44
CA ALA A 70 -10.09 8.87 -9.23
C ALA A 70 -10.94 9.61 -10.25
N ARG A 71 -10.72 10.92 -10.37
CA ARG A 71 -11.46 11.74 -11.31
C ARG A 71 -11.40 11.15 -12.72
N ASP A 72 -10.33 10.42 -13.00
CA ASP A 72 -10.15 9.79 -14.31
C ASP A 72 -11.42 9.07 -14.74
N PHE A 73 -11.91 8.19 -13.87
CA PHE A 73 -13.12 7.42 -14.16
C PHE A 73 -14.25 7.81 -13.22
N GLN A 74 -14.19 9.03 -12.70
CA GLN A 74 -15.20 9.52 -11.78
C GLN A 74 -15.48 8.51 -10.67
N VAL A 75 -14.43 8.13 -9.95
CA VAL A 75 -14.56 7.16 -8.87
C VAL A 75 -14.10 7.76 -7.54
N VAL A 76 -14.63 7.23 -6.44
CA VAL A 76 -14.28 7.71 -5.11
C VAL A 76 -13.45 6.68 -4.35
N SER A 77 -13.75 5.40 -4.59
CA SER A 77 -13.04 4.32 -3.92
C SER A 77 -12.10 3.61 -4.90
N ILE A 78 -10.86 3.40 -4.46
CA ILE A 78 -9.87 2.73 -5.30
C ILE A 78 -8.91 1.90 -4.45
N PRO A 79 -9.44 0.84 -3.82
CA PRO A 79 -8.65 -0.06 -2.97
C PRO A 79 -7.67 -0.91 -3.78
N THR A 80 -6.38 -0.61 -3.63
CA THR A 80 -5.34 -1.34 -4.34
C THR A 80 -4.07 -1.47 -3.50
N MET A 81 -3.27 -2.48 -3.80
CA MET A 81 -2.03 -2.70 -3.07
C MET A 81 -0.89 -3.03 -4.03
N ILE A 82 0.00 -2.07 -4.24
CA ILE A 82 1.14 -2.25 -5.12
C ILE A 82 2.43 -2.48 -4.34
N LEU A 83 3.20 -3.48 -4.75
CA LEU A 83 4.46 -3.80 -4.09
C LEU A 83 5.65 -3.24 -4.87
N PHE A 84 6.62 -2.71 -4.14
CA PHE A 84 7.81 -2.14 -4.77
C PHE A 84 9.08 -2.75 -4.17
N LYS A 85 9.90 -3.35 -5.02
CA LYS A 85 11.14 -3.97 -4.57
C LYS A 85 12.32 -3.50 -5.43
N ASP A 86 13.36 -3.01 -4.76
CA ASP A 86 14.55 -2.53 -5.47
C ASP A 86 14.22 -1.32 -6.33
N GLY A 87 13.27 -0.51 -5.86
CA GLY A 87 12.89 0.68 -6.60
C GLY A 87 12.15 0.34 -7.88
N ALA A 88 11.60 -0.87 -7.95
CA ALA A 88 10.86 -1.32 -9.13
C ALA A 88 9.63 -2.12 -8.73
N PRO A 89 8.64 -2.18 -9.64
CA PRO A 89 7.40 -2.91 -9.41
C PRO A 89 7.61 -4.42 -9.39
N VAL A 90 7.07 -5.07 -8.36
CA VAL A 90 7.19 -6.52 -8.22
C VAL A 90 5.82 -7.18 -8.18
N LYS A 91 4.85 -6.49 -7.60
CA LYS A 91 3.50 -7.02 -7.49
C LYS A 91 2.47 -5.88 -7.47
N ARG A 92 1.22 -6.21 -7.77
CA ARG A 92 0.16 -5.22 -7.79
C ARG A 92 -1.21 -5.89 -7.78
N ILE A 93 -1.90 -5.81 -6.64
CA ILE A 93 -3.22 -6.41 -6.50
C ILE A 93 -4.28 -5.35 -6.19
N VAL A 94 -5.27 -5.24 -7.08
CA VAL A 94 -6.34 -4.28 -6.91
C VAL A 94 -7.64 -4.97 -6.49
N GLY A 95 -8.42 -4.28 -5.67
CA GLY A 95 -9.68 -4.84 -5.21
C GLY A 95 -9.70 -5.08 -3.72
N ALA A 96 -10.87 -4.96 -3.11
CA ALA A 96 -11.02 -5.18 -1.67
C ALA A 96 -11.33 -6.64 -1.36
N LYS A 97 -10.30 -7.38 -0.99
CA LYS A 97 -10.47 -8.80 -0.67
C LYS A 97 -10.07 -9.08 0.78
N GLY A 98 -10.06 -10.36 1.16
CA GLY A 98 -9.70 -10.73 2.52
C GLY A 98 -8.20 -10.86 2.68
N LYS A 99 -7.75 -10.97 3.93
CA LYS A 99 -6.33 -11.11 4.23
C LYS A 99 -5.77 -12.37 3.59
N ALA A 100 -6.58 -13.43 3.55
CA ALA A 100 -6.16 -14.69 2.96
C ALA A 100 -5.56 -14.49 1.57
N ALA A 101 -6.12 -13.53 0.84
CA ALA A 101 -5.65 -13.23 -0.51
C ALA A 101 -4.41 -12.36 -0.48
N LEU A 102 -4.51 -11.20 0.17
CA LEU A 102 -3.40 -10.27 0.27
C LEU A 102 -2.15 -10.98 0.79
N LEU A 103 -2.35 -11.96 1.68
CA LEU A 103 -1.25 -12.71 2.25
C LEU A 103 -0.32 -13.24 1.16
N ARG A 104 -0.91 -13.71 0.07
CA ARG A 104 -0.14 -14.24 -1.06
C ARG A 104 0.95 -13.26 -1.48
N GLU A 105 0.64 -11.96 -1.37
CA GLU A 105 1.59 -10.92 -1.75
C GLU A 105 2.93 -11.14 -1.07
N LEU A 106 2.89 -11.69 0.15
CA LEU A 106 4.11 -11.95 0.91
C LEU A 106 5.13 -12.70 0.07
N SER A 107 4.64 -13.54 -0.84
CA SER A 107 5.51 -14.33 -1.70
C SER A 107 6.41 -13.42 -2.54
N ASP A 108 5.85 -12.31 -3.01
CA ASP A 108 6.60 -11.35 -3.81
C ASP A 108 7.26 -10.30 -2.94
N ALA A 109 6.59 -9.91 -1.86
CA ALA A 109 7.11 -8.92 -0.94
C ALA A 109 8.37 -9.43 -0.24
N LEU A 110 8.40 -10.73 0.05
CA LEU A 110 9.54 -11.33 0.72
C LEU A 110 10.24 -12.33 -0.20
N MET A 1 -4.91 -3.78 21.11
CA MET A 1 -4.50 -2.65 21.94
C MET A 1 -3.15 -2.10 21.48
N SER A 2 -2.13 -2.95 21.52
CA SER A 2 -0.79 -2.55 21.11
C SER A 2 -0.81 -1.96 19.69
N GLU A 3 0.34 -1.43 19.28
CA GLU A 3 0.44 -0.84 17.94
C GLU A 3 1.80 -1.15 17.32
N ASP A 4 2.04 -0.62 16.13
CA ASP A 4 3.31 -0.84 15.43
C ASP A 4 3.94 0.48 15.01
N SER A 5 5.20 0.43 14.62
CA SER A 5 5.92 1.62 14.19
C SER A 5 6.78 1.33 12.97
N ALA A 6 6.26 0.50 12.07
CA ALA A 6 6.98 0.14 10.86
C ALA A 6 6.16 0.50 9.62
N THR A 7 5.46 1.62 9.68
CA THR A 7 4.64 2.07 8.56
C THR A 7 4.81 3.57 8.32
N VAL A 8 5.42 3.92 7.20
CA VAL A 8 5.64 5.32 6.85
C VAL A 8 5.00 5.66 5.50
N ALA A 9 4.25 6.75 5.47
CA ALA A 9 3.59 7.19 4.25
C ALA A 9 4.46 8.17 3.47
N VAL A 10 4.41 8.06 2.14
CA VAL A 10 5.20 8.93 1.28
C VAL A 10 4.31 9.96 0.59
N THR A 11 4.94 10.92 -0.09
CA THR A 11 4.21 11.97 -0.80
C THR A 11 3.94 11.57 -2.24
N ASP A 12 3.00 12.26 -2.87
CA ASP A 12 2.66 11.97 -4.26
C ASP A 12 3.77 12.42 -5.20
N ASP A 13 4.26 13.64 -5.00
CA ASP A 13 5.32 14.19 -5.82
C ASP A 13 6.67 13.55 -5.47
N SER A 14 6.90 13.32 -4.19
CA SER A 14 8.14 12.72 -3.72
C SER A 14 7.98 11.21 -3.57
N PHE A 15 7.25 10.60 -4.48
CA PHE A 15 7.02 9.16 -4.44
C PHE A 15 8.17 8.41 -5.10
N SER A 16 8.45 8.76 -6.35
CA SER A 16 9.53 8.12 -7.10
C SER A 16 10.89 8.47 -6.50
N THR A 17 11.04 9.72 -6.07
CA THR A 17 12.28 10.18 -5.48
C THR A 17 12.68 9.32 -4.28
N ASP A 18 11.69 8.80 -3.57
CA ASP A 18 11.93 7.96 -2.41
C ASP A 18 11.94 6.48 -2.80
N VAL A 19 10.88 6.05 -3.48
CA VAL A 19 10.77 4.66 -3.92
C VAL A 19 11.92 4.28 -4.84
N LEU A 20 12.00 4.93 -6.00
CA LEU A 20 13.05 4.66 -6.96
C LEU A 20 14.41 5.07 -6.42
N GLY A 21 14.42 6.14 -5.62
CA GLY A 21 15.67 6.63 -5.05
C GLY A 21 16.22 5.68 -4.00
N SER A 22 15.34 4.92 -3.37
CA SER A 22 15.76 3.97 -2.33
C SER A 22 16.25 2.67 -2.95
N SER A 23 17.56 2.46 -2.92
CA SER A 23 18.16 1.26 -3.49
C SER A 23 17.48 0.01 -2.94
N LYS A 24 17.07 0.08 -1.68
CA LYS A 24 16.40 -1.04 -1.03
C LYS A 24 14.96 -1.18 -1.51
N PRO A 25 14.37 -2.36 -1.32
CA PRO A 25 12.98 -2.64 -1.71
C PRO A 25 11.97 -1.90 -0.85
N VAL A 26 10.84 -1.53 -1.45
CA VAL A 26 9.80 -0.81 -0.74
C VAL A 26 8.42 -1.24 -1.22
N LEU A 27 7.44 -1.13 -0.33
CA LEU A 27 6.06 -1.51 -0.67
C LEU A 27 5.11 -0.35 -0.43
N VAL A 28 4.17 -0.14 -1.35
CA VAL A 28 3.20 0.94 -1.23
C VAL A 28 1.77 0.40 -1.33
N ASP A 29 0.87 1.00 -0.57
CA ASP A 29 -0.53 0.59 -0.58
C ASP A 29 -1.44 1.78 -0.82
N PHE A 30 -1.94 1.89 -2.05
CA PHE A 30 -2.83 2.98 -2.42
C PHE A 30 -4.27 2.67 -2.02
N TRP A 31 -4.88 3.59 -1.29
CA TRP A 31 -6.26 3.42 -0.84
C TRP A 31 -6.90 4.76 -0.49
N ALA A 32 -8.22 4.85 -0.62
CA ALA A 32 -8.94 6.06 -0.32
C ALA A 32 -9.63 5.98 1.04
N THR A 33 -9.69 7.09 1.76
CA THR A 33 -10.31 7.13 3.07
C THR A 33 -11.83 7.20 2.95
N TRP A 34 -12.31 7.76 1.84
CA TRP A 34 -13.75 7.89 1.61
C TRP A 34 -14.38 6.53 1.38
N CYS A 35 -13.54 5.53 1.05
CA CYS A 35 -14.02 4.18 0.80
C CYS A 35 -15.00 3.74 1.88
N GLY A 36 -16.16 3.24 1.46
CA GLY A 36 -17.16 2.79 2.41
C GLY A 36 -16.66 1.66 3.29
N PRO A 37 -16.41 0.50 2.68
CA PRO A 37 -15.93 -0.69 3.40
C PRO A 37 -14.49 -0.52 3.89
N CYS A 38 -14.31 0.32 4.90
CA CYS A 38 -12.98 0.56 5.45
C CYS A 38 -12.64 -0.48 6.51
N LYS A 39 -13.64 -0.93 7.23
CA LYS A 39 -13.44 -1.93 8.28
C LYS A 39 -13.08 -3.29 7.67
N MET A 40 -13.62 -3.57 6.49
CA MET A 40 -13.34 -4.82 5.80
C MET A 40 -11.86 -4.98 5.52
N VAL A 41 -11.19 -3.86 5.25
CA VAL A 41 -9.76 -3.87 4.97
C VAL A 41 -8.99 -3.03 5.98
N ALA A 42 -9.60 -2.79 7.13
CA ALA A 42 -8.98 -2.01 8.19
C ALA A 42 -7.82 -2.78 8.83
N PRO A 43 -8.13 -3.93 9.43
CA PRO A 43 -7.14 -4.78 10.08
C PRO A 43 -6.19 -5.44 9.10
N VAL A 44 -6.71 -5.73 7.90
CA VAL A 44 -5.90 -6.37 6.86
C VAL A 44 -4.57 -5.63 6.67
N LEU A 45 -4.66 -4.35 6.36
CA LEU A 45 -3.46 -3.53 6.15
C LEU A 45 -2.57 -3.54 7.39
N GLU A 46 -3.19 -3.65 8.56
CA GLU A 46 -2.45 -3.67 9.81
C GLU A 46 -1.64 -4.95 9.95
N GLU A 47 -2.33 -6.09 9.93
CA GLU A 47 -1.66 -7.39 10.05
C GLU A 47 -0.70 -7.61 8.88
N ILE A 48 -1.10 -7.15 7.70
CA ILE A 48 -0.27 -7.30 6.51
C ILE A 48 0.97 -6.41 6.58
N ALA A 49 0.81 -5.24 7.18
CA ALA A 49 1.91 -4.30 7.32
C ALA A 49 3.05 -4.90 8.15
N ALA A 50 2.68 -5.66 9.18
CA ALA A 50 3.66 -6.29 10.05
C ALA A 50 4.15 -7.60 9.46
N GLU A 51 3.29 -8.28 8.71
CA GLU A 51 3.64 -9.55 8.09
C GLU A 51 4.95 -9.44 7.34
N LYS A 52 5.00 -8.52 6.37
CA LYS A 52 6.21 -8.30 5.57
C LYS A 52 6.92 -7.03 5.99
N GLY A 53 6.63 -6.56 7.21
CA GLY A 53 7.27 -5.36 7.71
C GLY A 53 8.73 -5.57 8.05
N ASP A 54 9.10 -6.81 8.31
CA ASP A 54 10.47 -7.14 8.65
C ASP A 54 11.35 -7.20 7.40
N GLN A 55 10.81 -7.80 6.33
CA GLN A 55 11.54 -7.92 5.08
C GLN A 55 11.61 -6.58 4.36
N LEU A 56 10.52 -5.83 4.40
CA LEU A 56 10.45 -4.52 3.76
C LEU A 56 9.45 -3.60 4.46
N THR A 57 9.52 -2.31 4.16
CA THR A 57 8.61 -1.34 4.76
C THR A 57 7.34 -1.20 3.95
N VAL A 58 6.22 -0.96 4.63
CA VAL A 58 4.93 -0.80 3.97
C VAL A 58 4.41 0.63 4.10
N ALA A 59 4.21 1.28 2.97
CA ALA A 59 3.72 2.65 2.96
C ALA A 59 2.26 2.71 2.53
N LYS A 60 1.59 3.82 2.84
CA LYS A 60 0.18 4.00 2.49
C LYS A 60 -0.10 5.44 2.09
N ILE A 61 -0.77 5.63 0.97
CA ILE A 61 -1.09 6.95 0.48
C ILE A 61 -2.50 7.36 0.91
N ASP A 62 -2.83 8.64 0.76
CA ASP A 62 -4.14 9.15 1.12
C ASP A 62 -4.82 9.80 -0.07
N VAL A 63 -5.70 9.05 -0.74
CA VAL A 63 -6.41 9.56 -1.90
C VAL A 63 -7.05 10.91 -1.60
N ASP A 64 -7.43 11.12 -0.35
CA ASP A 64 -8.05 12.38 0.06
C ASP A 64 -7.18 13.57 -0.35
N ALA A 65 -5.87 13.38 -0.30
CA ALA A 65 -4.93 14.44 -0.66
C ALA A 65 -4.77 14.53 -2.18
N ASN A 66 -4.83 13.38 -2.85
CA ASN A 66 -4.69 13.34 -4.30
C ASN A 66 -5.98 12.88 -4.96
N PRO A 67 -6.99 13.78 -4.96
CA PRO A 67 -8.30 13.50 -5.55
C PRO A 67 -8.23 13.41 -7.08
N ALA A 68 -7.26 14.09 -7.66
CA ALA A 68 -7.09 14.11 -9.11
C ALA A 68 -7.10 12.68 -9.67
N THR A 69 -6.62 11.73 -8.87
CA THR A 69 -6.56 10.34 -9.28
C THR A 69 -7.96 9.73 -9.35
N ALA A 70 -8.62 9.67 -8.20
CA ALA A 70 -9.98 9.11 -8.13
C ALA A 70 -10.94 9.90 -9.01
N ARG A 71 -10.96 11.22 -8.82
CA ARG A 71 -11.84 12.08 -9.60
C ARG A 71 -11.69 11.81 -11.09
N ASP A 72 -10.49 11.42 -11.49
CA ASP A 72 -10.21 11.13 -12.90
C ASP A 72 -11.28 10.21 -13.49
N PHE A 73 -11.53 9.09 -12.82
CA PHE A 73 -12.51 8.13 -13.27
C PHE A 73 -13.72 8.08 -12.32
N GLN A 74 -13.94 9.19 -11.62
CA GLN A 74 -15.05 9.28 -10.67
C GLN A 74 -15.07 8.07 -9.74
N VAL A 75 -13.96 7.86 -9.05
CA VAL A 75 -13.84 6.73 -8.12
C VAL A 75 -13.77 7.22 -6.68
N VAL A 76 -14.31 6.43 -5.76
CA VAL A 76 -14.30 6.77 -4.35
C VAL A 76 -13.32 5.91 -3.57
N SER A 77 -13.19 4.65 -3.98
CA SER A 77 -12.28 3.72 -3.32
C SER A 77 -11.37 3.04 -4.34
N ILE A 78 -10.07 3.07 -4.09
CA ILE A 78 -9.10 2.46 -4.98
C ILE A 78 -8.05 1.67 -4.20
N PRO A 79 -8.51 0.56 -3.58
CA PRO A 79 -7.64 -0.31 -2.78
C PRO A 79 -6.65 -1.08 -3.66
N THR A 80 -5.60 -0.39 -4.12
CA THR A 80 -4.59 -1.01 -4.96
C THR A 80 -3.21 -0.92 -4.31
N MET A 81 -2.59 -2.07 -4.07
CA MET A 81 -1.27 -2.11 -3.46
C MET A 81 -0.23 -2.63 -4.45
N ILE A 82 0.91 -1.95 -4.52
CA ILE A 82 1.98 -2.34 -5.43
C ILE A 82 3.27 -2.60 -4.66
N LEU A 83 3.95 -3.68 -5.04
CA LEU A 83 5.21 -4.04 -4.39
C LEU A 83 6.41 -3.70 -5.27
N PHE A 84 7.37 -2.98 -4.70
CA PHE A 84 8.56 -2.59 -5.44
C PHE A 84 9.82 -3.20 -4.83
N LYS A 85 10.55 -3.97 -5.64
CA LYS A 85 11.77 -4.62 -5.18
C LYS A 85 12.94 -4.29 -6.10
N ASP A 86 14.03 -3.81 -5.51
CA ASP A 86 15.22 -3.46 -6.27
C ASP A 86 14.94 -2.30 -7.22
N GLY A 87 14.06 -1.40 -6.79
CA GLY A 87 13.71 -0.25 -7.62
C GLY A 87 12.91 -0.64 -8.84
N ALA A 88 12.32 -1.82 -8.81
CA ALA A 88 11.52 -2.31 -9.93
C ALA A 88 10.28 -3.05 -9.43
N PRO A 89 9.25 -3.11 -10.30
CA PRO A 89 7.99 -3.79 -9.97
C PRO A 89 8.14 -5.31 -9.88
N VAL A 90 7.65 -5.88 -8.79
CA VAL A 90 7.74 -7.33 -8.58
C VAL A 90 6.34 -7.95 -8.55
N LYS A 91 5.37 -7.22 -8.01
CA LYS A 91 4.00 -7.70 -7.92
C LYS A 91 3.03 -6.54 -7.79
N ARG A 92 1.78 -6.78 -8.19
CA ARG A 92 0.75 -5.75 -8.11
C ARG A 92 -0.57 -6.34 -7.61
N ILE A 93 -1.36 -5.52 -6.92
CA ILE A 93 -2.63 -5.96 -6.38
C ILE A 93 -3.76 -5.06 -6.85
N VAL A 94 -4.97 -5.62 -6.94
CA VAL A 94 -6.13 -4.86 -7.38
C VAL A 94 -7.39 -5.32 -6.65
N GLY A 95 -8.00 -4.41 -5.89
CA GLY A 95 -9.21 -4.75 -5.17
C GLY A 95 -9.01 -4.70 -3.66
N ALA A 96 -10.11 -4.78 -2.92
CA ALA A 96 -10.05 -4.74 -1.46
C ALA A 96 -10.47 -6.08 -0.85
N LYS A 97 -9.48 -6.94 -0.60
CA LYS A 97 -9.75 -8.25 -0.03
C LYS A 97 -9.13 -8.38 1.36
N GLY A 98 -9.11 -9.59 1.89
CA GLY A 98 -8.54 -9.82 3.20
C GLY A 98 -7.03 -10.01 3.15
N LYS A 99 -6.46 -10.56 4.21
CA LYS A 99 -5.03 -10.79 4.29
C LYS A 99 -4.63 -12.01 3.46
N ALA A 100 -5.50 -13.00 3.42
CA ALA A 100 -5.25 -14.21 2.66
C ALA A 100 -4.82 -13.89 1.23
N ALA A 101 -5.38 -12.83 0.67
CA ALA A 101 -5.05 -12.41 -0.68
C ALA A 101 -3.70 -11.70 -0.73
N LEU A 102 -3.43 -10.91 0.31
CA LEU A 102 -2.17 -10.17 0.40
C LEU A 102 -1.00 -11.12 0.64
N LEU A 103 -1.23 -12.17 1.40
CA LEU A 103 -0.20 -13.14 1.71
C LEU A 103 0.46 -13.65 0.43
N ARG A 104 -0.34 -13.92 -0.58
CA ARG A 104 0.16 -14.41 -1.87
C ARG A 104 0.83 -13.29 -2.64
N GLU A 105 0.12 -12.17 -2.79
CA GLU A 105 0.65 -11.02 -3.52
C GLU A 105 2.04 -10.65 -3.00
N LEU A 106 2.26 -10.82 -1.71
CA LEU A 106 3.55 -10.50 -1.09
C LEU A 106 4.50 -11.69 -1.18
N SER A 107 3.95 -12.90 -1.06
CA SER A 107 4.75 -14.11 -1.13
C SER A 107 5.62 -14.12 -2.39
N ASP A 108 5.07 -13.60 -3.48
CA ASP A 108 5.80 -13.55 -4.75
C ASP A 108 7.09 -12.75 -4.60
N ALA A 109 7.02 -11.62 -3.91
CA ALA A 109 8.19 -10.77 -3.70
C ALA A 109 9.22 -11.49 -2.83
N LEU A 110 8.76 -12.22 -1.84
CA LEU A 110 9.65 -12.95 -0.93
C LEU A 110 9.86 -14.38 -1.43
N MET A 1 -2.97 -4.82 22.73
CA MET A 1 -2.14 -5.52 21.77
C MET A 1 -0.87 -4.74 21.47
N SER A 2 0.12 -5.42 20.89
CA SER A 2 1.39 -4.79 20.57
C SER A 2 1.37 -4.24 19.14
N GLU A 3 2.41 -3.48 18.80
CA GLU A 3 2.50 -2.90 17.47
C GLU A 3 3.96 -2.79 17.03
N ASP A 4 4.18 -2.54 15.74
CA ASP A 4 5.52 -2.42 15.19
C ASP A 4 5.86 -0.96 14.90
N SER A 5 7.10 -0.71 14.48
CA SER A 5 7.54 0.64 14.17
C SER A 5 8.25 0.68 12.82
N ALA A 6 7.78 -0.13 11.88
CA ALA A 6 8.37 -0.19 10.54
C ALA A 6 7.35 0.19 9.48
N THR A 7 6.48 1.15 9.81
CA THR A 7 5.45 1.59 8.87
C THR A 7 5.24 3.10 8.96
N VAL A 8 5.25 3.77 7.82
CA VAL A 8 5.06 5.22 7.77
C VAL A 8 4.62 5.67 6.39
N ALA A 9 3.70 6.62 6.35
CA ALA A 9 3.19 7.15 5.08
C ALA A 9 4.01 8.34 4.62
N VAL A 10 4.06 8.55 3.31
CA VAL A 10 4.80 9.66 2.74
C VAL A 10 3.89 10.60 1.95
N THR A 11 4.40 11.77 1.60
CA THR A 11 3.64 12.75 0.84
C THR A 11 3.60 12.39 -0.64
N ASP A 12 2.48 12.68 -1.29
CA ASP A 12 2.32 12.40 -2.71
C ASP A 12 3.31 13.21 -3.54
N ASP A 13 3.40 14.50 -3.25
CA ASP A 13 4.31 15.38 -3.98
C ASP A 13 5.71 14.81 -4.00
N SER A 14 6.18 14.35 -2.84
CA SER A 14 7.53 13.79 -2.73
C SER A 14 7.45 12.28 -2.53
N PHE A 15 6.48 11.64 -3.20
CA PHE A 15 6.31 10.20 -3.10
C PHE A 15 7.29 9.47 -4.03
N SER A 16 7.13 9.69 -5.32
CA SER A 16 7.99 9.05 -6.31
C SER A 16 9.47 9.28 -5.97
N THR A 17 9.81 10.51 -5.64
CA THR A 17 11.18 10.86 -5.30
C THR A 17 11.69 10.03 -4.12
N ASP A 18 10.77 9.65 -3.23
CA ASP A 18 11.12 8.84 -2.07
C ASP A 18 11.15 7.36 -2.43
N VAL A 19 10.01 6.84 -2.86
CA VAL A 19 9.91 5.44 -3.23
C VAL A 19 10.87 5.09 -4.35
N LEU A 20 10.67 5.69 -5.52
CA LEU A 20 11.52 5.45 -6.67
C LEU A 20 12.98 5.79 -6.35
N GLY A 21 13.17 6.85 -5.56
CA GLY A 21 14.52 7.26 -5.20
C GLY A 21 15.18 6.28 -4.24
N SER A 22 14.37 5.57 -3.48
CA SER A 22 14.90 4.60 -2.52
C SER A 22 15.23 3.27 -3.21
N SER A 23 16.50 3.10 -3.57
CA SER A 23 16.95 1.89 -4.25
C SER A 23 16.51 0.65 -3.48
N LYS A 24 16.42 0.78 -2.16
CA LYS A 24 16.02 -0.33 -1.31
C LYS A 24 14.57 -0.72 -1.59
N PRO A 25 14.20 -1.95 -1.19
CA PRO A 25 12.84 -2.48 -1.38
C PRO A 25 11.82 -1.77 -0.50
N VAL A 26 10.76 -1.27 -1.12
CA VAL A 26 9.71 -0.58 -0.39
C VAL A 26 8.32 -0.95 -0.92
N LEU A 27 7.37 -1.11 -0.02
CA LEU A 27 6.00 -1.46 -0.40
C LEU A 27 5.05 -0.29 -0.17
N VAL A 28 4.15 -0.08 -1.13
CA VAL A 28 3.18 1.01 -1.03
C VAL A 28 1.78 0.51 -1.35
N ASP A 29 0.79 1.07 -0.65
CA ASP A 29 -0.61 0.70 -0.85
C ASP A 29 -1.47 1.91 -1.17
N PHE A 30 -2.20 1.85 -2.27
CA PHE A 30 -3.07 2.95 -2.68
C PHE A 30 -4.38 2.93 -1.91
N TRP A 31 -4.69 4.04 -1.26
CA TRP A 31 -5.93 4.14 -0.48
C TRP A 31 -6.40 5.59 -0.40
N ALA A 32 -7.71 5.78 -0.45
CA ALA A 32 -8.29 7.12 -0.39
C ALA A 32 -8.77 7.44 1.02
N THR A 33 -8.56 8.69 1.45
CA THR A 33 -8.98 9.11 2.77
C THR A 33 -10.46 8.82 3.01
N TRP A 34 -11.26 8.92 1.95
CA TRP A 34 -12.68 8.67 2.04
C TRP A 34 -13.03 7.29 1.47
N CYS A 35 -12.05 6.39 1.49
CA CYS A 35 -12.26 5.04 0.98
C CYS A 35 -13.46 4.38 1.64
N GLY A 36 -14.36 3.84 0.83
CA GLY A 36 -15.54 3.18 1.36
C GLY A 36 -15.20 1.99 2.25
N PRO A 37 -14.63 0.94 1.64
CA PRO A 37 -14.25 -0.28 2.38
C PRO A 37 -13.06 -0.04 3.30
N CYS A 38 -13.26 0.78 4.33
CA CYS A 38 -12.21 1.09 5.28
C CYS A 38 -12.16 0.03 6.39
N LYS A 39 -13.31 -0.33 6.92
CA LYS A 39 -13.41 -1.32 7.98
C LYS A 39 -13.20 -2.73 7.42
N MET A 40 -13.66 -2.94 6.20
CA MET A 40 -13.54 -4.24 5.55
C MET A 40 -12.07 -4.62 5.39
N VAL A 41 -11.22 -3.62 5.19
CA VAL A 41 -9.80 -3.85 5.00
C VAL A 41 -8.99 -3.09 6.05
N ALA A 42 -9.64 -2.73 7.16
CA ALA A 42 -8.97 -2.01 8.23
C ALA A 42 -7.97 -2.91 8.96
N PRO A 43 -8.47 -4.00 9.55
CA PRO A 43 -7.64 -4.95 10.29
C PRO A 43 -6.72 -5.75 9.37
N VAL A 44 -7.20 -6.05 8.17
CA VAL A 44 -6.44 -6.81 7.19
C VAL A 44 -5.12 -6.11 6.87
N LEU A 45 -5.21 -4.90 6.32
CA LEU A 45 -4.01 -4.13 5.98
C LEU A 45 -3.06 -4.03 7.16
N GLU A 46 -3.63 -4.00 8.37
CA GLU A 46 -2.83 -3.90 9.59
C GLU A 46 -1.95 -5.14 9.76
N GLU A 47 -2.60 -6.30 9.86
CA GLU A 47 -1.87 -7.56 10.04
C GLU A 47 -0.98 -7.84 8.82
N ILE A 48 -1.49 -7.54 7.64
CA ILE A 48 -0.75 -7.75 6.41
C ILE A 48 0.48 -6.86 6.33
N ALA A 49 0.34 -5.64 6.85
CA ALA A 49 1.44 -4.68 6.85
C ALA A 49 2.59 -5.16 7.73
N ALA A 50 2.25 -5.74 8.88
CA ALA A 50 3.26 -6.24 9.80
C ALA A 50 3.75 -7.63 9.38
N GLU A 51 2.86 -8.38 8.73
CA GLU A 51 3.21 -9.74 8.28
C GLU A 51 4.53 -9.73 7.51
N LYS A 52 4.54 -9.05 6.36
CA LYS A 52 5.73 -8.98 5.54
C LYS A 52 6.43 -7.62 5.70
N GLY A 53 6.14 -6.96 6.82
CA GLY A 53 6.74 -5.66 7.08
C GLY A 53 8.02 -5.77 7.89
N ASP A 54 8.66 -6.93 7.84
CA ASP A 54 9.89 -7.16 8.57
C ASP A 54 11.11 -6.97 7.66
N GLN A 55 10.94 -7.28 6.38
CA GLN A 55 12.03 -7.15 5.41
C GLN A 55 12.04 -5.75 4.82
N LEU A 56 10.86 -5.20 4.56
CA LEU A 56 10.74 -3.86 3.98
C LEU A 56 9.74 -3.02 4.77
N THR A 57 9.49 -1.80 4.28
CA THR A 57 8.56 -0.91 4.95
C THR A 57 7.26 -0.78 4.14
N VAL A 58 6.13 -0.86 4.85
CA VAL A 58 4.83 -0.76 4.21
C VAL A 58 4.23 0.63 4.42
N ALA A 59 4.01 1.35 3.32
CA ALA A 59 3.43 2.68 3.38
C ALA A 59 2.18 2.78 2.52
N LYS A 60 1.48 3.92 2.61
CA LYS A 60 0.27 4.14 1.83
C LYS A 60 0.26 5.54 1.22
N ILE A 61 -0.47 5.69 0.12
CA ILE A 61 -0.57 6.98 -0.56
C ILE A 61 -1.87 7.68 -0.22
N ASP A 62 -1.94 8.98 -0.48
CA ASP A 62 -3.13 9.76 -0.21
C ASP A 62 -3.82 10.17 -1.51
N VAL A 63 -4.86 9.43 -1.87
CA VAL A 63 -5.61 9.70 -3.09
C VAL A 63 -6.00 11.17 -3.18
N ASP A 64 -6.23 11.78 -2.02
CA ASP A 64 -6.62 13.19 -1.95
C ASP A 64 -5.63 14.06 -2.72
N ALA A 65 -4.36 13.66 -2.69
CA ALA A 65 -3.31 14.41 -3.38
C ALA A 65 -3.31 14.08 -4.87
N ASN A 66 -3.65 12.85 -5.22
CA ASN A 66 -3.68 12.41 -6.60
C ASN A 66 -5.10 12.02 -7.02
N PRO A 67 -6.00 13.02 -7.08
CA PRO A 67 -7.39 12.80 -7.47
C PRO A 67 -7.54 12.43 -8.94
N ALA A 68 -6.55 12.83 -9.74
CA ALA A 68 -6.58 12.53 -11.17
C ALA A 68 -6.88 11.06 -11.43
N THR A 69 -6.47 10.21 -10.49
CA THR A 69 -6.70 8.77 -10.62
C THR A 69 -8.13 8.41 -10.26
N ALA A 70 -8.60 8.93 -9.12
CA ALA A 70 -9.95 8.66 -8.66
C ALA A 70 -10.99 9.29 -9.59
N ARG A 71 -10.90 10.60 -9.76
CA ARG A 71 -11.84 11.33 -10.61
C ARG A 71 -11.84 10.75 -12.03
N ASP A 72 -10.72 10.14 -12.40
CA ASP A 72 -10.59 9.53 -13.73
C ASP A 72 -11.79 8.64 -14.05
N PHE A 73 -12.07 7.70 -13.16
CA PHE A 73 -13.19 6.78 -13.34
C PHE A 73 -14.24 6.99 -12.26
N GLN A 74 -14.28 8.19 -11.70
CA GLN A 74 -15.24 8.52 -10.65
C GLN A 74 -15.25 7.45 -9.57
N VAL A 75 -14.07 7.16 -9.02
CA VAL A 75 -13.94 6.16 -7.97
C VAL A 75 -13.39 6.77 -6.69
N VAL A 76 -14.11 6.56 -5.59
CA VAL A 76 -13.69 7.09 -4.30
C VAL A 76 -12.80 6.11 -3.56
N SER A 77 -13.07 4.82 -3.75
CA SER A 77 -12.29 3.77 -3.09
C SER A 77 -11.35 3.09 -4.09
N ILE A 78 -10.05 3.17 -3.82
CA ILE A 78 -9.05 2.56 -4.69
C ILE A 78 -8.08 1.70 -3.89
N PRO A 79 -8.59 0.59 -3.33
CA PRO A 79 -7.78 -0.35 -2.54
C PRO A 79 -6.78 -1.11 -3.39
N THR A 80 -5.58 -0.57 -3.51
CA THR A 80 -4.52 -1.20 -4.31
C THR A 80 -3.27 -1.42 -3.46
N MET A 81 -2.45 -2.39 -3.88
CA MET A 81 -1.22 -2.70 -3.17
C MET A 81 -0.10 -3.06 -4.15
N ILE A 82 0.86 -2.15 -4.31
CA ILE A 82 1.98 -2.38 -5.21
C ILE A 82 3.29 -2.50 -4.45
N LEU A 83 4.12 -3.46 -4.83
CA LEU A 83 5.40 -3.68 -4.18
C LEU A 83 6.55 -3.24 -5.09
N PHE A 84 7.55 -2.60 -4.49
CA PHE A 84 8.71 -2.13 -5.25
C PHE A 84 10.00 -2.74 -4.69
N LYS A 85 10.73 -3.45 -5.55
CA LYS A 85 11.98 -4.08 -5.14
C LYS A 85 13.12 -3.65 -6.07
N ASP A 86 14.19 -3.13 -5.48
CA ASP A 86 15.34 -2.68 -6.24
C ASP A 86 14.98 -1.53 -7.17
N GLY A 87 14.05 -0.69 -6.71
CA GLY A 87 13.62 0.45 -7.51
C GLY A 87 12.84 0.03 -8.74
N ALA A 88 12.27 -1.16 -8.69
CA ALA A 88 11.48 -1.67 -9.81
C ALA A 88 10.24 -2.42 -9.31
N PRO A 89 9.22 -2.52 -10.18
CA PRO A 89 7.97 -3.21 -9.86
C PRO A 89 8.15 -4.71 -9.73
N VAL A 90 7.65 -5.28 -8.64
CA VAL A 90 7.75 -6.71 -8.41
C VAL A 90 6.37 -7.33 -8.22
N LYS A 91 5.46 -6.58 -7.61
CA LYS A 91 4.11 -7.06 -7.37
C LYS A 91 3.10 -5.92 -7.52
N ARG A 92 1.86 -6.27 -7.84
CA ARG A 92 0.80 -5.28 -8.00
C ARG A 92 -0.57 -5.94 -7.95
N ILE A 93 -1.32 -5.66 -6.89
CA ILE A 93 -2.66 -6.22 -6.72
C ILE A 93 -3.68 -5.14 -6.44
N VAL A 94 -4.88 -5.31 -6.97
CA VAL A 94 -5.96 -4.35 -6.78
C VAL A 94 -7.24 -5.03 -6.31
N GLY A 95 -7.86 -4.47 -5.28
CA GLY A 95 -9.09 -5.04 -4.75
C GLY A 95 -9.06 -5.18 -3.24
N ALA A 96 -10.10 -4.67 -2.58
CA ALA A 96 -10.19 -4.75 -1.13
C ALA A 96 -10.90 -6.03 -0.69
N LYS A 97 -10.12 -7.03 -0.29
CA LYS A 97 -10.67 -8.30 0.16
C LYS A 97 -10.00 -8.76 1.45
N GLY A 98 -10.36 -9.96 1.90
CA GLY A 98 -9.77 -10.49 3.12
C GLY A 98 -8.26 -10.51 3.08
N LYS A 99 -7.65 -10.91 4.18
CA LYS A 99 -6.19 -10.96 4.28
C LYS A 99 -5.64 -12.16 3.50
N ALA A 100 -6.42 -13.24 3.47
CA ALA A 100 -6.02 -14.45 2.76
C ALA A 100 -5.54 -14.13 1.35
N ALA A 101 -6.17 -13.13 0.74
CA ALA A 101 -5.82 -12.72 -0.62
C ALA A 101 -4.56 -11.87 -0.63
N LEU A 102 -4.48 -10.94 0.31
CA LEU A 102 -3.32 -10.05 0.42
C LEU A 102 -2.06 -10.85 0.74
N LEU A 103 -2.20 -11.90 1.53
CA LEU A 103 -1.07 -12.74 1.90
C LEU A 103 -0.29 -13.19 0.67
N ARG A 104 -1.01 -13.41 -0.43
CA ARG A 104 -0.39 -13.84 -1.67
C ARG A 104 0.75 -12.91 -2.06
N GLU A 105 0.61 -11.64 -1.72
CA GLU A 105 1.63 -10.64 -2.03
C GLU A 105 3.00 -11.10 -1.56
N LEU A 106 3.12 -11.32 -0.25
CA LEU A 106 4.39 -11.76 0.34
C LEU A 106 4.67 -13.21 -0.04
N SER A 107 3.62 -13.99 -0.24
CA SER A 107 3.77 -15.40 -0.61
C SER A 107 4.47 -15.54 -1.95
N ASP A 108 4.13 -14.66 -2.89
CA ASP A 108 4.73 -14.69 -4.21
C ASP A 108 5.97 -13.81 -4.27
N ALA A 109 5.92 -12.66 -3.62
CA ALA A 109 7.05 -11.74 -3.59
C ALA A 109 8.24 -12.35 -2.85
N LEU A 110 7.94 -13.13 -1.81
CA LEU A 110 8.98 -13.78 -1.02
C LEU A 110 8.87 -15.29 -1.10
N MET A 1 -3.41 -6.99 19.38
CA MET A 1 -2.81 -6.92 20.70
C MET A 1 -1.48 -6.16 20.65
N SER A 2 -0.68 -6.45 19.63
CA SER A 2 0.61 -5.80 19.47
C SER A 2 0.62 -4.88 18.26
N GLU A 3 1.61 -3.99 18.20
CA GLU A 3 1.72 -3.05 17.09
C GLU A 3 3.18 -2.86 16.69
N ASP A 4 3.41 -2.00 15.71
CA ASP A 4 4.76 -1.73 15.23
C ASP A 4 4.96 -0.24 14.95
N SER A 5 6.18 0.14 14.60
CA SER A 5 6.49 1.53 14.33
C SER A 5 7.39 1.65 13.09
N ALA A 6 7.17 0.76 12.13
CA ALA A 6 7.95 0.77 10.89
C ALA A 6 7.07 1.04 9.68
N THR A 7 6.11 1.95 9.84
CA THR A 7 5.20 2.29 8.76
C THR A 7 5.15 3.80 8.54
N VAL A 8 5.54 4.23 7.34
CA VAL A 8 5.54 5.65 7.00
C VAL A 8 5.00 5.88 5.60
N ALA A 9 4.10 6.86 5.47
CA ALA A 9 3.50 7.18 4.18
C ALA A 9 4.43 8.07 3.36
N VAL A 10 4.22 8.10 2.05
CA VAL A 10 5.02 8.91 1.15
C VAL A 10 4.18 9.95 0.43
N THR A 11 4.84 10.83 -0.33
CA THR A 11 4.15 11.88 -1.06
C THR A 11 3.82 11.43 -2.49
N ASP A 12 2.94 12.17 -3.15
CA ASP A 12 2.54 11.85 -4.51
C ASP A 12 3.64 12.23 -5.49
N ASP A 13 4.14 13.45 -5.39
CA ASP A 13 5.20 13.94 -6.27
C ASP A 13 6.54 13.30 -5.92
N SER A 14 6.75 13.08 -4.63
CA SER A 14 7.99 12.47 -4.15
C SER A 14 7.83 10.97 -3.94
N PHE A 15 7.03 10.35 -4.80
CA PHE A 15 6.78 8.92 -4.71
C PHE A 15 7.89 8.13 -5.41
N SER A 16 8.07 8.39 -6.70
CA SER A 16 9.08 7.70 -7.48
C SER A 16 10.48 7.98 -6.94
N THR A 17 10.72 9.23 -6.56
CA THR A 17 12.01 9.64 -6.01
C THR A 17 12.35 8.85 -4.77
N ASP A 18 11.33 8.47 -4.01
CA ASP A 18 11.52 7.70 -2.78
C ASP A 18 11.57 6.21 -3.08
N VAL A 19 10.50 5.70 -3.68
CA VAL A 19 10.41 4.28 -4.01
C VAL A 19 11.56 3.87 -4.93
N LEU A 20 11.59 4.45 -6.13
CA LEU A 20 12.63 4.14 -7.10
C LEU A 20 14.01 4.51 -6.56
N GLY A 21 14.06 5.58 -5.77
CA GLY A 21 15.33 6.01 -5.20
C GLY A 21 15.84 5.06 -4.14
N SER A 22 14.92 4.34 -3.49
CA SER A 22 15.28 3.40 -2.45
C SER A 22 15.50 2.00 -3.03
N SER A 23 16.76 1.66 -3.28
CA SER A 23 17.10 0.35 -3.83
C SER A 23 16.46 -0.77 -3.03
N LYS A 24 16.35 -0.56 -1.72
CA LYS A 24 15.76 -1.55 -0.83
C LYS A 24 14.30 -1.81 -1.20
N PRO A 25 13.77 -2.96 -0.75
CA PRO A 25 12.38 -3.35 -1.02
C PRO A 25 11.38 -2.47 -0.27
N VAL A 26 10.36 -2.00 -0.99
CA VAL A 26 9.34 -1.15 -0.41
C VAL A 26 7.94 -1.57 -0.85
N LEU A 27 6.92 -1.08 -0.15
CA LEU A 27 5.55 -1.42 -0.48
C LEU A 27 4.63 -0.21 -0.28
N VAL A 28 3.74 0.02 -1.23
CA VAL A 28 2.81 1.14 -1.16
C VAL A 28 1.39 0.70 -1.50
N ASP A 29 0.40 1.32 -0.87
CA ASP A 29 -1.00 0.99 -1.11
C ASP A 29 -1.83 2.26 -1.28
N PHE A 30 -2.75 2.22 -2.23
CA PHE A 30 -3.61 3.37 -2.51
C PHE A 30 -5.05 3.09 -2.06
N TRP A 31 -5.59 3.99 -1.24
CA TRP A 31 -6.95 3.83 -0.75
C TRP A 31 -7.60 5.19 -0.53
N ALA A 32 -8.87 5.30 -0.92
CA ALA A 32 -9.61 6.55 -0.77
C ALA A 32 -10.47 6.54 0.49
N THR A 33 -10.79 7.72 0.99
CA THR A 33 -11.61 7.85 2.19
C THR A 33 -13.07 7.55 1.90
N TRP A 34 -13.49 7.78 0.66
CA TRP A 34 -14.86 7.55 0.26
C TRP A 34 -15.18 6.05 0.25
N CYS A 35 -14.14 5.24 0.22
CA CYS A 35 -14.30 3.79 0.21
C CYS A 35 -15.24 3.34 1.32
N GLY A 36 -16.28 2.58 0.95
CA GLY A 36 -17.24 2.10 1.93
C GLY A 36 -16.69 0.97 2.77
N PRO A 37 -16.45 -0.18 2.13
CA PRO A 37 -15.92 -1.36 2.82
C PRO A 37 -14.47 -1.19 3.25
N CYS A 38 -14.23 -0.24 4.14
CA CYS A 38 -12.88 0.03 4.63
C CYS A 38 -12.54 -0.88 5.80
N LYS A 39 -13.55 -1.21 6.61
CA LYS A 39 -13.35 -2.07 7.77
C LYS A 39 -12.93 -3.47 7.34
N MET A 40 -13.52 -3.97 6.26
CA MET A 40 -13.21 -5.29 5.75
C MET A 40 -11.71 -5.42 5.49
N VAL A 41 -11.08 -4.32 5.08
CA VAL A 41 -9.65 -4.32 4.80
C VAL A 41 -8.91 -3.38 5.73
N ALA A 42 -9.54 -3.05 6.85
CA ALA A 42 -8.95 -2.15 7.84
C ALA A 42 -7.79 -2.83 8.56
N PRO A 43 -8.09 -3.94 9.25
CA PRO A 43 -7.10 -4.71 10.00
C PRO A 43 -6.12 -5.44 9.09
N VAL A 44 -6.60 -5.81 7.91
CA VAL A 44 -5.75 -6.51 6.94
C VAL A 44 -4.45 -5.77 6.71
N LEU A 45 -4.54 -4.56 6.18
CA LEU A 45 -3.36 -3.75 5.91
C LEU A 45 -2.53 -3.56 7.18
N GLU A 46 -3.20 -3.56 8.33
CA GLU A 46 -2.53 -3.38 9.61
C GLU A 46 -1.64 -4.58 9.92
N GLU A 47 -2.25 -5.77 9.96
CA GLU A 47 -1.52 -6.99 10.26
C GLU A 47 -0.50 -7.29 9.16
N ILE A 48 -0.88 -7.05 7.91
CA ILE A 48 -0.01 -7.28 6.77
C ILE A 48 1.18 -6.33 6.80
N ALA A 49 0.95 -5.12 7.25
CA ALA A 49 2.01 -4.11 7.33
C ALA A 49 3.11 -4.55 8.28
N ALA A 50 2.72 -5.13 9.41
CA ALA A 50 3.68 -5.59 10.40
C ALA A 50 4.20 -6.99 10.07
N GLU A 51 3.36 -7.78 9.41
CA GLU A 51 3.73 -9.13 9.03
C GLU A 51 5.06 -9.14 8.28
N LYS A 52 5.08 -8.52 7.11
CA LYS A 52 6.29 -8.44 6.30
C LYS A 52 6.96 -7.07 6.43
N GLY A 53 6.64 -6.37 7.51
CA GLY A 53 7.22 -5.06 7.74
C GLY A 53 8.72 -5.11 7.88
N ASP A 54 9.23 -6.20 8.43
CA ASP A 54 10.67 -6.37 8.62
C ASP A 54 11.37 -6.59 7.28
N GLN A 55 10.68 -7.27 6.37
CA GLN A 55 11.24 -7.55 5.05
C GLN A 55 11.26 -6.30 4.19
N LEU A 56 10.21 -5.50 4.29
CA LEU A 56 10.11 -4.27 3.52
C LEU A 56 9.21 -3.25 4.23
N THR A 57 9.38 -1.98 3.88
CA THR A 57 8.59 -0.92 4.48
C THR A 57 7.24 -0.77 3.78
N VAL A 58 6.18 -0.68 4.56
CA VAL A 58 4.83 -0.54 4.02
C VAL A 58 4.31 0.88 4.22
N ALA A 59 3.91 1.51 3.13
CA ALA A 59 3.38 2.87 3.18
C ALA A 59 1.94 2.92 2.70
N LYS A 60 1.25 4.03 2.99
CA LYS A 60 -0.13 4.20 2.59
C LYS A 60 -0.39 5.63 2.11
N ILE A 61 -1.11 5.75 1.00
CA ILE A 61 -1.42 7.06 0.45
C ILE A 61 -2.80 7.55 0.90
N ASP A 62 -3.10 8.79 0.60
CA ASP A 62 -4.39 9.38 0.99
C ASP A 62 -5.02 10.12 -0.19
N VAL A 63 -5.94 9.46 -0.87
CA VAL A 63 -6.63 10.05 -2.01
C VAL A 63 -7.18 11.43 -1.67
N ASP A 64 -7.58 11.60 -0.42
CA ASP A 64 -8.12 12.88 0.05
C ASP A 64 -7.17 14.02 -0.28
N ALA A 65 -5.87 13.74 -0.19
CA ALA A 65 -4.86 14.75 -0.46
C ALA A 65 -4.54 14.82 -1.96
N ASN A 66 -4.59 13.66 -2.62
CA ASN A 66 -4.31 13.59 -4.05
C ASN A 66 -5.56 13.22 -4.83
N PRO A 67 -6.45 14.20 -5.00
CA PRO A 67 -7.71 14.00 -5.73
C PRO A 67 -7.49 13.81 -7.23
N ALA A 68 -6.42 14.41 -7.74
CA ALA A 68 -6.09 14.31 -9.17
C ALA A 68 -6.08 12.86 -9.61
N THR A 69 -5.70 11.96 -8.71
CA THR A 69 -5.64 10.54 -9.02
C THR A 69 -7.03 9.99 -9.31
N ALA A 70 -7.91 10.02 -8.32
CA ALA A 70 -9.26 9.53 -8.48
C ALA A 70 -10.01 10.31 -9.54
N ARG A 71 -9.88 11.62 -9.50
CA ARG A 71 -10.56 12.48 -10.47
C ARG A 71 -10.26 12.02 -11.90
N ASP A 72 -9.07 11.45 -12.10
CA ASP A 72 -8.67 10.97 -13.42
C ASP A 72 -9.76 10.10 -14.03
N PHE A 73 -10.24 9.13 -13.26
CA PHE A 73 -11.27 8.22 -13.73
C PHE A 73 -12.58 8.44 -12.97
N GLN A 74 -12.70 9.61 -12.35
CA GLN A 74 -13.90 9.96 -11.58
C GLN A 74 -14.28 8.82 -10.65
N VAL A 75 -13.34 8.43 -9.79
CA VAL A 75 -13.58 7.36 -8.84
C VAL A 75 -13.55 7.87 -7.40
N VAL A 76 -14.41 7.32 -6.56
CA VAL A 76 -14.49 7.72 -5.15
C VAL A 76 -13.61 6.83 -4.27
N SER A 77 -13.53 5.55 -4.63
CA SER A 77 -12.73 4.59 -3.88
C SER A 77 -11.84 3.77 -4.81
N ILE A 78 -10.58 3.62 -4.42
CA ILE A 78 -9.63 2.84 -5.23
C ILE A 78 -8.70 2.02 -4.34
N PRO A 79 -9.28 1.04 -3.63
CA PRO A 79 -8.52 0.16 -2.73
C PRO A 79 -7.60 -0.78 -3.48
N THR A 80 -6.34 -0.39 -3.63
CA THR A 80 -5.35 -1.20 -4.34
C THR A 80 -4.02 -1.23 -3.59
N MET A 81 -3.23 -2.27 -3.83
CA MET A 81 -1.93 -2.40 -3.18
C MET A 81 -0.87 -2.81 -4.19
N ILE A 82 0.22 -2.05 -4.23
CA ILE A 82 1.32 -2.34 -5.16
C ILE A 82 2.63 -2.50 -4.42
N LEU A 83 3.41 -3.50 -4.80
CA LEU A 83 4.70 -3.76 -4.18
C LEU A 83 5.85 -3.37 -5.10
N PHE A 84 6.88 -2.76 -4.53
CA PHE A 84 8.04 -2.34 -5.31
C PHE A 84 9.33 -2.94 -4.73
N LYS A 85 10.04 -3.70 -5.57
CA LYS A 85 11.29 -4.32 -5.15
C LYS A 85 12.41 -4.02 -6.13
N ASP A 86 13.55 -3.57 -5.60
CA ASP A 86 14.70 -3.23 -6.44
C ASP A 86 14.38 -2.08 -7.36
N GLY A 87 13.55 -1.15 -6.90
CA GLY A 87 13.18 0.00 -7.70
C GLY A 87 12.32 -0.38 -8.89
N ALA A 88 11.72 -1.56 -8.83
CA ALA A 88 10.87 -2.05 -9.91
C ALA A 88 9.63 -2.75 -9.37
N PRO A 89 8.58 -2.84 -10.20
CA PRO A 89 7.32 -3.48 -9.82
C PRO A 89 7.47 -5.00 -9.70
N VAL A 90 6.99 -5.55 -8.58
CA VAL A 90 7.06 -6.98 -8.34
C VAL A 90 5.67 -7.59 -8.20
N LYS A 91 4.75 -6.82 -7.64
CA LYS A 91 3.38 -7.27 -7.45
C LYS A 91 2.41 -6.10 -7.46
N ARG A 92 1.17 -6.38 -7.85
CA ARG A 92 0.13 -5.34 -7.90
C ARG A 92 -1.26 -5.95 -7.79
N ILE A 93 -1.90 -5.75 -6.64
CA ILE A 93 -3.23 -6.28 -6.41
C ILE A 93 -4.26 -5.16 -6.30
N VAL A 94 -5.46 -5.40 -6.82
CA VAL A 94 -6.54 -4.42 -6.78
C VAL A 94 -7.79 -4.99 -6.15
N GLY A 95 -8.39 -4.24 -5.24
CA GLY A 95 -9.60 -4.69 -4.57
C GLY A 95 -9.41 -4.89 -3.08
N ALA A 96 -10.47 -4.69 -2.31
CA ALA A 96 -10.41 -4.85 -0.86
C ALA A 96 -10.57 -6.31 -0.46
N LYS A 97 -9.45 -6.97 -0.21
CA LYS A 97 -9.46 -8.37 0.18
C LYS A 97 -8.98 -8.55 1.63
N GLY A 98 -8.88 -9.80 2.07
CA GLY A 98 -8.44 -10.07 3.42
C GLY A 98 -6.95 -10.39 3.49
N LYS A 99 -6.42 -10.43 4.70
CA LYS A 99 -5.00 -10.72 4.90
C LYS A 99 -4.61 -12.01 4.18
N ALA A 100 -5.57 -12.93 4.05
CA ALA A 100 -5.32 -14.20 3.39
C ALA A 100 -4.69 -13.98 2.01
N ALA A 101 -5.11 -12.90 1.34
CA ALA A 101 -4.60 -12.59 0.02
C ALA A 101 -3.24 -11.89 0.10
N LEU A 102 -3.20 -10.77 0.82
CA LEU A 102 -1.96 -10.01 0.97
C LEU A 102 -0.83 -10.92 1.46
N LEU A 103 -1.18 -11.91 2.26
CA LEU A 103 -0.20 -12.85 2.79
C LEU A 103 0.66 -13.43 1.66
N ARG A 104 0.05 -13.62 0.50
CA ARG A 104 0.76 -14.17 -0.66
C ARG A 104 1.73 -13.15 -1.24
N GLU A 105 1.34 -11.87 -1.16
CA GLU A 105 2.18 -10.80 -1.68
C GLU A 105 3.60 -10.90 -1.14
N LEU A 106 3.72 -11.00 0.18
CA LEU A 106 5.03 -11.11 0.83
C LEU A 106 5.85 -12.22 0.20
N SER A 107 5.19 -13.27 -0.27
CA SER A 107 5.87 -14.40 -0.89
C SER A 107 6.64 -13.94 -2.13
N ASP A 108 6.07 -12.99 -2.86
CA ASP A 108 6.72 -12.47 -4.06
C ASP A 108 7.80 -11.44 -3.69
N ALA A 109 7.55 -10.68 -2.64
CA ALA A 109 8.49 -9.66 -2.20
C ALA A 109 9.79 -10.31 -1.70
N LEU A 110 9.66 -11.46 -1.06
CA LEU A 110 10.82 -12.17 -0.54
C LEU A 110 11.00 -13.52 -1.24
N MET A 1 2.90 7.38 27.59
CA MET A 1 4.00 6.53 27.17
C MET A 1 4.07 6.45 25.65
N SER A 2 5.00 5.64 25.15
CA SER A 2 5.17 5.47 23.70
C SER A 2 4.77 4.06 23.27
N GLU A 3 4.71 3.86 21.96
CA GLU A 3 4.33 2.56 21.42
C GLU A 3 5.20 2.20 20.21
N ASP A 4 4.94 1.03 19.62
CA ASP A 4 5.70 0.58 18.46
C ASP A 4 4.92 0.83 17.17
N SER A 5 5.59 0.65 16.04
CA SER A 5 4.96 0.86 14.74
C SER A 5 5.94 0.55 13.62
N ALA A 6 5.75 -0.58 12.96
CA ALA A 6 6.61 -0.99 11.86
C ALA A 6 6.00 -0.59 10.51
N THR A 7 5.35 0.56 10.49
CA THR A 7 4.72 1.06 9.26
C THR A 7 4.72 2.58 9.23
N VAL A 8 5.14 3.14 8.09
CA VAL A 8 5.19 4.58 7.93
C VAL A 8 4.76 4.99 6.51
N ALA A 9 3.88 5.98 6.44
CA ALA A 9 3.39 6.46 5.15
C ALA A 9 4.35 7.50 4.55
N VAL A 10 4.27 7.68 3.24
CA VAL A 10 5.12 8.64 2.55
C VAL A 10 4.29 9.67 1.80
N THR A 11 4.95 10.73 1.35
CA THR A 11 4.26 11.80 0.61
C THR A 11 4.32 11.55 -0.89
N ASP A 12 3.26 11.94 -1.59
CA ASP A 12 3.18 11.77 -3.03
C ASP A 12 4.33 12.49 -3.73
N ASP A 13 4.53 13.75 -3.37
CA ASP A 13 5.60 14.56 -3.95
C ASP A 13 6.94 13.83 -3.87
N SER A 14 7.28 13.38 -2.67
CA SER A 14 8.53 12.67 -2.45
C SER A 14 8.30 11.17 -2.34
N PHE A 15 7.40 10.65 -3.18
CA PHE A 15 7.09 9.24 -3.17
C PHE A 15 8.08 8.45 -4.03
N SER A 16 8.18 8.82 -5.30
CA SER A 16 9.08 8.15 -6.22
C SER A 16 10.54 8.40 -5.82
N THR A 17 10.84 9.62 -5.39
CA THR A 17 12.19 9.97 -4.98
C THR A 17 12.66 9.09 -3.83
N ASP A 18 11.72 8.67 -2.99
CA ASP A 18 12.05 7.82 -1.86
C ASP A 18 11.97 6.35 -2.24
N VAL A 19 10.81 5.92 -2.73
CA VAL A 19 10.60 4.54 -3.13
C VAL A 19 11.62 4.12 -4.19
N LEU A 20 11.61 4.82 -5.32
CA LEU A 20 12.54 4.51 -6.41
C LEU A 20 13.98 4.80 -5.99
N GLY A 21 14.16 5.80 -5.13
CA GLY A 21 15.49 6.15 -4.67
C GLY A 21 15.92 5.35 -3.45
N SER A 22 15.13 4.32 -3.13
CA SER A 22 15.43 3.48 -1.97
C SER A 22 16.18 2.22 -2.40
N SER A 23 17.36 2.01 -1.82
CA SER A 23 18.17 0.84 -2.14
C SER A 23 17.41 -0.45 -1.84
N LYS A 24 16.61 -0.41 -0.77
CA LYS A 24 15.82 -1.58 -0.37
C LYS A 24 14.41 -1.50 -0.92
N PRO A 25 13.76 -2.67 -1.05
CA PRO A 25 12.38 -2.75 -1.57
C PRO A 25 11.37 -2.19 -0.58
N VAL A 26 10.25 -1.70 -1.11
CA VAL A 26 9.19 -1.13 -0.29
C VAL A 26 7.81 -1.40 -0.89
N LEU A 27 6.83 -1.63 -0.02
CA LEU A 27 5.47 -1.90 -0.47
C LEU A 27 4.55 -0.71 -0.17
N VAL A 28 3.74 -0.33 -1.15
CA VAL A 28 2.82 0.78 -1.00
C VAL A 28 1.43 0.42 -1.51
N ASP A 29 0.41 0.68 -0.69
CA ASP A 29 -0.97 0.37 -1.05
C ASP A 29 -1.78 1.66 -1.20
N PHE A 30 -2.57 1.74 -2.26
CA PHE A 30 -3.39 2.91 -2.51
C PHE A 30 -4.78 2.75 -1.89
N TRP A 31 -5.23 3.78 -1.18
CA TRP A 31 -6.54 3.75 -0.54
C TRP A 31 -7.04 5.16 -0.26
N ALA A 32 -8.34 5.36 -0.42
CA ALA A 32 -8.94 6.67 -0.18
C ALA A 32 -9.48 6.77 1.24
N THR A 33 -9.23 7.93 1.87
CA THR A 33 -9.69 8.16 3.24
C THR A 33 -11.18 7.91 3.37
N TRP A 34 -11.93 8.21 2.32
CA TRP A 34 -13.38 8.00 2.32
C TRP A 34 -13.75 6.70 1.63
N CYS A 35 -12.81 5.76 1.60
CA CYS A 35 -13.04 4.46 0.97
C CYS A 35 -14.19 3.73 1.64
N GLY A 36 -15.22 3.42 0.87
CA GLY A 36 -16.37 2.72 1.41
C GLY A 36 -15.99 1.45 2.15
N PRO A 37 -15.48 0.47 1.42
CA PRO A 37 -15.06 -0.81 1.99
C PRO A 37 -13.81 -0.69 2.85
N CYS A 38 -13.94 0.01 3.97
CA CYS A 38 -12.81 0.21 4.88
C CYS A 38 -12.68 -0.96 5.85
N LYS A 39 -13.82 -1.51 6.26
CA LYS A 39 -13.82 -2.64 7.18
C LYS A 39 -13.48 -3.94 6.46
N MET A 40 -14.09 -4.15 5.29
CA MET A 40 -13.84 -5.35 4.51
C MET A 40 -12.36 -5.57 4.30
N VAL A 41 -11.61 -4.47 4.18
CA VAL A 41 -10.17 -4.55 3.99
C VAL A 41 -9.42 -3.86 5.13
N ALA A 42 -10.09 -3.71 6.26
CA ALA A 42 -9.49 -3.08 7.43
C ALA A 42 -8.38 -3.94 8.01
N PRO A 43 -8.75 -5.16 8.46
CA PRO A 43 -7.81 -6.11 9.05
C PRO A 43 -6.83 -6.67 8.02
N VAL A 44 -7.29 -6.79 6.78
CA VAL A 44 -6.45 -7.31 5.70
C VAL A 44 -5.11 -6.59 5.65
N LEU A 45 -5.16 -5.28 5.39
CA LEU A 45 -3.95 -4.47 5.30
C LEU A 45 -3.13 -4.58 6.58
N GLU A 46 -3.81 -4.76 7.71
CA GLU A 46 -3.14 -4.89 9.00
C GLU A 46 -2.31 -6.17 9.05
N GLU A 47 -2.98 -7.30 8.89
CA GLU A 47 -2.30 -8.59 8.91
C GLU A 47 -1.27 -8.70 7.80
N ILE A 48 -1.63 -8.16 6.63
CA ILE A 48 -0.73 -8.20 5.47
C ILE A 48 0.49 -7.31 5.69
N ALA A 49 0.28 -6.20 6.40
CA ALA A 49 1.35 -5.26 6.68
C ALA A 49 2.45 -5.92 7.51
N ALA A 50 2.03 -6.69 8.52
CA ALA A 50 2.98 -7.37 9.40
C ALA A 50 3.43 -8.70 8.78
N GLU A 51 2.55 -9.32 8.02
CA GLU A 51 2.86 -10.60 7.38
C GLU A 51 4.18 -10.51 6.61
N LYS A 52 4.20 -9.68 5.57
CA LYS A 52 5.39 -9.49 4.75
C LYS A 52 6.14 -8.23 5.15
N GLY A 53 5.89 -7.74 6.37
CA GLY A 53 6.54 -6.54 6.84
C GLY A 53 7.86 -6.83 7.52
N ASP A 54 8.40 -8.02 7.29
CA ASP A 54 9.66 -8.43 7.89
C ASP A 54 10.80 -8.25 6.89
N GLN A 55 10.51 -8.50 5.61
CA GLN A 55 11.51 -8.36 4.56
C GLN A 55 11.61 -6.93 4.07
N LEU A 56 10.46 -6.28 3.96
CA LEU A 56 10.41 -4.89 3.49
C LEU A 56 9.43 -4.07 4.32
N THR A 57 9.34 -2.78 4.03
CA THR A 57 8.45 -1.89 4.75
C THR A 57 7.14 -1.69 4.00
N VAL A 58 6.04 -1.55 4.74
CA VAL A 58 4.73 -1.35 4.14
C VAL A 58 4.17 0.03 4.45
N ALA A 59 3.81 0.76 3.41
CA ALA A 59 3.27 2.11 3.58
C ALA A 59 1.94 2.26 2.84
N LYS A 60 1.27 3.39 3.06
CA LYS A 60 -0.01 3.65 2.41
C LYS A 60 -0.08 5.09 1.91
N ILE A 61 -0.85 5.30 0.86
CA ILE A 61 -1.00 6.63 0.28
C ILE A 61 -2.32 7.27 0.68
N ASP A 62 -2.44 8.57 0.47
CA ASP A 62 -3.66 9.31 0.82
C ASP A 62 -4.29 9.92 -0.42
N VAL A 63 -5.33 9.27 -0.94
CA VAL A 63 -6.03 9.75 -2.12
C VAL A 63 -6.40 11.22 -1.98
N ASP A 64 -6.66 11.64 -0.74
CA ASP A 64 -7.03 13.02 -0.46
C ASP A 64 -6.01 13.99 -1.05
N ALA A 65 -4.75 13.58 -1.05
CA ALA A 65 -3.67 14.40 -1.60
C ALA A 65 -3.61 14.29 -3.11
N ASN A 66 -3.91 13.11 -3.63
CA ASN A 66 -3.87 12.86 -5.06
C ASN A 66 -5.26 12.52 -5.59
N PRO A 67 -6.13 13.54 -5.67
CA PRO A 67 -7.50 13.38 -6.16
C PRO A 67 -7.55 13.08 -7.65
N ALA A 68 -6.56 13.57 -8.38
CA ALA A 68 -6.48 13.35 -9.83
C ALA A 68 -6.67 11.87 -10.17
N THR A 69 -6.20 11.01 -9.28
CA THR A 69 -6.30 9.57 -9.49
C THR A 69 -7.76 9.11 -9.44
N ALA A 70 -8.39 9.27 -8.28
CA ALA A 70 -9.78 8.88 -8.11
C ALA A 70 -10.69 9.64 -9.07
N ARG A 71 -10.56 10.96 -9.07
CA ARG A 71 -11.38 11.80 -9.94
C ARG A 71 -11.31 11.32 -11.39
N ASP A 72 -10.18 10.74 -11.76
CA ASP A 72 -9.99 10.23 -13.12
C ASP A 72 -11.16 9.36 -13.53
N PHE A 73 -11.48 8.36 -12.72
CA PHE A 73 -12.59 7.45 -13.01
C PHE A 73 -13.72 7.65 -12.01
N GLN A 74 -13.74 8.80 -11.36
CA GLN A 74 -14.78 9.11 -10.37
C GLN A 74 -14.97 7.95 -9.41
N VAL A 75 -13.90 7.55 -8.75
CA VAL A 75 -13.95 6.44 -7.80
C VAL A 75 -13.62 6.93 -6.38
N VAL A 76 -14.45 6.52 -5.42
CA VAL A 76 -14.25 6.91 -4.03
C VAL A 76 -13.38 5.89 -3.30
N SER A 77 -13.53 4.62 -3.66
CA SER A 77 -12.77 3.54 -3.03
C SER A 77 -11.83 2.88 -4.05
N ILE A 78 -10.53 2.91 -3.76
CA ILE A 78 -9.54 2.30 -4.63
C ILE A 78 -8.53 1.49 -3.84
N PRO A 79 -9.00 0.38 -3.24
CA PRO A 79 -8.15 -0.51 -2.45
C PRO A 79 -7.15 -1.28 -3.31
N THR A 80 -6.05 -0.61 -3.68
CA THR A 80 -5.02 -1.22 -4.51
C THR A 80 -3.75 -1.47 -3.70
N MET A 81 -2.95 -2.43 -4.15
CA MET A 81 -1.71 -2.76 -3.47
C MET A 81 -0.58 -2.96 -4.48
N ILE A 82 0.35 -2.01 -4.53
CA ILE A 82 1.48 -2.08 -5.44
C ILE A 82 2.79 -2.30 -4.69
N LEU A 83 3.57 -3.27 -5.15
CA LEU A 83 4.85 -3.58 -4.52
C LEU A 83 6.01 -3.04 -5.34
N PHE A 84 7.01 -2.49 -4.67
CA PHE A 84 8.18 -1.93 -5.33
C PHE A 84 9.46 -2.62 -4.86
N LYS A 85 10.18 -3.21 -5.81
CA LYS A 85 11.43 -3.90 -5.49
C LYS A 85 12.59 -3.36 -6.33
N ASP A 86 13.64 -2.94 -5.65
CA ASP A 86 14.82 -2.40 -6.33
C ASP A 86 14.47 -1.11 -7.07
N GLY A 87 13.55 -0.35 -6.50
CA GLY A 87 13.14 0.91 -7.12
C GLY A 87 12.36 0.68 -8.41
N ALA A 88 11.78 -0.50 -8.56
CA ALA A 88 11.01 -0.83 -9.74
C ALA A 88 9.77 -1.64 -9.38
N PRO A 89 8.76 -1.61 -10.27
CA PRO A 89 7.50 -2.34 -10.05
C PRO A 89 7.68 -3.85 -10.18
N VAL A 90 7.18 -4.57 -9.18
CA VAL A 90 7.29 -6.02 -9.18
C VAL A 90 5.91 -6.68 -9.07
N LYS A 91 5.02 -6.04 -8.31
CA LYS A 91 3.66 -6.55 -8.13
C LYS A 91 2.66 -5.41 -8.04
N ARG A 92 1.41 -5.69 -8.41
CA ARG A 92 0.36 -4.69 -8.37
C ARG A 92 -1.02 -5.34 -8.45
N ILE A 93 -1.73 -5.33 -7.32
CA ILE A 93 -3.07 -5.92 -7.26
C ILE A 93 -4.11 -4.88 -6.85
N VAL A 94 -5.04 -4.60 -7.76
CA VAL A 94 -6.09 -3.63 -7.49
C VAL A 94 -7.41 -4.33 -7.20
N GLY A 95 -8.14 -3.82 -6.21
CA GLY A 95 -9.41 -4.41 -5.84
C GLY A 95 -9.52 -4.70 -4.35
N ALA A 96 -10.73 -4.80 -3.85
CA ALA A 96 -10.97 -5.08 -2.43
C ALA A 96 -11.37 -6.53 -2.22
N LYS A 97 -10.43 -7.35 -1.75
CA LYS A 97 -10.68 -8.76 -1.50
C LYS A 97 -10.22 -9.16 -0.10
N GLY A 98 -10.20 -10.46 0.15
CA GLY A 98 -9.78 -10.95 1.45
C GLY A 98 -8.27 -11.11 1.55
N LYS A 99 -7.76 -11.21 2.76
CA LYS A 99 -6.33 -11.36 2.99
C LYS A 99 -5.77 -12.51 2.16
N ALA A 100 -6.60 -13.52 1.91
CA ALA A 100 -6.19 -14.67 1.12
C ALA A 100 -5.57 -14.24 -0.20
N ALA A 101 -6.18 -13.26 -0.84
CA ALA A 101 -5.70 -12.75 -2.11
C ALA A 101 -4.38 -12.01 -1.94
N LEU A 102 -4.39 -10.98 -1.11
CA LEU A 102 -3.20 -10.18 -0.86
C LEU A 102 -2.03 -11.07 -0.46
N LEU A 103 -2.32 -12.14 0.26
CA LEU A 103 -1.29 -13.08 0.70
C LEU A 103 -0.43 -13.53 -0.46
N ARG A 104 -1.07 -13.76 -1.62
CA ARG A 104 -0.37 -14.20 -2.81
C ARG A 104 0.83 -13.30 -3.10
N GLU A 105 0.68 -12.01 -2.78
CA GLU A 105 1.74 -11.04 -3.02
C GLU A 105 3.07 -11.54 -2.43
N LEU A 106 2.99 -12.24 -1.31
CA LEU A 106 4.17 -12.76 -0.65
C LEU A 106 5.03 -13.56 -1.62
N SER A 107 4.38 -14.23 -2.57
CA SER A 107 5.08 -15.03 -3.56
C SER A 107 6.05 -14.17 -4.37
N ASP A 108 5.64 -12.94 -4.66
CA ASP A 108 6.48 -12.02 -5.42
C ASP A 108 7.36 -11.20 -4.50
N ALA A 109 6.83 -10.86 -3.33
CA ALA A 109 7.58 -10.07 -2.35
C ALA A 109 8.78 -10.85 -1.82
N LEU A 110 8.61 -12.16 -1.68
CA LEU A 110 9.69 -13.02 -1.19
C LEU A 110 9.75 -14.31 -1.99
N MET A 1 17.75 -6.25 16.41
CA MET A 1 17.99 -5.29 15.34
C MET A 1 16.68 -4.70 14.83
N SER A 2 15.80 -5.57 14.34
CA SER A 2 14.50 -5.14 13.83
C SER A 2 13.62 -4.59 14.94
N GLU A 3 12.70 -3.70 14.58
CA GLU A 3 11.81 -3.10 15.56
C GLU A 3 10.41 -2.92 14.96
N ASP A 4 9.40 -2.88 15.83
CA ASP A 4 8.02 -2.71 15.40
C ASP A 4 7.72 -1.25 15.11
N SER A 5 6.49 -0.97 14.68
CA SER A 5 6.08 0.40 14.37
C SER A 5 6.90 0.96 13.22
N ALA A 6 7.17 0.13 12.22
CA ALA A 6 7.94 0.55 11.06
C ALA A 6 7.02 0.94 9.90
N THR A 7 5.90 1.56 10.23
CA THR A 7 4.95 1.99 9.20
C THR A 7 4.80 3.51 9.18
N VAL A 8 5.05 4.10 8.02
CA VAL A 8 4.96 5.54 7.87
C VAL A 8 4.52 5.91 6.45
N ALA A 9 3.67 6.93 6.34
CA ALA A 9 3.19 7.39 5.04
C ALA A 9 4.14 8.43 4.44
N VAL A 10 4.19 8.46 3.11
CA VAL A 10 5.05 9.40 2.40
C VAL A 10 4.24 10.33 1.50
N THR A 11 4.88 11.38 1.01
CA THR A 11 4.22 12.33 0.13
C THR A 11 4.29 11.89 -1.33
N ASP A 12 3.52 12.55 -2.18
CA ASP A 12 3.49 12.22 -3.60
C ASP A 12 4.74 12.75 -4.30
N ASP A 13 5.03 14.03 -4.08
CA ASP A 13 6.20 14.66 -4.70
C ASP A 13 7.48 13.96 -4.26
N SER A 14 7.51 13.52 -3.00
CA SER A 14 8.69 12.84 -2.47
C SER A 14 8.43 11.34 -2.34
N PHE A 15 7.68 10.78 -3.29
CA PHE A 15 7.36 9.36 -3.28
C PHE A 15 8.48 8.55 -3.92
N SER A 16 8.71 8.79 -5.21
CA SER A 16 9.75 8.08 -5.95
C SER A 16 11.11 8.25 -5.28
N THR A 17 11.40 9.48 -4.86
CA THR A 17 12.66 9.79 -4.20
C THR A 17 12.86 8.94 -2.96
N ASP A 18 11.76 8.60 -2.30
CA ASP A 18 11.81 7.78 -1.09
C ASP A 18 11.81 6.30 -1.44
N VAL A 19 10.76 5.85 -2.11
CA VAL A 19 10.64 4.45 -2.51
C VAL A 19 11.83 4.02 -3.36
N LEU A 20 11.98 4.64 -4.53
CA LEU A 20 13.07 4.31 -5.43
C LEU A 20 14.42 4.58 -4.77
N GLY A 21 14.47 5.61 -3.94
CA GLY A 21 15.70 5.94 -3.25
C GLY A 21 16.08 4.93 -2.20
N SER A 22 15.08 4.24 -1.66
CA SER A 22 15.32 3.23 -0.63
C SER A 22 15.49 1.84 -1.25
N SER A 23 16.74 1.41 -1.38
CA SER A 23 17.05 0.11 -1.96
C SER A 23 16.22 -0.99 -1.29
N LYS A 24 15.98 -0.84 0.01
CA LYS A 24 15.22 -1.82 0.77
C LYS A 24 13.80 -1.93 0.22
N PRO A 25 13.13 -3.05 0.56
CA PRO A 25 11.76 -3.30 0.11
C PRO A 25 10.74 -2.38 0.79
N VAL A 26 9.78 -1.88 0.01
CA VAL A 26 8.76 -0.99 0.52
C VAL A 26 7.40 -1.28 -0.11
N LEU A 27 6.35 -1.18 0.69
CA LEU A 27 4.99 -1.43 0.22
C LEU A 27 4.13 -0.18 0.34
N VAL A 28 3.33 0.08 -0.68
CA VAL A 28 2.46 1.25 -0.68
C VAL A 28 1.03 0.86 -1.07
N ASP A 29 0.05 1.48 -0.41
CA ASP A 29 -1.35 1.20 -0.68
C ASP A 29 -2.05 2.43 -1.27
N PHE A 30 -2.69 2.24 -2.41
CA PHE A 30 -3.39 3.33 -3.09
C PHE A 30 -4.90 3.22 -2.87
N TRP A 31 -5.45 4.18 -2.14
CA TRP A 31 -6.88 4.20 -1.86
C TRP A 31 -7.34 5.60 -1.46
N ALA A 32 -8.65 5.77 -1.34
CA ALA A 32 -9.22 7.06 -0.97
C ALA A 32 -9.68 7.06 0.48
N THR A 33 -9.82 8.26 1.06
CA THR A 33 -10.25 8.39 2.44
C THR A 33 -11.73 8.09 2.59
N TRP A 34 -12.51 8.44 1.57
CA TRP A 34 -13.95 8.20 1.60
C TRP A 34 -14.30 6.93 0.85
N CYS A 35 -13.35 6.01 0.77
CA CYS A 35 -13.55 4.73 0.08
C CYS A 35 -14.73 3.98 0.69
N GLY A 36 -15.70 3.62 -0.15
CA GLY A 36 -16.86 2.89 0.31
C GLY A 36 -16.49 1.66 1.11
N PRO A 37 -15.90 0.67 0.43
CA PRO A 37 -15.48 -0.59 1.05
C PRO A 37 -14.30 -0.41 2.00
N CYS A 38 -14.52 0.34 3.08
CA CYS A 38 -13.47 0.59 4.06
C CYS A 38 -13.40 -0.54 5.08
N LYS A 39 -14.55 -1.10 5.43
CA LYS A 39 -14.63 -2.19 6.38
C LYS A 39 -14.19 -3.51 5.75
N MET A 40 -14.69 -3.77 4.55
CA MET A 40 -14.35 -4.99 3.83
C MET A 40 -12.84 -5.19 3.77
N VAL A 41 -12.10 -4.08 3.72
CA VAL A 41 -10.64 -4.14 3.66
C VAL A 41 -10.02 -3.38 4.83
N ALA A 42 -10.80 -3.21 5.90
CA ALA A 42 -10.32 -2.50 7.07
C ALA A 42 -9.27 -3.33 7.81
N PRO A 43 -9.67 -4.53 8.28
CA PRO A 43 -8.78 -5.43 9.01
C PRO A 43 -7.70 -6.03 8.11
N VAL A 44 -8.06 -6.32 6.87
CA VAL A 44 -7.13 -6.90 5.91
C VAL A 44 -5.84 -6.08 5.84
N LEU A 45 -5.98 -4.80 5.52
CA LEU A 45 -4.83 -3.90 5.42
C LEU A 45 -4.08 -3.85 6.74
N GLU A 46 -4.79 -4.04 7.84
CA GLU A 46 -4.18 -4.02 9.16
C GLU A 46 -3.30 -5.25 9.38
N GLU A 47 -3.87 -6.43 9.16
CA GLU A 47 -3.15 -7.68 9.33
C GLU A 47 -2.03 -7.80 8.30
N ILE A 48 -2.33 -7.40 7.07
CA ILE A 48 -1.34 -7.47 5.99
C ILE A 48 -0.18 -6.51 6.23
N ALA A 49 -0.49 -5.37 6.85
CA ALA A 49 0.53 -4.38 7.15
C ALA A 49 1.38 -4.80 8.34
N ALA A 50 0.75 -5.46 9.30
CA ALA A 50 1.45 -5.93 10.50
C ALA A 50 2.15 -7.25 10.24
N GLU A 51 1.73 -7.95 9.18
CA GLU A 51 2.34 -9.23 8.84
C GLU A 51 3.85 -9.14 8.80
N LYS A 52 4.38 -8.35 7.87
CA LYS A 52 5.82 -8.17 7.73
C LYS A 52 6.22 -6.73 8.06
N GLY A 53 5.25 -5.94 8.53
CA GLY A 53 5.52 -4.57 8.88
C GLY A 53 6.66 -4.44 9.87
N ASP A 54 6.90 -5.49 10.64
CA ASP A 54 7.96 -5.49 11.64
C ASP A 54 9.30 -5.08 11.01
N GLN A 55 9.50 -5.48 9.75
CA GLN A 55 10.73 -5.16 9.05
C GLN A 55 10.44 -4.33 7.80
N LEU A 56 9.37 -4.68 7.11
CA LEU A 56 8.97 -3.96 5.90
C LEU A 56 8.18 -2.71 6.23
N THR A 57 8.31 -1.69 5.38
CA THR A 57 7.61 -0.43 5.58
C THR A 57 6.34 -0.36 4.73
N VAL A 58 5.19 -0.39 5.40
CA VAL A 58 3.91 -0.33 4.70
C VAL A 58 3.31 1.06 4.79
N ALA A 59 3.21 1.73 3.65
CA ALA A 59 2.63 3.08 3.59
C ALA A 59 1.35 3.09 2.77
N LYS A 60 0.73 4.27 2.68
CA LYS A 60 -0.50 4.43 1.93
C LYS A 60 -0.65 5.85 1.41
N ILE A 61 -1.31 6.00 0.27
CA ILE A 61 -1.52 7.31 -0.33
C ILE A 61 -2.91 7.84 -0.02
N ASP A 62 -3.12 9.14 -0.25
CA ASP A 62 -4.41 9.77 0.01
C ASP A 62 -5.00 10.34 -1.29
N VAL A 63 -5.94 9.61 -1.87
CA VAL A 63 -6.59 10.04 -3.11
C VAL A 63 -7.08 11.48 -3.00
N ASP A 64 -7.44 11.88 -1.78
CA ASP A 64 -7.93 13.24 -1.54
C ASP A 64 -6.95 14.27 -2.08
N ALA A 65 -5.66 13.96 -2.00
CA ALA A 65 -4.62 14.87 -2.49
C ALA A 65 -4.44 14.74 -4.00
N ASN A 66 -4.62 13.52 -4.51
CA ASN A 66 -4.47 13.27 -5.94
C ASN A 66 -5.80 12.81 -6.54
N PRO A 67 -6.76 13.75 -6.64
CA PRO A 67 -8.09 13.46 -7.19
C PRO A 67 -8.04 13.22 -8.70
N ALA A 68 -7.01 13.76 -9.35
CA ALA A 68 -6.86 13.60 -10.80
C ALA A 68 -6.98 12.13 -11.20
N THR A 69 -6.58 11.24 -10.29
CA THR A 69 -6.64 9.81 -10.56
C THR A 69 -8.09 9.32 -10.57
N ALA A 70 -8.76 9.42 -9.42
CA ALA A 70 -10.14 8.98 -9.30
C ALA A 70 -11.05 9.76 -10.25
N ARG A 71 -10.96 11.09 -10.19
CA ARG A 71 -11.78 11.94 -11.04
C ARG A 71 -11.65 11.52 -12.51
N ASP A 72 -10.49 10.99 -12.87
CA ASP A 72 -10.24 10.54 -14.24
C ASP A 72 -11.40 9.68 -14.75
N PHE A 73 -11.73 8.64 -13.98
CA PHE A 73 -12.80 7.73 -14.35
C PHE A 73 -13.98 7.86 -13.39
N GLN A 74 -14.10 9.02 -12.76
CA GLN A 74 -15.17 9.27 -11.80
C GLN A 74 -15.30 8.11 -10.82
N VAL A 75 -14.20 7.81 -10.13
CA VAL A 75 -14.19 6.72 -9.15
C VAL A 75 -14.16 7.26 -7.73
N VAL A 76 -14.96 6.68 -6.85
CA VAL A 76 -15.03 7.11 -5.46
C VAL A 76 -14.19 6.20 -4.57
N SER A 77 -14.16 4.91 -4.92
CA SER A 77 -13.40 3.93 -4.16
C SER A 77 -12.37 3.22 -5.03
N ILE A 78 -11.10 3.36 -4.68
CA ILE A 78 -10.03 2.74 -5.44
C ILE A 78 -9.11 1.94 -4.53
N PRO A 79 -9.62 0.83 -3.97
CA PRO A 79 -8.86 -0.03 -3.07
C PRO A 79 -7.76 -0.80 -3.81
N THR A 80 -6.65 -0.11 -4.08
CA THR A 80 -5.53 -0.73 -4.77
C THR A 80 -4.30 -0.80 -3.87
N MET A 81 -3.41 -1.74 -4.17
CA MET A 81 -2.19 -1.90 -3.38
C MET A 81 -1.02 -2.33 -4.28
N ILE A 82 0.06 -1.57 -4.22
CA ILE A 82 1.25 -1.85 -5.03
C ILE A 82 2.46 -2.14 -4.14
N LEU A 83 3.23 -3.16 -4.52
CA LEU A 83 4.41 -3.53 -3.76
C LEU A 83 5.69 -3.14 -4.50
N PHE A 84 6.67 -2.63 -3.76
CA PHE A 84 7.94 -2.22 -4.36
C PHE A 84 9.11 -2.96 -3.71
N LYS A 85 9.90 -3.63 -4.54
CA LYS A 85 11.06 -4.38 -4.05
C LYS A 85 12.30 -4.04 -4.86
N ASP A 86 13.39 -3.72 -4.16
CA ASP A 86 14.64 -3.37 -4.81
C ASP A 86 14.50 -2.10 -5.64
N GLY A 87 13.67 -1.18 -5.15
CA GLY A 87 13.45 0.07 -5.87
C GLY A 87 12.72 -0.14 -7.18
N ALA A 88 12.10 -1.29 -7.33
CA ALA A 88 11.36 -1.61 -8.55
C ALA A 88 10.06 -2.33 -8.25
N PRO A 89 9.11 -2.27 -9.19
CA PRO A 89 7.80 -2.92 -9.04
C PRO A 89 7.91 -4.45 -9.11
N VAL A 90 7.32 -5.11 -8.11
CA VAL A 90 7.35 -6.57 -8.06
C VAL A 90 5.94 -7.14 -8.14
N LYS A 91 4.99 -6.45 -7.52
CA LYS A 91 3.59 -6.89 -7.52
C LYS A 91 2.65 -5.70 -7.37
N ARG A 92 1.43 -5.86 -7.87
CA ARG A 92 0.43 -4.80 -7.79
C ARG A 92 -0.98 -5.37 -7.87
N ILE A 93 -1.69 -5.36 -6.75
CA ILE A 93 -3.05 -5.88 -6.70
C ILE A 93 -4.07 -4.75 -6.73
N VAL A 94 -5.18 -4.97 -7.42
CA VAL A 94 -6.23 -3.98 -7.53
C VAL A 94 -7.59 -4.57 -7.20
N GLY A 95 -8.29 -3.97 -6.24
CA GLY A 95 -9.59 -4.46 -5.85
C GLY A 95 -9.67 -4.76 -4.36
N ALA A 96 -10.89 -4.71 -3.81
CA ALA A 96 -11.10 -4.98 -2.40
C ALA A 96 -11.38 -6.47 -2.16
N LYS A 97 -10.35 -7.20 -1.76
CA LYS A 97 -10.48 -8.63 -1.50
C LYS A 97 -10.11 -8.96 -0.06
N GLY A 98 -10.11 -10.24 0.28
CA GLY A 98 -9.78 -10.66 1.63
C GLY A 98 -8.29 -10.86 1.81
N LYS A 99 -7.85 -10.89 3.06
CA LYS A 99 -6.43 -11.07 3.37
C LYS A 99 -5.87 -12.30 2.66
N ALA A 100 -6.74 -13.29 2.44
CA ALA A 100 -6.33 -14.51 1.77
C ALA A 100 -5.65 -14.21 0.44
N ALA A 101 -6.26 -13.34 -0.36
CA ALA A 101 -5.72 -12.96 -1.65
C ALA A 101 -4.39 -12.21 -1.49
N LEU A 102 -4.31 -11.39 -0.46
CA LEU A 102 -3.11 -10.61 -0.19
C LEU A 102 -1.95 -11.52 0.23
N LEU A 103 -2.28 -12.56 0.99
CA LEU A 103 -1.27 -13.50 1.44
C LEU A 103 -0.43 -14.02 0.29
N ARG A 104 -1.07 -14.17 -0.87
CA ARG A 104 -0.37 -14.66 -2.07
C ARG A 104 0.87 -13.82 -2.35
N GLU A 105 0.77 -12.52 -2.10
CA GLU A 105 1.89 -11.61 -2.33
C GLU A 105 2.85 -11.62 -1.14
N LEU A 106 2.29 -11.70 0.07
CA LEU A 106 3.10 -11.72 1.28
C LEU A 106 4.20 -12.78 1.19
N SER A 107 3.88 -13.90 0.56
CA SER A 107 4.84 -15.00 0.41
C SER A 107 6.02 -14.56 -0.46
N ASP A 108 5.73 -13.75 -1.47
CA ASP A 108 6.76 -13.26 -2.37
C ASP A 108 7.81 -12.44 -1.61
N ALA A 109 7.35 -11.68 -0.62
CA ALA A 109 8.25 -10.86 0.18
C ALA A 109 9.06 -11.71 1.15
N LEU A 110 8.42 -12.70 1.74
CA LEU A 110 9.09 -13.58 2.69
C LEU A 110 8.91 -15.05 2.29
N MET A 1 13.09 -5.81 23.81
CA MET A 1 12.52 -5.07 24.93
C MET A 1 11.42 -4.12 24.45
N SER A 2 11.63 -3.51 23.29
CA SER A 2 10.65 -2.60 22.72
C SER A 2 10.32 -2.96 21.29
N GLU A 3 9.04 -3.24 21.03
CA GLU A 3 8.60 -3.61 19.69
C GLU A 3 8.24 -2.37 18.88
N ASP A 4 8.18 -2.53 17.56
CA ASP A 4 7.85 -1.43 16.66
C ASP A 4 7.05 -1.92 15.46
N SER A 5 6.35 -1.01 14.81
CA SER A 5 5.54 -1.35 13.64
C SER A 5 6.29 -1.05 12.35
N ALA A 6 7.12 -0.01 12.38
CA ALA A 6 7.89 0.39 11.21
C ALA A 6 6.98 0.65 10.02
N THR A 7 5.85 1.30 10.26
CA THR A 7 4.90 1.61 9.20
C THR A 7 4.54 3.09 9.20
N VAL A 8 4.83 3.77 8.09
CA VAL A 8 4.53 5.18 7.97
C VAL A 8 4.06 5.52 6.55
N ALA A 9 3.12 6.46 6.45
CA ALA A 9 2.59 6.88 5.15
C ALA A 9 3.41 8.01 4.56
N VAL A 10 3.63 7.96 3.25
CA VAL A 10 4.40 8.99 2.57
C VAL A 10 3.48 9.92 1.77
N THR A 11 4.02 11.06 1.38
CA THR A 11 3.26 12.05 0.62
C THR A 11 3.47 11.85 -0.88
N ASP A 12 2.47 12.26 -1.66
CA ASP A 12 2.54 12.13 -3.12
C ASP A 12 3.68 12.96 -3.69
N ASP A 13 3.85 14.17 -3.15
CA ASP A 13 4.90 15.07 -3.61
C ASP A 13 6.28 14.52 -3.25
N SER A 14 6.38 13.91 -2.07
CA SER A 14 7.63 13.34 -1.61
C SER A 14 7.60 11.82 -1.68
N PHE A 15 6.93 11.29 -2.69
CA PHE A 15 6.82 9.85 -2.88
C PHE A 15 8.05 9.30 -3.61
N SER A 16 8.23 9.73 -4.85
CA SER A 16 9.35 9.28 -5.66
C SER A 16 10.67 9.54 -4.94
N THR A 17 10.81 10.72 -4.35
CA THR A 17 12.02 11.09 -3.64
C THR A 17 12.32 10.08 -2.53
N ASP A 18 11.27 9.53 -1.93
CA ASP A 18 11.43 8.55 -0.86
C ASP A 18 11.63 7.15 -1.43
N VAL A 19 10.63 6.66 -2.16
CA VAL A 19 10.69 5.34 -2.75
C VAL A 19 11.94 5.18 -3.62
N LEU A 20 12.00 5.98 -4.69
CA LEU A 20 13.13 5.93 -5.61
C LEU A 20 14.43 6.27 -4.88
N GLY A 21 14.34 7.15 -3.89
CA GLY A 21 15.52 7.54 -3.14
C GLY A 21 16.03 6.42 -2.25
N SER A 22 15.14 5.52 -1.85
CA SER A 22 15.51 4.40 -1.00
C SER A 22 15.77 3.14 -1.83
N SER A 23 17.05 2.85 -2.05
CA SER A 23 17.45 1.68 -2.82
C SER A 23 16.75 0.42 -2.31
N LYS A 24 16.56 0.36 -0.99
CA LYS A 24 15.91 -0.79 -0.37
C LYS A 24 14.48 -0.93 -0.87
N PRO A 25 13.91 -2.14 -0.70
CA PRO A 25 12.54 -2.44 -1.13
C PRO A 25 11.50 -1.72 -0.27
N VAL A 26 10.38 -1.36 -0.90
CA VAL A 26 9.31 -0.67 -0.20
C VAL A 26 7.95 -1.04 -0.77
N LEU A 27 6.94 -1.06 0.08
CA LEU A 27 5.58 -1.40 -0.33
C LEU A 27 4.64 -0.21 -0.17
N VAL A 28 3.83 0.05 -1.19
CA VAL A 28 2.88 1.16 -1.16
C VAL A 28 1.48 0.69 -1.50
N ASP A 29 0.48 1.27 -0.85
CA ASP A 29 -0.92 0.91 -1.08
C ASP A 29 -1.74 2.15 -1.42
N PHE A 30 -2.57 2.03 -2.45
CA PHE A 30 -3.41 3.15 -2.88
C PHE A 30 -4.85 2.94 -2.42
N TRP A 31 -5.36 3.91 -1.66
CA TRP A 31 -6.72 3.85 -1.15
C TRP A 31 -7.40 5.20 -1.22
N ALA A 32 -8.69 5.20 -1.57
CA ALA A 32 -9.44 6.44 -1.67
C ALA A 32 -10.36 6.62 -0.47
N THR A 33 -10.33 7.81 0.12
CA THR A 33 -11.16 8.12 1.28
C THR A 33 -12.64 7.88 0.98
N TRP A 34 -13.01 8.00 -0.29
CA TRP A 34 -14.38 7.79 -0.71
C TRP A 34 -14.79 6.33 -0.57
N CYS A 35 -13.79 5.45 -0.48
CA CYS A 35 -14.05 4.02 -0.34
C CYS A 35 -15.05 3.75 0.77
N GLY A 36 -16.23 3.25 0.38
CA GLY A 36 -17.26 2.96 1.36
C GLY A 36 -16.84 1.88 2.35
N PRO A 37 -16.67 0.64 1.85
CA PRO A 37 -16.27 -0.49 2.69
C PRO A 37 -14.83 -0.38 3.17
N CYS A 38 -14.59 0.55 4.09
CA CYS A 38 -13.25 0.76 4.64
C CYS A 38 -12.98 -0.19 5.79
N LYS A 39 -14.03 -0.51 6.55
CA LYS A 39 -13.89 -1.41 7.69
C LYS A 39 -13.60 -2.83 7.23
N MET A 40 -14.20 -3.22 6.11
CA MET A 40 -14.00 -4.55 5.56
C MET A 40 -12.51 -4.83 5.32
N VAL A 41 -11.81 -3.83 4.81
CA VAL A 41 -10.38 -3.96 4.55
C VAL A 41 -9.56 -3.09 5.49
N ALA A 42 -10.16 -2.71 6.62
CA ALA A 42 -9.49 -1.88 7.60
C ALA A 42 -8.38 -2.65 8.30
N PRO A 43 -8.76 -3.73 8.99
CA PRO A 43 -7.81 -4.58 9.72
C PRO A 43 -6.90 -5.37 8.79
N VAL A 44 -7.43 -5.74 7.64
CA VAL A 44 -6.66 -6.51 6.65
C VAL A 44 -5.34 -5.82 6.33
N LEU A 45 -5.43 -4.60 5.82
CA LEU A 45 -4.23 -3.83 5.46
C LEU A 45 -3.30 -3.71 6.66
N GLU A 46 -3.87 -3.66 7.85
CA GLU A 46 -3.07 -3.55 9.08
C GLU A 46 -2.24 -4.80 9.30
N GLU A 47 -2.90 -5.95 9.39
CA GLU A 47 -2.22 -7.22 9.60
C GLU A 47 -1.30 -7.53 8.43
N ILE A 48 -1.75 -7.24 7.22
CA ILE A 48 -0.96 -7.49 6.02
C ILE A 48 0.27 -6.59 5.98
N ALA A 49 0.12 -5.36 6.47
CA ALA A 49 1.22 -4.40 6.48
C ALA A 49 2.34 -4.88 7.39
N ALA A 50 1.98 -5.49 8.51
CA ALA A 50 2.96 -6.00 9.46
C ALA A 50 3.46 -7.38 9.06
N GLU A 51 2.59 -8.15 8.41
CA GLU A 51 2.94 -9.50 7.98
C GLU A 51 4.26 -9.49 7.20
N LYS A 52 4.25 -8.82 6.05
CA LYS A 52 5.44 -8.74 5.21
C LYS A 52 6.14 -7.39 5.40
N GLY A 53 5.87 -6.75 6.53
CA GLY A 53 6.49 -5.47 6.82
C GLY A 53 7.90 -5.61 7.36
N ASP A 54 8.25 -6.82 7.78
CA ASP A 54 9.58 -7.08 8.33
C ASP A 54 10.63 -7.06 7.23
N GLN A 55 10.25 -7.50 6.04
CA GLN A 55 11.16 -7.52 4.90
C GLN A 55 11.31 -6.13 4.30
N LEU A 56 10.21 -5.38 4.27
CA LEU A 56 10.22 -4.03 3.72
C LEU A 56 9.19 -3.15 4.40
N THR A 57 9.34 -1.84 4.26
CA THR A 57 8.41 -0.89 4.86
C THR A 57 7.14 -0.74 4.02
N VAL A 58 6.00 -0.71 4.69
CA VAL A 58 4.72 -0.56 4.01
C VAL A 58 4.10 0.81 4.28
N ALA A 59 3.59 1.43 3.22
CA ALA A 59 2.96 2.74 3.35
C ALA A 59 1.70 2.83 2.49
N LYS A 60 0.87 3.83 2.78
CA LYS A 60 -0.37 4.03 2.05
C LYS A 60 -0.48 5.46 1.55
N ILE A 61 -1.16 5.65 0.42
CA ILE A 61 -1.35 6.96 -0.16
C ILE A 61 -2.74 7.52 0.15
N ASP A 62 -2.92 8.81 -0.11
CA ASP A 62 -4.20 9.46 0.15
C ASP A 62 -4.76 10.08 -1.12
N VAL A 63 -5.66 9.36 -1.78
CA VAL A 63 -6.27 9.83 -3.02
C VAL A 63 -6.80 11.26 -2.85
N ASP A 64 -7.24 11.57 -1.64
CA ASP A 64 -7.78 12.90 -1.35
C ASP A 64 -6.80 13.99 -1.78
N ALA A 65 -5.51 13.69 -1.66
CA ALA A 65 -4.47 14.64 -2.01
C ALA A 65 -4.20 14.61 -3.52
N ASN A 66 -4.31 13.42 -4.11
CA ASN A 66 -4.08 13.25 -5.54
C ASN A 66 -5.33 12.73 -6.23
N PRO A 67 -6.37 13.57 -6.29
CA PRO A 67 -7.64 13.23 -6.94
C PRO A 67 -7.52 13.11 -8.45
N ALA A 68 -6.46 13.72 -9.00
CA ALA A 68 -6.23 13.68 -10.43
C ALA A 68 -6.33 12.25 -10.98
N THR A 69 -5.88 11.30 -10.17
CA THR A 69 -5.92 9.89 -10.57
C THR A 69 -7.35 9.37 -10.63
N ALA A 70 -8.00 9.35 -9.47
CA ALA A 70 -9.38 8.88 -9.38
C ALA A 70 -10.27 9.59 -10.41
N ARG A 71 -10.09 10.90 -10.53
CA ARG A 71 -10.88 11.68 -11.48
C ARG A 71 -10.61 11.24 -12.91
N ASP A 72 -9.38 10.83 -13.18
CA ASP A 72 -8.99 10.37 -14.51
C ASP A 72 -9.79 9.15 -14.92
N PHE A 73 -9.78 8.12 -14.06
CA PHE A 73 -10.50 6.89 -14.35
C PHE A 73 -11.92 6.96 -13.80
N GLN A 74 -12.32 8.15 -13.37
CA GLN A 74 -13.66 8.35 -12.81
C GLN A 74 -14.00 7.28 -11.79
N VAL A 75 -13.15 7.16 -10.77
CA VAL A 75 -13.36 6.17 -9.72
C VAL A 75 -13.37 6.83 -8.34
N VAL A 76 -14.28 6.39 -7.49
CA VAL A 76 -14.40 6.94 -6.14
C VAL A 76 -13.50 6.19 -5.17
N SER A 77 -13.35 4.89 -5.38
CA SER A 77 -12.51 4.06 -4.52
C SER A 77 -11.58 3.18 -5.35
N ILE A 78 -10.29 3.23 -5.02
CA ILE A 78 -9.29 2.45 -5.74
C ILE A 78 -8.42 1.66 -4.77
N PRO A 79 -9.03 0.70 -4.05
CA PRO A 79 -8.32 -0.14 -3.09
C PRO A 79 -7.36 -1.12 -3.75
N THR A 80 -6.07 -0.77 -3.74
CA THR A 80 -5.04 -1.61 -4.34
C THR A 80 -3.73 -1.51 -3.58
N MET A 81 -2.90 -2.54 -3.70
CA MET A 81 -1.61 -2.56 -3.02
C MET A 81 -0.49 -2.94 -4.00
N ILE A 82 0.40 -2.01 -4.26
CA ILE A 82 1.51 -2.24 -5.18
C ILE A 82 2.83 -2.38 -4.42
N LEU A 83 3.59 -3.41 -4.76
CA LEU A 83 4.87 -3.66 -4.11
C LEU A 83 6.03 -3.18 -4.98
N PHE A 84 7.00 -2.51 -4.36
CA PHE A 84 8.15 -2.00 -5.09
C PHE A 84 9.45 -2.58 -4.52
N LYS A 85 10.21 -3.26 -5.38
CA LYS A 85 11.47 -3.86 -4.97
C LYS A 85 12.62 -3.36 -5.83
N ASP A 86 13.66 -2.84 -5.19
CA ASP A 86 14.83 -2.32 -5.90
C ASP A 86 14.45 -1.13 -6.77
N GLY A 87 13.49 -0.34 -6.29
CA GLY A 87 13.05 0.83 -7.04
C GLY A 87 12.31 0.46 -8.30
N ALA A 88 11.78 -0.75 -8.35
CA ALA A 88 11.04 -1.22 -9.51
C ALA A 88 9.83 -2.05 -9.09
N PRO A 89 8.83 -2.14 -9.99
CA PRO A 89 7.61 -2.90 -9.74
C PRO A 89 7.85 -4.40 -9.71
N VAL A 90 7.35 -5.06 -8.65
CA VAL A 90 7.50 -6.50 -8.51
C VAL A 90 6.15 -7.19 -8.37
N LYS A 91 5.23 -6.53 -7.70
CA LYS A 91 3.89 -7.08 -7.49
C LYS A 91 2.82 -5.99 -7.67
N ARG A 92 1.58 -6.43 -7.85
CA ARG A 92 0.47 -5.49 -8.03
C ARG A 92 -0.87 -6.20 -7.83
N ILE A 93 -1.53 -5.89 -6.71
CA ILE A 93 -2.81 -6.48 -6.39
C ILE A 93 -3.89 -5.41 -6.22
N VAL A 94 -4.88 -5.45 -7.09
CA VAL A 94 -5.98 -4.48 -7.04
C VAL A 94 -7.30 -5.17 -6.71
N GLY A 95 -8.06 -4.57 -5.79
CA GLY A 95 -9.33 -5.14 -5.40
C GLY A 95 -9.46 -5.31 -3.90
N ALA A 96 -10.36 -4.54 -3.29
CA ALA A 96 -10.57 -4.60 -1.86
C ALA A 96 -11.33 -5.87 -1.48
N LYS A 97 -10.60 -6.97 -1.29
CA LYS A 97 -11.19 -8.23 -0.93
C LYS A 97 -10.73 -8.68 0.46
N GLY A 98 -11.04 -9.93 0.82
CA GLY A 98 -10.64 -10.45 2.11
C GLY A 98 -9.14 -10.53 2.26
N LYS A 99 -8.67 -10.69 3.49
CA LYS A 99 -7.24 -10.79 3.77
C LYS A 99 -6.62 -11.94 2.98
N ALA A 100 -7.37 -13.02 2.81
CA ALA A 100 -6.88 -14.18 2.08
C ALA A 100 -6.33 -13.78 0.71
N ALA A 101 -6.96 -12.77 0.10
CA ALA A 101 -6.52 -12.30 -1.20
C ALA A 101 -5.21 -11.51 -1.10
N LEU A 102 -5.08 -10.73 -0.04
CA LEU A 102 -3.88 -9.93 0.18
C LEU A 102 -2.71 -10.82 0.58
N LEU A 103 -3.00 -11.89 1.33
CA LEU A 103 -1.97 -12.81 1.78
C LEU A 103 -1.12 -13.28 0.61
N ARG A 104 -1.74 -13.43 -0.55
CA ARG A 104 -1.03 -13.87 -1.75
C ARG A 104 0.21 -13.03 -1.99
N GLU A 105 0.11 -11.74 -1.68
CA GLU A 105 1.23 -10.83 -1.86
C GLU A 105 2.49 -11.36 -1.20
N LEU A 106 2.45 -11.49 0.12
CA LEU A 106 3.59 -12.00 0.88
C LEU A 106 3.83 -13.48 0.58
N SER A 107 2.73 -14.21 0.38
CA SER A 107 2.82 -15.64 0.10
C SER A 107 3.68 -15.90 -1.13
N ASP A 108 3.59 -15.01 -2.11
CA ASP A 108 4.36 -15.13 -3.35
C ASP A 108 5.74 -14.51 -3.19
N ALA A 109 5.81 -13.42 -2.43
CA ALA A 109 7.07 -12.72 -2.20
C ALA A 109 8.04 -13.59 -1.40
N LEU A 110 7.50 -14.33 -0.43
CA LEU A 110 8.31 -15.21 0.40
C LEU A 110 7.79 -16.64 0.37
#